data_1LWM
#
_entry.id   1LWM
#
_entity_poly.entity_id   1
_entity_poly.type   'polypeptide(L)'
_entity_poly.pdbx_seq_one_letter_code
;MVTPREPKKRTTRKKKDPNAPKRALSAYMFFANENRDIVRSENPDITFGQVGKKLGEKWKALTPEEKQPYEAKAQADKKR
YESEKELYNATLA
;
_entity_poly.pdbx_strand_id   A
#
# COMPACT_ATOMS: atom_id res chain seq x y z
N MET A 1 -23.45 -15.97 7.03
CA MET A 1 -23.25 -17.44 7.13
C MET A 1 -21.76 -17.79 7.09
N VAL A 2 -20.93 -16.81 7.40
CA VAL A 2 -19.48 -17.02 7.40
C VAL A 2 -19.07 -17.99 8.51
N THR A 3 -18.64 -19.18 8.11
CA THR A 3 -18.22 -20.20 9.06
C THR A 3 -19.35 -20.54 10.04
N PRO A 4 -20.14 -21.57 9.72
CA PRO A 4 -21.25 -22.01 10.58
C PRO A 4 -20.83 -22.22 12.02
N ARG A 5 -19.54 -22.49 12.23
CA ARG A 5 -19.02 -22.70 13.57
C ARG A 5 -18.62 -21.40 14.23
N GLU A 6 -19.40 -20.97 15.22
CA GLU A 6 -19.13 -19.72 15.93
C GLU A 6 -18.87 -19.99 17.40
N PRO A 7 -17.59 -20.12 17.78
CA PRO A 7 -17.19 -20.37 19.17
C PRO A 7 -17.81 -19.38 20.14
N LYS A 8 -18.92 -19.78 20.76
CA LYS A 8 -19.62 -18.92 21.71
C LYS A 8 -19.57 -17.46 21.27
N LYS A 9 -20.19 -17.18 20.13
CA LYS A 9 -20.22 -15.82 19.59
C LYS A 9 -18.87 -15.14 19.76
N ARG A 10 -17.82 -15.78 19.26
CA ARG A 10 -16.47 -15.23 19.35
C ARG A 10 -16.08 -14.99 20.81
N THR A 11 -15.22 -15.87 21.34
CA THR A 11 -14.78 -15.75 22.72
C THR A 11 -13.27 -15.54 22.78
N THR A 12 -12.81 -14.38 22.31
CA THR A 12 -11.39 -14.05 22.31
C THR A 12 -11.09 -12.97 23.33
N ARG A 13 -9.88 -13.00 23.89
CA ARG A 13 -9.46 -12.03 24.89
C ARG A 13 -8.74 -10.86 24.22
N LYS A 14 -7.67 -11.16 23.49
CA LYS A 14 -6.89 -10.13 22.81
C LYS A 14 -6.82 -10.42 21.32
N LYS A 15 -7.75 -9.85 20.56
CA LYS A 15 -7.79 -10.04 19.11
C LYS A 15 -6.67 -9.25 18.43
N LYS A 16 -6.68 -7.94 18.64
CA LYS A 16 -5.67 -7.07 18.03
C LYS A 16 -4.34 -7.19 18.78
N ASP A 17 -3.27 -7.36 18.01
CA ASP A 17 -1.93 -7.49 18.59
C ASP A 17 -0.89 -6.72 17.78
N PRO A 18 0.26 -6.43 18.37
CA PRO A 18 1.34 -5.70 17.69
C PRO A 18 2.00 -6.52 16.59
N ASN A 19 3.05 -5.97 16.00
CA ASN A 19 3.77 -6.66 14.93
C ASN A 19 2.80 -7.43 14.03
N ALA A 20 2.18 -6.71 13.10
CA ALA A 20 1.22 -7.33 12.19
C ALA A 20 1.30 -6.68 10.80
N PRO A 21 1.32 -7.50 9.74
CA PRO A 21 1.40 -7.02 8.36
C PRO A 21 0.31 -5.99 8.06
N LYS A 22 0.59 -5.12 7.09
CA LYS A 22 -0.37 -4.08 6.69
C LYS A 22 -0.69 -4.19 5.21
N ARG A 23 -0.42 -5.35 4.62
CA ARG A 23 -0.67 -5.57 3.20
C ARG A 23 0.19 -4.66 2.34
N ALA A 24 1.19 -5.25 1.68
CA ALA A 24 2.09 -4.48 0.83
C ALA A 24 1.34 -3.87 -0.35
N LEU A 25 2.03 -3.03 -1.12
CA LEU A 25 1.43 -2.39 -2.28
C LEU A 25 2.36 -2.45 -3.49
N SER A 26 1.77 -2.54 -4.67
CA SER A 26 2.54 -2.61 -5.91
C SER A 26 2.76 -1.22 -6.49
N ALA A 27 3.69 -1.13 -7.45
CA ALA A 27 3.98 0.14 -8.10
C ALA A 27 2.71 0.79 -8.62
N TYR A 28 1.73 -0.03 -8.96
CA TYR A 28 0.46 0.47 -9.48
C TYR A 28 -0.42 1.02 -8.35
N MET A 29 -0.32 0.39 -7.19
CA MET A 29 -1.10 0.83 -6.03
C MET A 29 -0.66 2.19 -5.55
N PHE A 30 0.64 2.48 -5.66
CA PHE A 30 1.17 3.76 -5.26
C PHE A 30 0.78 4.85 -6.25
N PHE A 31 1.12 4.64 -7.51
CA PHE A 31 0.79 5.60 -8.55
C PHE A 31 -0.72 5.71 -8.74
N ALA A 32 -1.44 4.68 -8.28
CA ALA A 32 -2.90 4.66 -8.39
C ALA A 32 -3.54 5.32 -7.18
N ASN A 33 -2.87 5.22 -6.04
CA ASN A 33 -3.38 5.81 -4.81
C ASN A 33 -3.28 7.33 -4.85
N GLU A 34 -2.29 7.84 -5.57
CA GLU A 34 -2.09 9.28 -5.70
C GLU A 34 -2.84 9.83 -6.91
N ASN A 35 -2.72 9.13 -8.04
CA ASN A 35 -3.38 9.55 -9.26
C ASN A 35 -4.89 9.41 -9.13
N ARG A 36 -5.31 8.46 -8.31
CA ARG A 36 -6.74 8.24 -8.08
C ARG A 36 -7.39 9.44 -7.43
N ASP A 37 -6.58 10.21 -6.70
CA ASP A 37 -7.06 11.40 -6.02
C ASP A 37 -6.99 12.60 -6.95
N ILE A 38 -6.01 12.61 -7.82
CA ILE A 38 -5.85 13.69 -8.78
C ILE A 38 -7.01 13.73 -9.76
N VAL A 39 -7.44 12.54 -10.19
CA VAL A 39 -8.56 12.44 -11.11
C VAL A 39 -9.89 12.56 -10.37
N ARG A 40 -9.97 11.92 -9.21
CA ARG A 40 -11.17 11.97 -8.39
C ARG A 40 -11.40 13.38 -7.87
N SER A 41 -10.33 14.16 -7.81
CA SER A 41 -10.42 15.54 -7.35
C SER A 41 -10.88 16.45 -8.47
N GLU A 42 -10.38 16.19 -9.68
CA GLU A 42 -10.74 16.97 -10.84
C GLU A 42 -12.06 16.49 -11.43
N ASN A 43 -12.53 15.33 -10.97
CA ASN A 43 -13.78 14.76 -11.46
C ASN A 43 -14.31 13.71 -10.49
N PRO A 44 -14.90 14.14 -9.38
CA PRO A 44 -15.46 13.24 -8.36
C PRO A 44 -16.72 12.53 -8.85
N ASP A 45 -17.24 12.98 -10.00
CA ASP A 45 -18.44 12.39 -10.56
C ASP A 45 -18.18 10.99 -11.08
N ILE A 46 -16.99 10.78 -11.64
CA ILE A 46 -16.62 9.47 -12.18
C ILE A 46 -16.19 8.52 -11.06
N THR A 47 -16.57 7.25 -11.18
CA THR A 47 -16.23 6.26 -10.17
C THR A 47 -14.87 5.62 -10.48
N PHE A 48 -14.53 4.58 -9.71
CA PHE A 48 -13.27 3.89 -9.91
C PHE A 48 -13.22 3.20 -11.26
N GLY A 49 -14.38 3.06 -11.88
CA GLY A 49 -14.45 2.42 -13.19
C GLY A 49 -13.79 3.24 -14.27
N GLN A 50 -13.47 4.48 -13.94
CA GLN A 50 -12.81 5.38 -14.90
C GLN A 50 -11.55 5.97 -14.29
N VAL A 51 -11.57 6.18 -12.99
CA VAL A 51 -10.42 6.72 -12.28
C VAL A 51 -9.26 5.73 -12.30
N GLY A 52 -9.55 4.49 -11.94
CA GLY A 52 -8.52 3.47 -11.95
C GLY A 52 -8.00 3.18 -13.33
N LYS A 53 -8.86 3.32 -14.33
CA LYS A 53 -8.48 3.11 -15.71
C LYS A 53 -7.62 4.26 -16.22
N LYS A 54 -7.77 5.42 -15.60
CA LYS A 54 -6.99 6.59 -15.97
C LYS A 54 -5.57 6.47 -15.45
N LEU A 55 -5.43 5.95 -14.24
CA LEU A 55 -4.12 5.75 -13.65
C LEU A 55 -3.42 4.56 -14.28
N GLY A 56 -4.22 3.64 -14.83
CA GLY A 56 -3.66 2.47 -15.48
C GLY A 56 -3.11 2.78 -16.86
N GLU A 57 -3.78 3.69 -17.56
CA GLU A 57 -3.35 4.08 -18.90
C GLU A 57 -2.19 5.07 -18.83
N LYS A 58 -2.18 5.89 -17.79
CA LYS A 58 -1.12 6.87 -17.61
C LYS A 58 0.15 6.19 -17.12
N TRP A 59 0.00 5.31 -16.14
CA TRP A 59 1.13 4.58 -15.60
C TRP A 59 1.72 3.63 -16.62
N LYS A 60 0.83 2.89 -17.31
CA LYS A 60 1.27 1.95 -18.33
C LYS A 60 2.05 2.66 -19.42
N ALA A 61 1.61 3.87 -19.77
CA ALA A 61 2.28 4.66 -20.78
C ALA A 61 3.33 5.56 -20.15
N LEU A 62 3.42 5.53 -18.82
CA LEU A 62 4.39 6.33 -18.09
C LEU A 62 5.82 5.82 -18.30
N THR A 63 6.63 6.61 -18.99
CA THR A 63 8.01 6.23 -19.27
C THR A 63 8.60 5.43 -18.11
N PRO A 64 9.37 4.38 -18.42
CA PRO A 64 10.02 3.55 -17.40
C PRO A 64 11.02 4.32 -16.57
N GLU A 65 11.48 5.46 -17.11
CA GLU A 65 12.44 6.30 -16.41
C GLU A 65 11.80 6.95 -15.18
N GLU A 66 10.50 7.22 -15.28
CA GLU A 66 9.76 7.81 -14.17
C GLU A 66 9.22 6.74 -13.24
N LYS A 67 8.92 5.57 -13.80
CA LYS A 67 8.39 4.45 -13.02
C LYS A 67 9.49 3.81 -12.18
N GLN A 68 10.74 4.01 -12.59
CA GLN A 68 11.88 3.45 -11.87
C GLN A 68 11.66 3.52 -10.37
N PRO A 69 11.44 4.73 -9.83
CA PRO A 69 11.22 4.94 -8.39
C PRO A 69 9.93 4.29 -7.90
N TYR A 70 8.91 4.31 -8.75
CA TYR A 70 7.62 3.73 -8.40
C TYR A 70 7.76 2.24 -8.06
N GLU A 71 8.11 1.44 -9.06
CA GLU A 71 8.29 0.01 -8.85
C GLU A 71 9.25 -0.26 -7.70
N ALA A 72 10.34 0.50 -7.65
CA ALA A 72 11.33 0.35 -6.58
C ALA A 72 10.69 0.55 -5.22
N LYS A 73 9.70 1.43 -5.17
CA LYS A 73 8.99 1.70 -3.92
C LYS A 73 8.13 0.53 -3.53
N ALA A 74 7.55 -0.13 -4.52
CA ALA A 74 6.71 -1.30 -4.29
C ALA A 74 7.54 -2.46 -3.78
N GLN A 75 8.81 -2.49 -4.16
CA GLN A 75 9.72 -3.54 -3.71
C GLN A 75 10.15 -3.30 -2.27
N ALA A 76 10.31 -2.03 -1.91
CA ALA A 76 10.67 -1.66 -0.56
C ALA A 76 9.53 -1.90 0.39
N ASP A 77 8.31 -1.71 -0.11
CA ASP A 77 7.12 -1.94 0.70
C ASP A 77 6.71 -3.40 0.66
N LYS A 78 7.16 -4.10 -0.38
CA LYS A 78 6.88 -5.52 -0.52
C LYS A 78 7.69 -6.32 0.47
N LYS A 79 8.88 -5.82 0.80
CA LYS A 79 9.75 -6.48 1.75
C LYS A 79 9.36 -6.12 3.19
N ARG A 80 8.77 -4.94 3.34
CA ARG A 80 8.33 -4.49 4.66
C ARG A 80 7.09 -5.25 5.11
N TYR A 81 6.21 -5.54 4.16
CA TYR A 81 4.98 -6.27 4.45
C TYR A 81 5.26 -7.77 4.60
N GLU A 82 6.15 -8.28 3.75
CA GLU A 82 6.52 -9.69 3.80
C GLU A 82 7.47 -9.97 4.94
N SER A 83 8.17 -8.92 5.38
CA SER A 83 9.11 -9.05 6.48
C SER A 83 8.38 -9.13 7.81
N GLU A 84 7.39 -8.26 7.99
CA GLU A 84 6.60 -8.25 9.21
C GLU A 84 5.78 -9.52 9.33
N LYS A 85 5.19 -9.95 8.22
CA LYS A 85 4.39 -11.17 8.21
C LYS A 85 5.23 -12.39 8.52
N GLU A 86 6.44 -12.42 7.96
CA GLU A 86 7.36 -13.53 8.19
C GLU A 86 7.73 -13.64 9.67
N LEU A 87 7.92 -12.50 10.31
CA LEU A 87 8.28 -12.46 11.72
C LEU A 87 7.13 -12.99 12.58
N TYR A 88 5.91 -12.61 12.22
CA TYR A 88 4.73 -13.05 12.95
C TYR A 88 4.59 -14.56 12.91
N ASN A 89 4.63 -15.13 11.71
CA ASN A 89 4.52 -16.57 11.54
C ASN A 89 5.70 -17.29 12.18
N ALA A 90 6.83 -16.59 12.29
CA ALA A 90 8.03 -17.17 12.89
C ALA A 90 8.02 -17.00 14.40
N THR A 91 7.19 -16.09 14.88
CA THR A 91 7.08 -15.83 16.31
C THR A 91 6.01 -16.71 16.95
N LEU A 92 5.07 -17.16 16.14
CA LEU A 92 3.98 -18.01 16.62
C LEU A 92 4.32 -19.49 16.41
N ALA A 93 4.93 -19.79 15.28
CA ALA A 93 5.30 -21.16 14.95
C ALA A 93 4.25 -22.15 15.45
N MET A 1 7.97 -0.28 21.33
CA MET A 1 6.52 -0.50 21.16
C MET A 1 5.93 0.53 20.21
N VAL A 2 6.59 0.74 19.07
CA VAL A 2 6.13 1.70 18.08
C VAL A 2 6.01 3.09 18.67
N THR A 3 4.83 3.39 19.22
CA THR A 3 4.58 4.70 19.83
C THR A 3 4.08 4.54 21.27
N PRO A 4 4.63 5.35 22.19
CA PRO A 4 4.24 5.31 23.60
C PRO A 4 2.73 5.41 23.79
N ARG A 5 2.25 4.89 24.92
CA ARG A 5 0.82 4.91 25.22
C ARG A 5 0.00 4.42 24.03
N GLU A 6 -0.40 3.15 24.07
CA GLU A 6 -1.18 2.56 23.00
C GLU A 6 -0.51 2.77 21.65
N PRO A 7 0.03 1.69 21.06
CA PRO A 7 0.71 1.74 19.77
C PRO A 7 -0.27 2.02 18.62
N LYS A 8 -1.55 1.88 18.89
CA LYS A 8 -2.59 2.11 17.89
C LYS A 8 -3.48 3.28 18.28
N LYS A 9 -3.99 4.00 17.28
CA LYS A 9 -4.87 5.13 17.53
C LYS A 9 -6.28 4.85 17.04
N ARG A 10 -6.63 3.58 16.99
CA ARG A 10 -7.97 3.17 16.54
C ARG A 10 -8.46 1.96 17.34
N THR A 11 -8.01 1.86 18.59
CA THR A 11 -8.42 0.76 19.45
C THR A 11 -8.51 1.21 20.91
N THR A 12 -9.32 0.51 21.69
CA THR A 12 -9.50 0.83 23.09
C THR A 12 -8.76 -0.16 23.99
N ARG A 13 -9.12 -0.18 25.26
CA ARG A 13 -8.48 -1.08 26.23
C ARG A 13 -8.97 -2.51 26.03
N LYS A 14 -8.12 -3.35 25.44
CA LYS A 14 -8.47 -4.74 25.20
C LYS A 14 -7.28 -5.51 24.63
N LYS A 15 -7.01 -5.31 23.34
CA LYS A 15 -5.90 -5.99 22.68
C LYS A 15 -4.88 -4.98 22.17
N LYS A 16 -3.63 -5.41 22.07
CA LYS A 16 -2.56 -4.55 21.59
C LYS A 16 -2.15 -4.92 20.17
N ASP A 17 -2.36 -6.18 19.81
CA ASP A 17 -2.00 -6.67 18.48
C ASP A 17 -0.57 -6.29 18.12
N PRO A 18 0.41 -7.05 18.63
CA PRO A 18 1.83 -6.80 18.36
C PRO A 18 2.13 -6.68 16.86
N ASN A 19 3.40 -6.86 16.51
CA ASN A 19 3.82 -6.77 15.11
C ASN A 19 2.93 -7.64 14.23
N ALA A 20 2.00 -7.00 13.50
CA ALA A 20 1.10 -7.72 12.61
C ALA A 20 1.14 -7.13 11.21
N PRO A 21 1.36 -7.99 10.20
CA PRO A 21 1.41 -7.56 8.80
C PRO A 21 0.06 -7.12 8.26
N LYS A 22 0.06 -6.13 7.38
CA LYS A 22 -1.17 -5.62 6.79
C LYS A 22 -1.39 -6.18 5.40
N ARG A 23 -0.72 -5.58 4.41
CA ARG A 23 -0.84 -6.02 3.02
C ARG A 23 0.12 -5.25 2.13
N ALA A 24 1.15 -5.94 1.64
CA ALA A 24 2.14 -5.33 0.76
C ALA A 24 1.46 -4.45 -0.29
N LEU A 25 2.27 -3.69 -1.03
CA LEU A 25 1.75 -2.81 -2.07
C LEU A 25 2.54 -2.97 -3.37
N SER A 26 2.07 -2.32 -4.42
CA SER A 26 2.73 -2.39 -5.72
C SER A 26 2.87 -1.00 -6.34
N ALA A 27 3.80 -0.88 -7.28
CA ALA A 27 4.03 0.40 -7.95
C ALA A 27 2.73 0.97 -8.52
N TYR A 28 1.80 0.08 -8.85
CA TYR A 28 0.52 0.49 -9.39
C TYR A 28 -0.40 1.03 -8.31
N MET A 29 -0.29 0.46 -7.11
CA MET A 29 -1.11 0.88 -5.98
C MET A 29 -0.74 2.28 -5.52
N PHE A 30 0.55 2.59 -5.60
CA PHE A 30 1.04 3.91 -5.21
C PHE A 30 0.63 4.96 -6.22
N PHE A 31 0.97 4.71 -7.48
CA PHE A 31 0.64 5.64 -8.56
C PHE A 31 -0.86 5.68 -8.80
N ALA A 32 -1.57 4.65 -8.33
CA ALA A 32 -3.01 4.57 -8.50
C ALA A 32 -3.73 5.27 -7.36
N ASN A 33 -3.12 5.24 -6.18
CA ASN A 33 -3.69 5.86 -5.00
C ASN A 33 -3.55 7.38 -5.08
N GLU A 34 -2.52 7.84 -5.77
CA GLU A 34 -2.28 9.27 -5.93
C GLU A 34 -2.97 9.81 -7.17
N ASN A 35 -2.86 9.07 -8.27
CA ASN A 35 -3.48 9.47 -9.53
C ASN A 35 -4.99 9.41 -9.44
N ARG A 36 -5.48 8.49 -8.62
CA ARG A 36 -6.91 8.34 -8.44
C ARG A 36 -7.51 9.55 -7.75
N ASP A 37 -6.67 10.28 -7.02
CA ASP A 37 -7.11 11.47 -6.32
C ASP A 37 -6.97 12.69 -7.21
N ILE A 38 -6.00 12.66 -8.11
CA ILE A 38 -5.78 13.75 -9.04
C ILE A 38 -6.93 13.86 -10.01
N VAL A 39 -7.43 12.71 -10.47
CA VAL A 39 -8.57 12.67 -11.38
C VAL A 39 -9.88 12.85 -10.63
N ARG A 40 -10.00 12.20 -9.48
CA ARG A 40 -11.18 12.30 -8.66
C ARG A 40 -11.30 13.70 -8.06
N SER A 41 -10.18 14.41 -8.03
CA SER A 41 -10.16 15.76 -7.50
C SER A 41 -10.59 16.76 -8.57
N GLU A 42 -10.15 16.52 -9.80
CA GLU A 42 -10.50 17.38 -10.92
C GLU A 42 -11.84 16.98 -11.51
N ASN A 43 -12.35 15.82 -11.11
CA ASN A 43 -13.63 15.32 -11.59
C ASN A 43 -14.38 14.58 -10.49
N PRO A 44 -14.70 15.26 -9.39
CA PRO A 44 -15.42 14.66 -8.26
C PRO A 44 -16.70 13.96 -8.70
N ASP A 45 -17.18 14.30 -9.90
CA ASP A 45 -18.40 13.70 -10.43
C ASP A 45 -18.20 12.22 -10.71
N ILE A 46 -17.06 11.87 -11.29
CA ILE A 46 -16.76 10.48 -11.59
C ILE A 46 -16.05 9.80 -10.43
N THR A 47 -15.60 8.56 -10.66
CA THR A 47 -14.91 7.80 -9.62
C THR A 47 -14.04 6.72 -10.25
N PHE A 48 -13.54 5.82 -9.40
CA PHE A 48 -12.69 4.73 -9.86
C PHE A 48 -13.22 4.13 -11.16
N GLY A 49 -14.53 4.20 -11.34
CA GLY A 49 -15.15 3.67 -12.54
C GLY A 49 -14.27 3.81 -13.76
N GLN A 50 -13.68 4.98 -13.93
CA GLN A 50 -12.80 5.25 -15.06
C GLN A 50 -11.52 5.95 -14.61
N VAL A 51 -11.44 6.23 -13.31
CA VAL A 51 -10.27 6.88 -12.75
C VAL A 51 -9.13 5.89 -12.55
N GLY A 52 -9.47 4.68 -12.12
CA GLY A 52 -8.47 3.66 -11.92
C GLY A 52 -7.99 3.04 -13.22
N LYS A 53 -8.90 2.96 -14.20
CA LYS A 53 -8.56 2.39 -15.50
C LYS A 53 -7.89 3.44 -16.38
N LYS A 54 -8.17 4.70 -16.11
CA LYS A 54 -7.58 5.80 -16.85
C LYS A 54 -6.16 6.04 -16.39
N LEU A 55 -5.98 6.16 -15.09
CA LEU A 55 -4.66 6.35 -14.52
C LEU A 55 -3.79 5.13 -14.75
N GLY A 56 -4.42 3.95 -14.71
CA GLY A 56 -3.71 2.72 -14.95
C GLY A 56 -3.12 2.66 -16.35
N GLU A 57 -3.93 3.03 -17.33
CA GLU A 57 -3.49 3.05 -18.72
C GLU A 57 -2.32 4.01 -18.90
N LYS A 58 -2.35 5.11 -18.16
CA LYS A 58 -1.29 6.10 -18.22
C LYS A 58 -0.01 5.57 -17.61
N TRP A 59 -0.16 4.76 -16.56
CA TRP A 59 0.99 4.18 -15.89
C TRP A 59 1.70 3.18 -16.80
N LYS A 60 0.91 2.32 -17.43
CA LYS A 60 1.47 1.32 -18.33
C LYS A 60 2.26 1.98 -19.45
N ALA A 61 1.74 3.09 -19.96
CA ALA A 61 2.42 3.84 -21.00
C ALA A 61 3.42 4.82 -20.40
N LEU A 62 3.41 4.93 -19.07
CA LEU A 62 4.32 5.83 -18.37
C LEU A 62 5.75 5.32 -18.43
N THR A 63 6.64 6.12 -19.00
CA THR A 63 8.05 5.75 -19.14
C THR A 63 8.59 5.19 -17.83
N PRO A 64 9.31 4.06 -17.90
CA PRO A 64 9.91 3.43 -16.72
C PRO A 64 10.80 4.39 -15.94
N GLU A 65 11.29 5.43 -16.62
CA GLU A 65 12.14 6.42 -15.99
C GLU A 65 11.40 7.12 -14.85
N GLU A 66 10.13 7.46 -15.10
CA GLU A 66 9.30 8.11 -14.09
C GLU A 66 8.79 7.11 -13.08
N LYS A 67 8.57 5.88 -13.52
CA LYS A 67 8.09 4.81 -12.65
C LYS A 67 9.22 4.27 -11.79
N GLN A 68 10.45 4.61 -12.15
CA GLN A 68 11.63 4.15 -11.41
C GLN A 68 11.37 4.17 -9.91
N PRO A 69 11.03 5.35 -9.36
CA PRO A 69 10.76 5.51 -7.92
C PRO A 69 9.54 4.72 -7.46
N TYR A 70 8.57 4.57 -8.35
CA TYR A 70 7.35 3.85 -8.03
C TYR A 70 7.63 2.37 -7.78
N GLU A 71 8.01 1.65 -8.83
CA GLU A 71 8.31 0.23 -8.71
C GLU A 71 9.28 -0.02 -7.56
N ALA A 72 10.33 0.80 -7.49
CA ALA A 72 11.33 0.66 -6.44
C ALA A 72 10.69 0.81 -5.06
N LYS A 73 9.68 1.66 -4.97
CA LYS A 73 8.96 1.87 -3.72
C LYS A 73 8.12 0.66 -3.38
N ALA A 74 7.61 0.00 -4.41
CA ALA A 74 6.80 -1.19 -4.21
C ALA A 74 7.65 -2.35 -3.72
N GLN A 75 8.93 -2.33 -4.09
CA GLN A 75 9.86 -3.37 -3.65
C GLN A 75 10.26 -3.15 -2.20
N ALA A 76 10.38 -1.88 -1.81
CA ALA A 76 10.72 -1.54 -0.44
C ALA A 76 9.55 -1.81 0.48
N ASP A 77 8.34 -1.64 -0.04
CA ASP A 77 7.13 -1.89 0.73
C ASP A 77 6.78 -3.36 0.70
N LYS A 78 7.24 -4.05 -0.35
CA LYS A 78 7.02 -5.48 -0.48
C LYS A 78 7.86 -6.25 0.53
N LYS A 79 9.03 -5.69 0.86
CA LYS A 79 9.93 -6.31 1.81
C LYS A 79 9.51 -5.97 3.24
N ARG A 80 8.86 -4.82 3.40
CA ARG A 80 8.39 -4.40 4.71
C ARG A 80 7.18 -5.21 5.14
N TYR A 81 6.31 -5.54 4.19
CA TYR A 81 5.12 -6.32 4.47
C TYR A 81 5.46 -7.80 4.65
N GLU A 82 6.38 -8.29 3.82
CA GLU A 82 6.81 -9.68 3.89
C GLU A 82 7.79 -9.88 5.04
N SER A 83 8.43 -8.80 5.46
CA SER A 83 9.38 -8.87 6.55
C SER A 83 8.66 -8.93 7.89
N GLU A 84 7.67 -8.06 8.07
CA GLU A 84 6.90 -8.04 9.30
C GLU A 84 6.08 -9.31 9.47
N LYS A 85 5.50 -9.78 8.36
CA LYS A 85 4.71 -11.00 8.37
C LYS A 85 5.58 -12.21 8.68
N GLU A 86 6.77 -12.23 8.10
CA GLU A 86 7.71 -13.33 8.31
C GLU A 86 8.10 -13.44 9.78
N LEU A 87 8.31 -12.28 10.42
CA LEU A 87 8.67 -12.24 11.83
C LEU A 87 7.54 -12.78 12.70
N TYR A 88 6.31 -12.40 12.37
CA TYR A 88 5.15 -12.84 13.12
C TYR A 88 5.04 -14.37 13.10
N ASN A 89 5.11 -14.94 11.91
CA ASN A 89 5.02 -16.39 11.76
C ASN A 89 6.16 -17.09 12.48
N ALA A 90 7.34 -16.46 12.48
CA ALA A 90 8.51 -17.02 13.15
C ALA A 90 8.38 -16.90 14.67
N THR A 91 7.56 -15.94 15.11
CA THR A 91 7.35 -15.73 16.54
C THR A 91 6.29 -16.68 17.08
N LEU A 92 5.34 -17.05 16.23
CA LEU A 92 4.26 -17.96 16.62
C LEU A 92 4.77 -19.39 16.73
N ALA A 93 5.53 -19.82 15.72
CA ALA A 93 6.08 -21.17 15.71
C ALA A 93 4.97 -22.22 15.53
N MET A 1 -16.09 -6.22 13.31
CA MET A 1 -16.13 -6.80 14.68
C MET A 1 -17.35 -7.70 14.85
N VAL A 2 -17.17 -8.98 14.56
CA VAL A 2 -18.26 -9.95 14.70
C VAL A 2 -18.04 -10.86 15.89
N THR A 3 -16.77 -11.15 16.19
CA THR A 3 -16.42 -12.02 17.32
C THR A 3 -16.46 -11.25 18.63
N PRO A 4 -17.19 -11.77 19.62
CA PRO A 4 -17.32 -11.13 20.93
C PRO A 4 -16.03 -11.20 21.73
N ARG A 5 -15.79 -10.21 22.57
CA ARG A 5 -14.59 -10.16 23.39
C ARG A 5 -14.93 -10.36 24.88
N GLU A 6 -14.08 -11.09 25.58
CA GLU A 6 -14.29 -11.37 26.99
C GLU A 6 -13.20 -10.72 27.84
N PRO A 7 -13.52 -10.34 29.07
CA PRO A 7 -12.57 -9.71 29.99
C PRO A 7 -11.51 -10.68 30.49
N LYS A 8 -11.93 -11.91 30.78
CA LYS A 8 -11.02 -12.94 31.27
C LYS A 8 -10.39 -12.53 32.58
N LYS A 9 -9.25 -11.86 32.51
CA LYS A 9 -8.53 -11.41 33.70
C LYS A 9 -8.37 -9.89 33.70
N ARG A 10 -8.08 -9.34 32.53
CA ARG A 10 -7.90 -7.90 32.39
C ARG A 10 -8.99 -7.29 31.52
N THR A 11 -9.49 -6.13 31.93
CA THR A 11 -10.55 -5.44 31.20
C THR A 11 -10.04 -4.98 29.84
N THR A 12 -10.97 -4.83 28.88
CA THR A 12 -10.62 -4.40 27.54
C THR A 12 -10.12 -2.96 27.55
N ARG A 13 -8.79 -2.81 27.53
CA ARG A 13 -8.19 -1.48 27.54
C ARG A 13 -7.77 -1.07 26.13
N LYS A 14 -8.62 -1.36 25.16
CA LYS A 14 -8.34 -1.02 23.77
C LYS A 14 -7.48 -2.10 23.10
N LYS A 15 -6.44 -2.53 23.80
CA LYS A 15 -5.55 -3.56 23.28
C LYS A 15 -4.83 -3.08 22.03
N LYS A 16 -3.58 -3.51 21.86
CA LYS A 16 -2.78 -3.12 20.71
C LYS A 16 -2.01 -4.32 20.16
N ASP A 17 -2.10 -4.51 18.85
CA ASP A 17 -1.41 -5.62 18.19
C ASP A 17 -0.72 -5.15 16.91
N PRO A 18 0.45 -4.50 17.05
CA PRO A 18 1.21 -4.00 15.90
C PRO A 18 1.44 -5.07 14.84
N ASN A 19 2.39 -4.81 13.94
CA ASN A 19 2.71 -5.76 12.88
C ASN A 19 1.45 -6.17 12.12
N ALA A 20 1.18 -5.48 11.01
CA ALA A 20 0.01 -5.76 10.20
C ALA A 20 -0.04 -4.87 8.97
N PRO A 21 0.63 -5.29 7.88
CA PRO A 21 0.66 -4.53 6.62
C PRO A 21 -0.68 -4.51 5.92
N LYS A 22 -0.75 -3.79 4.80
CA LYS A 22 -1.98 -3.69 4.02
C LYS A 22 -1.84 -4.41 2.69
N ARG A 23 -2.10 -5.72 2.70
CA ARG A 23 -2.01 -6.53 1.49
C ARG A 23 -0.80 -6.12 0.66
N ALA A 24 0.39 -6.20 1.27
CA ALA A 24 1.62 -5.83 0.58
C ALA A 24 1.46 -4.52 -0.18
N LEU A 25 2.25 -4.36 -1.23
CA LEU A 25 2.20 -3.15 -2.05
C LEU A 25 2.70 -3.42 -3.46
N SER A 26 2.55 -2.43 -4.34
CA SER A 26 3.00 -2.57 -5.72
C SER A 26 3.18 -1.20 -6.37
N ALA A 27 4.07 -1.13 -7.35
CA ALA A 27 4.34 0.12 -8.05
C ALA A 27 3.05 0.77 -8.53
N TYR A 28 2.08 -0.07 -8.90
CA TYR A 28 0.79 0.42 -9.37
C TYR A 28 -0.07 0.91 -8.21
N MET A 29 0.10 0.29 -7.05
CA MET A 29 -0.67 0.67 -5.87
C MET A 29 -0.28 2.05 -5.38
N PHE A 30 1.00 2.38 -5.52
CA PHE A 30 1.50 3.68 -5.11
C PHE A 30 1.05 4.77 -6.09
N PHE A 31 1.37 4.57 -7.36
CA PHE A 31 0.98 5.52 -8.39
C PHE A 31 -0.54 5.58 -8.53
N ALA A 32 -1.22 4.53 -8.07
CA ALA A 32 -2.67 4.48 -8.14
C ALA A 32 -3.31 5.11 -6.91
N ASN A 33 -2.60 5.02 -5.78
CA ASN A 33 -3.09 5.59 -4.53
C ASN A 33 -3.08 7.11 -4.59
N GLU A 34 -2.14 7.66 -5.33
CA GLU A 34 -2.01 9.12 -5.48
C GLU A 34 -2.79 9.61 -6.68
N ASN A 35 -2.68 8.88 -7.80
CA ASN A 35 -3.38 9.25 -9.02
C ASN A 35 -4.88 9.12 -8.86
N ARG A 36 -5.29 8.21 -7.99
CA ARG A 36 -6.71 7.99 -7.73
C ARG A 36 -7.32 9.19 -7.03
N ASP A 37 -6.48 9.98 -6.36
CA ASP A 37 -6.94 11.17 -5.67
C ASP A 37 -6.92 12.37 -6.60
N ILE A 38 -5.99 12.37 -7.54
CA ILE A 38 -5.91 13.44 -8.53
C ILE A 38 -7.11 13.44 -9.44
N VAL A 39 -7.54 12.25 -9.86
CA VAL A 39 -8.71 12.11 -10.71
C VAL A 39 -10.00 12.20 -9.90
N ARG A 40 -10.00 11.55 -8.74
CA ARG A 40 -11.15 11.57 -7.85
C ARG A 40 -11.37 12.96 -7.30
N SER A 41 -10.32 13.77 -7.29
CA SER A 41 -10.40 15.13 -6.80
C SER A 41 -10.95 16.05 -7.88
N GLU A 42 -10.54 15.83 -9.12
CA GLU A 42 -11.01 16.61 -10.24
C GLU A 42 -12.37 16.12 -10.72
N ASN A 43 -12.76 14.94 -10.26
CA ASN A 43 -14.04 14.35 -10.64
C ASN A 43 -14.56 13.43 -9.53
N PRO A 44 -15.00 14.01 -8.41
CA PRO A 44 -15.53 13.24 -7.28
C PRO A 44 -16.86 12.58 -7.60
N ASP A 45 -17.41 12.89 -8.77
CA ASP A 45 -18.68 12.32 -9.20
C ASP A 45 -18.49 10.91 -9.75
N ILE A 46 -17.32 10.67 -10.33
CA ILE A 46 -17.02 9.35 -10.90
C ILE A 46 -16.32 8.46 -9.87
N THR A 47 -16.28 7.16 -10.16
CA THR A 47 -15.66 6.21 -9.26
C THR A 47 -14.51 5.48 -9.95
N PHE A 48 -14.03 4.41 -9.33
CA PHE A 48 -12.94 3.63 -9.89
C PHE A 48 -13.24 3.21 -11.32
N GLY A 49 -14.52 3.23 -11.68
CA GLY A 49 -14.93 2.86 -13.02
C GLY A 49 -14.06 3.50 -14.09
N GLN A 50 -13.63 4.73 -13.83
CA GLN A 50 -12.78 5.44 -14.77
C GLN A 50 -11.50 5.92 -14.09
N VAL A 51 -11.57 6.09 -12.78
CA VAL A 51 -10.43 6.54 -12.00
C VAL A 51 -9.30 5.50 -12.05
N GLY A 52 -9.64 4.25 -11.74
CA GLY A 52 -8.66 3.19 -11.78
C GLY A 52 -8.11 2.96 -13.17
N LYS A 53 -8.94 3.24 -14.17
CA LYS A 53 -8.53 3.08 -15.56
C LYS A 53 -7.66 4.25 -16.01
N LYS A 54 -7.75 5.36 -15.28
CA LYS A 54 -6.96 6.54 -15.58
C LYS A 54 -5.54 6.39 -15.05
N LEU A 55 -5.43 5.79 -13.87
CA LEU A 55 -4.13 5.55 -13.26
C LEU A 55 -3.45 4.36 -13.91
N GLY A 56 -4.25 3.43 -14.42
CA GLY A 56 -3.71 2.27 -15.08
C GLY A 56 -3.23 2.56 -16.49
N GLU A 57 -3.91 3.48 -17.15
CA GLU A 57 -3.55 3.88 -18.51
C GLU A 57 -2.39 4.87 -18.50
N LYS A 58 -2.35 5.72 -17.47
CA LYS A 58 -1.30 6.71 -17.33
C LYS A 58 -0.01 6.05 -16.88
N TRP A 59 -0.10 5.17 -15.90
CA TRP A 59 1.06 4.47 -15.39
C TRP A 59 1.62 3.52 -16.45
N LYS A 60 0.72 2.77 -17.09
CA LYS A 60 1.12 1.83 -18.12
C LYS A 60 1.88 2.53 -19.23
N ALA A 61 1.41 3.73 -19.60
CA ALA A 61 2.05 4.51 -20.63
C ALA A 61 3.08 5.47 -20.04
N LEU A 62 3.22 5.43 -18.71
CA LEU A 62 4.16 6.31 -18.02
C LEU A 62 5.60 5.87 -18.31
N THR A 63 6.37 6.77 -18.93
CA THR A 63 7.76 6.49 -19.27
C THR A 63 8.41 5.63 -18.20
N PRO A 64 9.23 4.65 -18.62
CA PRO A 64 9.94 3.75 -17.70
C PRO A 64 10.77 4.51 -16.67
N GLU A 65 11.04 5.78 -16.96
CA GLU A 65 11.83 6.62 -16.06
C GLU A 65 11.13 6.76 -14.71
N GLU A 66 9.82 7.00 -14.75
CA GLU A 66 9.04 7.15 -13.54
C GLU A 66 8.59 5.79 -13.02
N LYS A 67 8.32 4.87 -13.95
CA LYS A 67 7.89 3.53 -13.59
C LYS A 67 9.02 2.76 -12.90
N GLN A 68 10.25 3.22 -13.12
CA GLN A 68 11.42 2.58 -12.52
C GLN A 68 11.46 2.82 -11.01
N PRO A 69 11.53 4.10 -10.60
CA PRO A 69 11.55 4.49 -9.18
C PRO A 69 10.36 3.91 -8.41
N TYR A 70 9.17 4.00 -9.01
CA TYR A 70 7.96 3.49 -8.39
C TYR A 70 8.09 2.00 -8.10
N GLU A 71 8.41 1.22 -9.13
CA GLU A 71 8.59 -0.21 -8.99
C GLU A 71 9.58 -0.53 -7.88
N ALA A 72 10.64 0.27 -7.79
CA ALA A 72 11.66 0.08 -6.78
C ALA A 72 11.07 0.28 -5.38
N LYS A 73 10.10 1.19 -5.28
CA LYS A 73 9.44 1.45 -4.01
C LYS A 73 8.55 0.30 -3.61
N ALA A 74 7.99 -0.38 -4.61
CA ALA A 74 7.14 -1.53 -4.37
C ALA A 74 7.96 -2.72 -3.89
N GLN A 75 9.21 -2.78 -4.35
CA GLN A 75 10.11 -3.85 -3.94
C GLN A 75 10.56 -3.66 -2.51
N ALA A 76 10.79 -2.40 -2.13
CA ALA A 76 11.19 -2.07 -0.77
C ALA A 76 10.05 -2.31 0.20
N ASP A 77 8.83 -2.10 -0.27
CA ASP A 77 7.65 -2.33 0.54
C ASP A 77 7.24 -3.79 0.50
N LYS A 78 7.69 -4.49 -0.54
CA LYS A 78 7.41 -5.91 -0.69
C LYS A 78 8.19 -6.70 0.36
N LYS A 79 9.39 -6.23 0.68
CA LYS A 79 10.22 -6.87 1.68
C LYS A 79 9.74 -6.53 3.09
N ARG A 80 9.15 -5.34 3.23
CA ARG A 80 8.62 -4.91 4.51
C ARG A 80 7.27 -5.57 4.80
N TYR A 81 6.56 -5.94 3.73
CA TYR A 81 5.27 -6.59 3.86
C TYR A 81 5.44 -8.06 4.24
N GLU A 82 6.42 -8.71 3.63
CA GLU A 82 6.69 -10.11 3.92
C GLU A 82 7.46 -10.26 5.22
N SER A 83 8.22 -9.23 5.57
CA SER A 83 9.00 -9.24 6.78
C SER A 83 8.12 -8.99 8.00
N GLU A 84 7.24 -8.01 7.89
CA GLU A 84 6.31 -7.68 8.98
C GLU A 84 5.30 -8.80 9.18
N LYS A 85 4.84 -9.37 8.07
CA LYS A 85 3.87 -10.46 8.13
C LYS A 85 4.48 -11.70 8.77
N GLU A 86 5.74 -11.98 8.42
CA GLU A 86 6.43 -13.13 8.97
C GLU A 86 6.60 -12.99 10.48
N LEU A 87 6.93 -11.80 10.94
CA LEU A 87 7.10 -11.54 12.35
C LEU A 87 5.78 -11.68 13.10
N TYR A 88 4.70 -11.22 12.47
CA TYR A 88 3.37 -11.29 13.07
C TYR A 88 3.02 -12.74 13.40
N ASN A 89 3.16 -13.62 12.41
CA ASN A 89 2.85 -15.04 12.59
C ASN A 89 3.73 -15.64 13.68
N ALA A 90 5.00 -15.27 13.69
CA ALA A 90 5.95 -15.77 14.67
C ALA A 90 5.65 -15.22 16.05
N THR A 91 4.94 -14.10 16.09
CA THR A 91 4.59 -13.46 17.37
C THR A 91 3.40 -14.17 18.01
N LEU A 92 2.42 -14.53 17.19
CA LEU A 92 1.22 -15.21 17.69
C LEU A 92 1.56 -16.62 18.18
N ALA A 93 2.36 -17.34 17.40
CA ALA A 93 2.76 -18.69 17.77
C ALA A 93 4.26 -18.89 17.58
N MET A 1 21.85 0.04 22.62
CA MET A 1 21.40 -1.04 21.69
C MET A 1 19.95 -1.42 21.97
N VAL A 2 19.31 -1.99 20.95
CA VAL A 2 17.91 -2.41 21.08
C VAL A 2 17.80 -3.93 21.13
N THR A 3 18.50 -4.54 22.07
CA THR A 3 18.48 -5.99 22.22
C THR A 3 17.18 -6.45 22.88
N PRO A 4 16.76 -5.76 23.95
CA PRO A 4 15.53 -6.10 24.67
C PRO A 4 14.33 -6.21 23.76
N ARG A 5 13.48 -7.20 24.01
CA ARG A 5 12.29 -7.42 23.20
C ARG A 5 11.04 -7.50 24.07
N GLU A 6 10.95 -6.58 25.04
CA GLU A 6 9.80 -6.56 25.95
C GLU A 6 9.97 -5.45 26.99
N PRO A 7 8.85 -4.92 27.51
CA PRO A 7 8.87 -3.86 28.51
C PRO A 7 9.74 -4.21 29.71
N LYS A 8 9.53 -5.40 30.27
CA LYS A 8 10.31 -5.85 31.42
C LYS A 8 9.95 -5.06 32.67
N LYS A 9 8.69 -4.66 32.76
CA LYS A 9 8.22 -3.88 33.91
C LYS A 9 6.81 -3.36 33.66
N ARG A 10 5.93 -3.54 34.64
CA ARG A 10 4.55 -3.09 34.54
C ARG A 10 4.47 -1.76 33.80
N THR A 11 4.12 -1.82 32.51
CA THR A 11 4.02 -0.63 31.69
C THR A 11 2.58 -0.45 31.18
N THR A 12 2.24 0.79 30.85
CA THR A 12 0.90 1.10 30.35
C THR A 12 0.69 0.51 28.96
N ARG A 13 1.79 0.16 28.30
CA ARG A 13 1.72 -0.41 26.96
C ARG A 13 0.63 -1.46 26.86
N LYS A 14 -0.10 -1.45 25.75
CA LYS A 14 -1.19 -2.40 25.54
C LYS A 14 -0.88 -3.32 24.37
N LYS A 15 -0.97 -4.63 24.61
CA LYS A 15 -0.70 -5.63 23.58
C LYS A 15 -1.86 -6.60 23.44
N LYS A 16 -2.74 -6.33 22.48
CA LYS A 16 -3.90 -7.18 22.25
C LYS A 16 -3.74 -7.98 20.96
N ASP A 17 -3.36 -7.30 19.89
CA ASP A 17 -3.16 -7.94 18.59
C ASP A 17 -2.27 -7.10 17.69
N PRO A 18 -1.07 -6.76 18.17
CA PRO A 18 -0.10 -5.95 17.41
C PRO A 18 0.48 -6.71 16.22
N ASN A 19 1.43 -6.09 15.54
CA ASN A 19 2.07 -6.70 14.38
C ASN A 19 1.03 -7.39 13.48
N ALA A 20 0.34 -6.59 12.69
CA ALA A 20 -0.67 -7.12 11.78
C ALA A 20 -0.83 -6.24 10.54
N PRO A 21 0.27 -6.05 9.79
CA PRO A 21 0.25 -5.22 8.58
C PRO A 21 -0.84 -5.63 7.61
N LYS A 22 -1.34 -4.66 6.85
CA LYS A 22 -2.40 -4.91 5.87
C LYS A 22 -1.91 -5.83 4.76
N ARG A 23 -1.03 -5.30 3.90
CA ARG A 23 -0.49 -6.07 2.79
C ARG A 23 0.44 -5.21 1.94
N ALA A 24 1.59 -5.78 1.57
CA ALA A 24 2.57 -5.07 0.76
C ALA A 24 1.89 -4.37 -0.41
N LEU A 25 2.68 -3.59 -1.16
CA LEU A 25 2.16 -2.87 -2.32
C LEU A 25 3.18 -2.84 -3.44
N SER A 26 2.76 -2.32 -4.59
CA SER A 26 3.63 -2.23 -5.76
C SER A 26 3.67 -0.81 -6.30
N ALA A 27 4.60 -0.57 -7.22
CA ALA A 27 4.74 0.75 -7.82
C ALA A 27 3.40 1.25 -8.37
N TYR A 28 2.51 0.31 -8.67
CA TYR A 28 1.20 0.65 -9.20
C TYR A 28 0.27 1.13 -8.08
N MET A 29 0.38 0.49 -6.92
CA MET A 29 -0.45 0.84 -5.77
C MET A 29 -0.11 2.25 -5.27
N PHE A 30 1.16 2.61 -5.39
CA PHE A 30 1.61 3.93 -4.97
C PHE A 30 1.12 5.01 -5.93
N PHE A 31 1.47 4.86 -7.20
CA PHE A 31 1.06 5.80 -8.23
C PHE A 31 -0.45 5.75 -8.44
N ALA A 32 -1.08 4.68 -7.96
CA ALA A 32 -2.52 4.52 -8.09
C ALA A 32 -3.24 5.15 -6.90
N ASN A 33 -2.60 5.11 -5.74
CA ASN A 33 -3.18 5.70 -4.53
C ASN A 33 -3.19 7.23 -4.62
N GLU A 34 -2.21 7.77 -5.34
CA GLU A 34 -2.10 9.21 -5.50
C GLU A 34 -2.86 9.68 -6.74
N ASN A 35 -2.73 8.93 -7.82
CA ASN A 35 -3.41 9.25 -9.08
C ASN A 35 -4.92 9.10 -8.93
N ARG A 36 -5.33 8.20 -8.05
CA ARG A 36 -6.75 7.97 -7.81
C ARG A 36 -7.38 9.18 -7.15
N ASP A 37 -6.57 9.97 -6.47
CA ASP A 37 -7.05 11.18 -5.81
C ASP A 37 -7.05 12.35 -6.77
N ILE A 38 -6.08 12.36 -7.69
CA ILE A 38 -5.99 13.41 -8.69
C ILE A 38 -7.20 13.38 -9.61
N VAL A 39 -7.64 12.18 -9.98
CA VAL A 39 -8.80 12.01 -10.83
C VAL A 39 -10.08 12.19 -10.04
N ARG A 40 -10.11 11.63 -8.84
CA ARG A 40 -11.27 11.74 -7.98
C ARG A 40 -11.46 13.18 -7.51
N SER A 41 -10.38 13.96 -7.57
CA SER A 41 -10.43 15.36 -7.19
C SER A 41 -10.98 16.21 -8.32
N GLU A 42 -10.58 15.89 -9.54
CA GLU A 42 -11.04 16.62 -10.72
C GLU A 42 -12.38 16.08 -11.19
N ASN A 43 -12.78 14.93 -10.65
CA ASN A 43 -14.06 14.32 -11.01
C ASN A 43 -14.52 13.36 -9.93
N PRO A 44 -15.03 13.89 -8.80
CA PRO A 44 -15.52 13.08 -7.68
C PRO A 44 -16.80 12.33 -8.03
N ASP A 45 -17.43 12.72 -9.13
CA ASP A 45 -18.67 12.09 -9.57
C ASP A 45 -18.46 10.60 -9.81
N ILE A 46 -17.34 10.26 -10.43
CA ILE A 46 -17.02 8.87 -10.71
C ILE A 46 -16.30 8.22 -9.54
N THR A 47 -15.82 6.99 -9.75
CA THR A 47 -15.12 6.26 -8.70
C THR A 47 -13.93 5.49 -9.29
N PHE A 48 -13.32 4.65 -8.46
CA PHE A 48 -12.18 3.86 -8.89
C PHE A 48 -12.52 3.06 -10.15
N GLY A 49 -13.81 2.81 -10.35
CA GLY A 49 -14.25 2.06 -11.51
C GLY A 49 -13.55 2.50 -12.78
N GLN A 50 -13.28 3.80 -12.88
CA GLN A 50 -12.61 4.35 -14.07
C GLN A 50 -11.40 5.17 -13.66
N VAL A 51 -11.32 5.52 -12.38
CA VAL A 51 -10.22 6.32 -11.88
C VAL A 51 -8.94 5.46 -11.75
N GLY A 52 -9.11 4.26 -11.20
CA GLY A 52 -7.97 3.37 -11.05
C GLY A 52 -7.53 2.75 -12.35
N LYS A 53 -8.49 2.54 -13.25
CA LYS A 53 -8.19 1.95 -14.56
C LYS A 53 -7.64 3.00 -15.50
N LYS A 54 -8.00 4.25 -15.27
CA LYS A 54 -7.51 5.35 -16.09
C LYS A 54 -6.08 5.70 -15.71
N LEU A 55 -5.83 5.85 -14.42
CA LEU A 55 -4.50 6.14 -13.94
C LEU A 55 -3.57 4.96 -14.21
N GLY A 56 -4.13 3.75 -14.14
CA GLY A 56 -3.34 2.56 -14.41
C GLY A 56 -2.85 2.51 -15.83
N GLU A 57 -3.73 2.85 -16.77
CA GLU A 57 -3.37 2.86 -18.19
C GLU A 57 -2.30 3.89 -18.46
N LYS A 58 -2.35 5.01 -17.74
CA LYS A 58 -1.36 6.06 -17.88
C LYS A 58 -0.03 5.62 -17.34
N TRP A 59 -0.06 4.83 -16.27
CA TRP A 59 1.16 4.33 -15.66
C TRP A 59 1.88 3.35 -16.58
N LYS A 60 1.11 2.44 -17.17
CA LYS A 60 1.67 1.45 -18.08
C LYS A 60 2.36 2.14 -19.25
N ALA A 61 1.77 3.22 -19.72
CA ALA A 61 2.34 3.98 -20.81
C ALA A 61 3.27 5.08 -20.29
N LEU A 62 3.34 5.20 -18.96
CA LEU A 62 4.19 6.21 -18.33
C LEU A 62 5.66 5.82 -18.44
N THR A 63 6.46 6.71 -19.04
CA THR A 63 7.88 6.47 -19.22
C THR A 63 8.46 5.68 -18.05
N PRO A 64 8.92 4.45 -18.30
CA PRO A 64 9.52 3.60 -17.27
C PRO A 64 10.70 4.27 -16.58
N GLU A 65 11.24 5.30 -17.21
CA GLU A 65 12.37 6.04 -16.66
C GLU A 65 11.94 6.82 -15.42
N GLU A 66 10.74 7.39 -15.47
CA GLU A 66 10.21 8.14 -14.34
C GLU A 66 9.58 7.22 -13.32
N LYS A 67 9.12 6.06 -13.79
CA LYS A 67 8.51 5.07 -12.91
C LYS A 67 9.57 4.27 -12.16
N GLN A 68 10.79 4.28 -12.69
CA GLN A 68 11.90 3.56 -12.07
C GLN A 68 11.87 3.71 -10.55
N PRO A 69 11.94 4.96 -10.05
CA PRO A 69 11.92 5.25 -8.62
C PRO A 69 10.72 4.61 -7.92
N TYR A 70 9.59 4.58 -8.60
CA TYR A 70 8.38 3.99 -8.05
C TYR A 70 8.58 2.52 -7.75
N GLU A 71 8.89 1.74 -8.79
CA GLU A 71 9.11 0.32 -8.65
C GLU A 71 10.09 0.03 -7.50
N ALA A 72 11.13 0.84 -7.42
CA ALA A 72 12.14 0.68 -6.37
C ALA A 72 11.51 0.87 -4.98
N LYS A 73 10.56 1.78 -4.90
CA LYS A 73 9.89 2.06 -3.64
C LYS A 73 8.93 0.93 -3.30
N ALA A 74 8.42 0.26 -4.33
CA ALA A 74 7.51 -0.85 -4.13
C ALA A 74 8.26 -2.10 -3.71
N GLN A 75 9.54 -2.16 -4.06
CA GLN A 75 10.38 -3.28 -3.68
C GLN A 75 10.82 -3.18 -2.24
N ALA A 76 11.13 -1.95 -1.81
CA ALA A 76 11.54 -1.71 -0.44
C ALA A 76 10.35 -1.83 0.50
N ASP A 77 9.18 -1.47 -0.01
CA ASP A 77 7.95 -1.56 0.78
C ASP A 77 7.33 -2.94 0.63
N LYS A 78 7.68 -3.63 -0.44
CA LYS A 78 7.17 -4.96 -0.68
C LYS A 78 7.86 -5.97 0.24
N LYS A 79 9.10 -5.67 0.61
CA LYS A 79 9.85 -6.53 1.51
C LYS A 79 9.59 -6.17 2.96
N ARG A 80 9.27 -4.90 3.20
CA ARG A 80 8.97 -4.42 4.54
C ARG A 80 7.57 -4.83 4.97
N TYR A 81 6.68 -5.01 3.99
CA TYR A 81 5.31 -5.40 4.28
C TYR A 81 5.16 -6.92 4.23
N GLU A 82 5.90 -7.55 3.32
CA GLU A 82 5.86 -9.00 3.17
C GLU A 82 6.72 -9.67 4.23
N SER A 83 7.68 -8.93 4.76
CA SER A 83 8.57 -9.45 5.79
C SER A 83 7.87 -9.47 7.14
N GLU A 84 7.26 -8.35 7.50
CA GLU A 84 6.55 -8.25 8.77
C GLU A 84 5.31 -9.14 8.77
N LYS A 85 4.62 -9.17 7.64
CA LYS A 85 3.42 -9.98 7.51
C LYS A 85 3.76 -11.47 7.53
N GLU A 86 4.89 -11.82 6.91
CA GLU A 86 5.33 -13.20 6.86
C GLU A 86 5.64 -13.72 8.25
N LEU A 87 6.30 -12.88 9.06
CA LEU A 87 6.65 -13.25 10.42
C LEU A 87 5.40 -13.45 11.28
N TYR A 88 4.42 -12.57 11.08
CA TYR A 88 3.17 -12.65 11.81
C TYR A 88 2.48 -13.99 11.61
N ASN A 89 2.30 -14.36 10.35
CA ASN A 89 1.67 -15.62 10.00
C ASN A 89 2.58 -16.81 10.33
N ALA A 90 3.87 -16.53 10.41
CA ALA A 90 4.85 -17.57 10.73
C ALA A 90 5.02 -17.72 12.23
N THR A 91 4.49 -16.77 12.99
CA THR A 91 4.58 -16.81 14.45
C THR A 91 3.23 -17.14 15.07
N LEU A 92 2.17 -16.98 14.28
CA LEU A 92 0.81 -17.26 14.76
C LEU A 92 0.32 -18.61 14.22
N ALA A 93 0.66 -18.90 12.98
CA ALA A 93 0.25 -20.15 12.35
C ALA A 93 1.03 -21.34 12.93
N MET A 1 -7.56 21.14 4.27
CA MET A 1 -7.16 19.96 3.46
C MET A 1 -5.64 19.76 3.49
N VAL A 2 -4.91 20.82 3.18
CA VAL A 2 -3.46 20.76 3.17
C VAL A 2 -2.87 21.63 4.29
N THR A 3 -3.31 21.39 5.51
CA THR A 3 -2.83 22.14 6.66
C THR A 3 -2.60 21.24 7.86
N PRO A 4 -1.49 21.44 8.58
CA PRO A 4 -1.14 20.63 9.76
C PRO A 4 -2.29 20.57 10.77
N ARG A 5 -2.21 19.63 11.70
CA ARG A 5 -3.24 19.47 12.72
C ARG A 5 -4.63 19.65 12.12
N GLU A 6 -5.11 18.64 11.42
CA GLU A 6 -6.43 18.69 10.80
C GLU A 6 -7.32 17.55 11.30
N PRO A 7 -8.62 17.81 11.44
CA PRO A 7 -9.58 16.81 11.92
C PRO A 7 -9.81 15.70 10.89
N LYS A 8 -10.88 14.93 11.09
CA LYS A 8 -11.22 13.84 10.18
C LYS A 8 -10.18 12.72 10.29
N LYS A 9 -10.25 11.95 11.36
CA LYS A 9 -9.32 10.85 11.59
C LYS A 9 -10.01 9.51 11.35
N ARG A 10 -9.42 8.69 10.48
CA ARG A 10 -9.97 7.38 10.16
C ARG A 10 -9.28 6.29 10.97
N THR A 11 -9.53 5.04 10.58
CA THR A 11 -8.93 3.90 11.27
C THR A 11 -7.47 4.19 11.63
N THR A 12 -7.25 4.70 12.83
CA THR A 12 -5.91 5.02 13.30
C THR A 12 -5.41 3.97 14.28
N ARG A 13 -4.14 3.61 14.17
CA ARG A 13 -3.53 2.61 15.05
C ARG A 13 -4.31 1.31 15.02
N LYS A 14 -3.83 0.31 15.75
CA LYS A 14 -4.49 -1.00 15.79
C LYS A 14 -4.32 -1.64 17.17
N LYS A 15 -5.43 -1.97 17.80
CA LYS A 15 -5.40 -2.59 19.12
C LYS A 15 -5.61 -4.10 19.02
N LYS A 16 -5.67 -4.76 20.16
CA LYS A 16 -5.86 -6.21 20.19
C LYS A 16 -4.73 -6.93 19.49
N ASP A 17 -4.89 -7.16 18.19
CA ASP A 17 -3.88 -7.84 17.40
C ASP A 17 -3.29 -6.91 16.34
N PRO A 18 -2.29 -6.10 16.73
CA PRO A 18 -1.64 -5.15 15.82
C PRO A 18 -0.77 -5.85 14.78
N ASN A 19 -0.06 -5.06 13.98
CA ASN A 19 0.81 -5.61 12.95
C ASN A 19 0.04 -6.57 12.04
N ALA A 20 -0.80 -6.01 11.18
CA ALA A 20 -1.59 -6.82 10.26
C ALA A 20 -1.59 -6.21 8.86
N PRO A 21 -0.51 -6.42 8.10
CA PRO A 21 -0.37 -5.89 6.75
C PRO A 21 -1.33 -6.58 5.76
N LYS A 22 -1.87 -5.79 4.84
CA LYS A 22 -2.80 -6.31 3.84
C LYS A 22 -2.09 -7.29 2.90
N ARG A 23 -1.42 -6.76 1.89
CA ARG A 23 -0.72 -7.59 0.92
C ARG A 23 0.32 -6.76 0.17
N ALA A 24 1.35 -6.31 0.87
CA ALA A 24 2.41 -5.51 0.27
C ALA A 24 1.84 -4.49 -0.71
N LEU A 25 2.72 -3.88 -1.50
CA LEU A 25 2.31 -2.88 -2.48
C LEU A 25 3.19 -2.92 -3.72
N SER A 26 2.82 -2.17 -4.74
CA SER A 26 3.58 -2.13 -5.98
C SER A 26 3.64 -0.71 -6.53
N ALA A 27 4.57 -0.47 -7.45
CA ALA A 27 4.75 0.83 -8.06
C ALA A 27 3.42 1.34 -8.65
N TYR A 28 2.54 0.40 -8.98
CA TYR A 28 1.25 0.74 -9.54
C TYR A 28 0.28 1.23 -8.45
N MET A 29 0.39 0.63 -7.27
CA MET A 29 -0.48 1.00 -6.16
C MET A 29 -0.09 2.36 -5.61
N PHE A 30 1.18 2.73 -5.76
CA PHE A 30 1.67 4.01 -5.29
C PHE A 30 1.24 5.13 -6.24
N PHE A 31 1.55 4.98 -7.52
CA PHE A 31 1.20 5.96 -8.52
C PHE A 31 -0.32 5.97 -8.76
N ALA A 32 -0.98 4.86 -8.42
CA ALA A 32 -2.41 4.75 -8.58
C ALA A 32 -3.15 5.26 -7.35
N ASN A 33 -2.52 5.10 -6.19
CA ASN A 33 -3.12 5.54 -4.93
C ASN A 33 -3.04 7.06 -4.80
N GLU A 34 -2.05 7.65 -5.44
CA GLU A 34 -1.86 9.11 -5.39
C GLU A 34 -2.59 9.79 -6.55
N ASN A 35 -2.42 9.24 -7.75
CA ASN A 35 -3.06 9.80 -8.93
C ASN A 35 -4.56 9.59 -8.88
N ARG A 36 -4.98 8.53 -8.20
CA ARG A 36 -6.40 8.23 -8.07
C ARG A 36 -7.09 9.27 -7.19
N ASP A 37 -6.31 9.92 -6.34
CA ASP A 37 -6.83 10.95 -5.46
C ASP A 37 -6.85 12.30 -6.15
N ILE A 38 -5.88 12.52 -7.02
CA ILE A 38 -5.79 13.75 -7.78
C ILE A 38 -6.97 13.89 -8.71
N VAL A 39 -7.35 12.78 -9.34
CA VAL A 39 -8.50 12.78 -10.26
C VAL A 39 -9.81 12.73 -9.48
N ARG A 40 -9.84 11.93 -8.42
CA ARG A 40 -11.03 11.81 -7.60
C ARG A 40 -11.31 13.12 -6.87
N SER A 41 -10.27 13.92 -6.70
CA SER A 41 -10.41 15.21 -6.04
C SER A 41 -10.94 16.26 -7.01
N GLU A 42 -10.47 16.20 -8.26
CA GLU A 42 -10.90 17.11 -9.29
C GLU A 42 -12.25 16.68 -9.86
N ASN A 43 -12.63 15.43 -9.57
CA ASN A 43 -13.90 14.91 -10.05
C ASN A 43 -14.43 13.83 -9.11
N PRO A 44 -14.99 14.26 -7.96
CA PRO A 44 -15.54 13.33 -6.97
C PRO A 44 -16.78 12.59 -7.48
N ASP A 45 -17.23 12.98 -8.66
CA ASP A 45 -18.41 12.36 -9.26
C ASP A 45 -18.15 10.90 -9.59
N ILE A 46 -16.90 10.59 -9.95
CA ILE A 46 -16.52 9.22 -10.28
C ILE A 46 -15.67 8.61 -9.18
N THR A 47 -15.24 7.36 -9.39
CA THR A 47 -14.42 6.67 -8.41
C THR A 47 -13.39 5.77 -9.10
N PHE A 48 -12.74 4.92 -8.31
CA PHE A 48 -11.74 4.01 -8.85
C PHE A 48 -12.27 3.28 -10.08
N GLY A 49 -13.58 3.15 -10.16
CA GLY A 49 -14.19 2.48 -11.29
C GLY A 49 -13.51 2.80 -12.60
N GLN A 50 -13.16 4.07 -12.79
CA GLN A 50 -12.48 4.51 -14.01
C GLN A 50 -11.22 5.30 -13.68
N VAL A 51 -11.07 5.67 -12.42
CA VAL A 51 -9.91 6.42 -11.97
C VAL A 51 -8.69 5.51 -11.83
N GLY A 52 -8.90 4.32 -11.27
CA GLY A 52 -7.82 3.39 -11.10
C GLY A 52 -7.44 2.69 -12.38
N LYS A 53 -8.43 2.46 -13.25
CA LYS A 53 -8.20 1.80 -14.53
C LYS A 53 -7.64 2.79 -15.54
N LYS A 54 -7.96 4.06 -15.35
CA LYS A 54 -7.47 5.11 -16.24
C LYS A 54 -6.03 5.45 -15.92
N LEU A 55 -5.74 5.62 -14.64
CA LEU A 55 -4.39 5.92 -14.20
C LEU A 55 -3.48 4.71 -14.40
N GLY A 56 -4.08 3.52 -14.32
CA GLY A 56 -3.31 2.30 -14.53
C GLY A 56 -2.87 2.13 -15.96
N GLU A 57 -3.78 2.43 -16.89
CA GLU A 57 -3.47 2.33 -18.31
C GLU A 57 -2.40 3.35 -18.69
N LYS A 58 -2.46 4.53 -18.08
CA LYS A 58 -1.48 5.56 -18.34
C LYS A 58 -0.13 5.17 -17.79
N TRP A 59 -0.14 4.47 -16.67
CA TRP A 59 1.09 4.02 -16.05
C TRP A 59 1.79 2.98 -16.91
N LYS A 60 1.01 2.04 -17.44
CA LYS A 60 1.54 1.00 -18.30
C LYS A 60 2.23 1.61 -19.50
N ALA A 61 1.64 2.68 -20.03
CA ALA A 61 2.21 3.37 -21.17
C ALA A 61 3.15 4.48 -20.72
N LEU A 62 3.24 4.68 -19.41
CA LEU A 62 4.10 5.73 -18.85
C LEU A 62 5.56 5.32 -18.91
N THR A 63 6.39 6.14 -19.56
CA THR A 63 7.80 5.85 -19.71
C THR A 63 8.35 5.12 -18.48
N PRO A 64 8.87 3.90 -18.67
CA PRO A 64 9.44 3.10 -17.59
C PRO A 64 10.51 3.86 -16.82
N GLU A 65 11.07 4.89 -17.45
CA GLU A 65 12.10 5.70 -16.82
C GLU A 65 11.51 6.61 -15.75
N GLU A 66 10.32 7.16 -16.04
CA GLU A 66 9.64 8.03 -15.11
C GLU A 66 9.08 7.23 -13.93
N LYS A 67 8.69 5.99 -14.19
CA LYS A 67 8.16 5.12 -13.16
C LYS A 67 9.27 4.38 -12.43
N GLN A 68 10.45 4.37 -13.03
CA GLN A 68 11.60 3.68 -12.45
C GLN A 68 11.63 3.85 -10.94
N PRO A 69 11.65 5.11 -10.46
CA PRO A 69 11.67 5.42 -9.03
C PRO A 69 10.53 4.74 -8.28
N TYR A 70 9.35 4.74 -8.87
CA TYR A 70 8.18 4.12 -8.26
C TYR A 70 8.44 2.64 -7.97
N GLU A 71 8.82 1.90 -9.01
CA GLU A 71 9.09 0.49 -8.87
C GLU A 71 10.10 0.24 -7.75
N ALA A 72 11.09 1.11 -7.64
CA ALA A 72 12.11 1.01 -6.61
C ALA A 72 11.49 1.15 -5.22
N LYS A 73 10.47 2.00 -5.12
CA LYS A 73 9.79 2.20 -3.86
C LYS A 73 8.89 1.02 -3.53
N ALA A 74 8.39 0.35 -4.57
CA ALA A 74 7.55 -0.82 -4.38
C ALA A 74 8.36 -2.01 -3.94
N GLN A 75 9.64 -2.01 -4.30
CA GLN A 75 10.54 -3.09 -3.90
C GLN A 75 10.97 -2.93 -2.45
N ALA A 76 11.24 -1.69 -2.05
CA ALA A 76 11.61 -1.39 -0.68
C ALA A 76 10.42 -1.54 0.25
N ASP A 77 9.23 -1.27 -0.28
CA ASP A 77 8.01 -1.41 0.49
C ASP A 77 7.48 -2.82 0.39
N LYS A 78 7.90 -3.54 -0.64
CA LYS A 78 7.49 -4.92 -0.82
C LYS A 78 8.19 -5.82 0.17
N LYS A 79 9.41 -5.44 0.54
CA LYS A 79 10.18 -6.21 1.52
C LYS A 79 9.79 -5.81 2.94
N ARG A 80 9.38 -4.56 3.11
CA ARG A 80 8.97 -4.06 4.41
C ARG A 80 7.57 -4.55 4.76
N TYR A 81 6.78 -4.86 3.73
CA TYR A 81 5.42 -5.35 3.93
C TYR A 81 5.39 -6.87 4.02
N GLU A 82 6.30 -7.52 3.29
CA GLU A 82 6.39 -8.97 3.30
C GLU A 82 7.12 -9.45 4.53
N SER A 83 7.99 -8.60 5.07
CA SER A 83 8.76 -8.94 6.25
C SER A 83 7.88 -8.86 7.50
N GLU A 84 7.16 -7.76 7.65
CA GLU A 84 6.27 -7.56 8.79
C GLU A 84 5.14 -8.57 8.75
N LYS A 85 4.60 -8.81 7.56
CA LYS A 85 3.51 -9.76 7.40
C LYS A 85 3.96 -11.18 7.73
N GLU A 86 5.19 -11.50 7.33
CA GLU A 86 5.74 -12.82 7.60
C GLU A 86 5.86 -13.07 9.10
N LEU A 87 6.27 -12.04 9.84
CA LEU A 87 6.42 -12.14 11.28
C LEU A 87 5.06 -12.37 11.95
N TYR A 88 4.05 -11.65 11.48
CA TYR A 88 2.71 -11.77 12.03
C TYR A 88 2.20 -13.21 11.91
N ASN A 89 2.32 -13.76 10.71
CA ASN A 89 1.88 -15.13 10.45
C ASN A 89 2.66 -16.13 11.30
N ALA A 90 3.93 -15.81 11.55
CA ALA A 90 4.78 -16.68 12.35
C ALA A 90 4.41 -16.59 13.83
N THR A 91 3.78 -15.49 14.21
CA THR A 91 3.37 -15.28 15.59
C THR A 91 1.91 -15.68 15.79
N LEU A 92 1.19 -15.82 14.69
CA LEU A 92 -0.22 -16.20 14.74
C LEU A 92 -0.39 -17.70 14.59
N ALA A 93 0.61 -18.35 13.99
CA ALA A 93 0.57 -19.79 13.78
C ALA A 93 0.80 -20.54 15.08
N MET A 1 18.44 25.14 15.10
CA MET A 1 19.15 24.95 13.82
C MET A 1 20.31 23.97 13.98
N VAL A 2 20.66 23.29 12.88
CA VAL A 2 21.74 22.31 12.90
C VAL A 2 21.88 21.63 11.54
N THR A 3 22.69 22.22 10.67
CA THR A 3 22.91 21.66 9.34
C THR A 3 23.64 20.32 9.42
N PRO A 4 24.82 20.30 10.07
CA PRO A 4 25.61 19.08 10.22
C PRO A 4 24.97 18.08 11.17
N ARG A 5 25.55 16.89 11.25
CA ARG A 5 25.03 15.85 12.14
C ARG A 5 26.15 15.23 12.96
N GLU A 6 27.02 16.08 13.51
CA GLU A 6 28.13 15.61 14.33
C GLU A 6 27.64 14.77 15.50
N PRO A 7 26.74 15.32 16.31
CA PRO A 7 26.17 14.63 17.48
C PRO A 7 25.62 13.25 17.11
N LYS A 8 24.71 13.23 16.14
CA LYS A 8 24.10 11.98 15.69
C LYS A 8 23.12 11.46 16.73
N LYS A 9 21.97 10.99 16.26
CA LYS A 9 20.94 10.46 17.14
C LYS A 9 20.14 9.36 16.45
N ARG A 10 19.24 8.73 17.20
CA ARG A 10 18.40 7.66 16.66
C ARG A 10 16.97 8.14 16.45
N THR A 11 16.49 8.05 15.22
CA THR A 11 15.13 8.48 14.88
C THR A 11 14.18 7.29 14.93
N THR A 12 12.88 7.59 14.93
CA THR A 12 11.86 6.56 14.97
C THR A 12 11.11 6.47 13.63
N ARG A 13 11.35 5.38 12.90
CA ARG A 13 10.70 5.18 11.62
C ARG A 13 9.67 4.05 11.69
N LYS A 14 8.89 4.05 12.78
CA LYS A 14 7.87 3.04 12.96
C LYS A 14 6.87 3.47 14.04
N LYS A 15 5.68 2.87 14.01
CA LYS A 15 4.64 3.19 14.97
C LYS A 15 4.06 1.93 15.60
N LYS A 16 3.27 1.20 14.82
CA LYS A 16 2.65 -0.03 15.31
C LYS A 16 3.71 -1.08 15.63
N ASP A 17 3.46 -1.86 16.68
CA ASP A 17 4.39 -2.90 17.10
C ASP A 17 4.79 -3.79 15.92
N PRO A 18 5.87 -4.57 16.08
CA PRO A 18 6.36 -5.47 15.03
C PRO A 18 5.42 -6.65 14.80
N ASN A 19 5.84 -7.57 13.94
CA ASN A 19 5.05 -8.75 13.63
C ASN A 19 3.56 -8.40 13.54
N ALA A 20 3.16 -7.87 12.38
CA ALA A 20 1.77 -7.49 12.16
C ALA A 20 1.52 -7.17 10.69
N PRO A 21 0.35 -7.56 10.18
CA PRO A 21 -0.02 -7.31 8.77
C PRO A 21 -0.27 -5.83 8.50
N LYS A 22 0.51 -5.27 7.57
CA LYS A 22 0.38 -3.86 7.22
C LYS A 22 -0.28 -3.71 5.85
N ARG A 23 -0.44 -4.83 5.15
CA ARG A 23 -1.06 -4.82 3.82
C ARG A 23 -0.26 -3.95 2.86
N ALA A 24 0.72 -4.55 2.19
CA ALA A 24 1.55 -3.84 1.24
C ALA A 24 0.79 -3.55 -0.06
N LEU A 25 1.52 -3.11 -1.08
CA LEU A 25 0.92 -2.81 -2.37
C LEU A 25 1.96 -2.85 -3.48
N SER A 26 1.50 -2.84 -4.73
CA SER A 26 2.39 -2.88 -5.88
C SER A 26 2.60 -1.49 -6.45
N ALA A 27 3.56 -1.37 -7.36
CA ALA A 27 3.86 -0.08 -7.99
C ALA A 27 2.60 0.55 -8.55
N TYR A 28 1.62 -0.28 -8.90
CA TYR A 28 0.36 0.21 -9.44
C TYR A 28 -0.54 0.75 -8.34
N MET A 29 -0.49 0.11 -7.18
CA MET A 29 -1.31 0.54 -6.05
C MET A 29 -0.88 1.91 -5.54
N PHE A 30 0.42 2.18 -5.62
CA PHE A 30 0.95 3.47 -5.19
C PHE A 30 0.58 4.57 -6.18
N PHE A 31 0.96 4.37 -7.44
CA PHE A 31 0.66 5.34 -8.47
C PHE A 31 -0.84 5.44 -8.70
N ALA A 32 -1.58 4.41 -8.27
CA ALA A 32 -3.03 4.39 -8.43
C ALA A 32 -3.72 5.06 -7.24
N ASN A 33 -3.09 4.96 -6.07
CA ASN A 33 -3.64 5.55 -4.87
C ASN A 33 -3.54 7.08 -4.92
N GLU A 34 -2.51 7.57 -5.62
CA GLU A 34 -2.30 9.01 -5.74
C GLU A 34 -2.99 9.56 -6.98
N ASN A 35 -2.84 8.84 -8.09
CA ASN A 35 -3.45 9.25 -9.35
C ASN A 35 -4.96 9.17 -9.28
N ARG A 36 -5.46 8.24 -8.48
CA ARG A 36 -6.89 8.07 -8.30
C ARG A 36 -7.51 9.30 -7.66
N ASP A 37 -6.70 10.04 -6.91
CA ASP A 37 -7.16 11.24 -6.24
C ASP A 37 -7.03 12.45 -7.17
N ILE A 38 -6.02 12.41 -8.03
CA ILE A 38 -5.81 13.49 -8.99
C ILE A 38 -6.94 13.55 -10.00
N VAL A 39 -7.40 12.37 -10.44
CA VAL A 39 -8.50 12.29 -11.39
C VAL A 39 -9.83 12.46 -10.68
N ARG A 40 -9.97 11.82 -9.51
CA ARG A 40 -11.18 11.93 -8.73
C ARG A 40 -11.39 13.35 -8.24
N SER A 41 -10.30 14.10 -8.13
CA SER A 41 -10.37 15.48 -7.70
C SER A 41 -10.78 16.38 -8.86
N GLU A 42 -10.26 16.09 -10.05
CA GLU A 42 -10.59 16.86 -11.23
C GLU A 42 -11.94 16.42 -11.79
N ASN A 43 -12.45 15.29 -11.31
CA ASN A 43 -13.73 14.77 -11.74
C ASN A 43 -14.49 14.14 -10.59
N PRO A 44 -14.84 14.95 -9.58
CA PRO A 44 -15.57 14.48 -8.40
C PRO A 44 -16.82 13.69 -8.78
N ASP A 45 -17.28 13.87 -10.01
CA ASP A 45 -18.47 13.17 -10.49
C ASP A 45 -18.10 11.82 -11.10
N ILE A 46 -16.95 11.78 -11.76
CA ILE A 46 -16.48 10.55 -12.39
C ILE A 46 -16.52 9.38 -11.40
N THR A 47 -16.31 8.17 -11.92
CA THR A 47 -16.31 6.97 -11.09
C THR A 47 -15.00 6.20 -11.24
N PHE A 48 -14.89 5.11 -10.49
CA PHE A 48 -13.69 4.28 -10.54
C PHE A 48 -13.57 3.57 -11.88
N GLY A 49 -14.70 3.47 -12.60
CA GLY A 49 -14.70 2.81 -13.89
C GLY A 49 -13.84 3.53 -14.90
N GLN A 50 -13.48 4.77 -14.60
CA GLN A 50 -12.64 5.57 -15.49
C GLN A 50 -11.42 6.08 -14.76
N VAL A 51 -11.54 6.23 -13.45
CA VAL A 51 -10.44 6.70 -12.63
C VAL A 51 -9.32 5.67 -12.56
N GLY A 52 -9.67 4.44 -12.19
CA GLY A 52 -8.70 3.38 -12.12
C GLY A 52 -8.10 3.05 -13.47
N LYS A 53 -8.92 3.15 -14.51
CA LYS A 53 -8.46 2.88 -15.87
C LYS A 53 -7.59 4.02 -16.38
N LYS A 54 -7.76 5.20 -15.78
CA LYS A 54 -6.97 6.35 -16.15
C LYS A 54 -5.55 6.25 -15.60
N LEU A 55 -5.44 5.72 -14.40
CA LEU A 55 -4.15 5.53 -13.77
C LEU A 55 -3.45 4.32 -14.36
N GLY A 56 -4.23 3.39 -14.89
CA GLY A 56 -3.67 2.21 -15.50
C GLY A 56 -3.09 2.49 -16.87
N GLU A 57 -3.74 3.40 -17.60
CA GLU A 57 -3.28 3.76 -18.94
C GLU A 57 -2.10 4.72 -18.87
N LYS A 58 -2.11 5.60 -17.87
CA LYS A 58 -1.04 6.56 -17.68
C LYS A 58 0.21 5.87 -17.15
N TRP A 59 0.01 4.98 -16.20
CA TRP A 59 1.12 4.25 -15.61
C TRP A 59 1.73 3.28 -16.62
N LYS A 60 0.86 2.54 -17.32
CA LYS A 60 1.31 1.59 -18.32
C LYS A 60 2.14 2.27 -19.38
N ALA A 61 1.73 3.47 -19.77
CA ALA A 61 2.45 4.23 -20.77
C ALA A 61 3.52 5.12 -20.12
N LEU A 62 3.52 5.12 -18.78
CA LEU A 62 4.50 5.93 -18.03
C LEU A 62 5.91 5.37 -18.21
N THR A 63 6.82 6.23 -18.65
CA THR A 63 8.20 5.83 -18.88
C THR A 63 8.82 5.26 -17.62
N PRO A 64 9.65 4.21 -17.76
CA PRO A 64 10.32 3.56 -16.63
C PRO A 64 11.15 4.55 -15.82
N GLU A 65 11.56 5.64 -16.45
CA GLU A 65 12.35 6.66 -15.79
C GLU A 65 11.60 7.26 -14.61
N GLU A 66 10.29 7.40 -14.77
CA GLU A 66 9.45 7.94 -13.70
C GLU A 66 8.96 6.83 -12.79
N LYS A 67 8.83 5.63 -13.34
CA LYS A 67 8.37 4.48 -12.57
C LYS A 67 9.48 3.97 -11.64
N GLN A 68 10.70 4.38 -11.91
CA GLN A 68 11.86 3.98 -11.11
C GLN A 68 11.49 3.93 -9.62
N PRO A 69 11.10 5.09 -9.07
CA PRO A 69 10.73 5.20 -7.64
C PRO A 69 9.45 4.43 -7.32
N TYR A 70 8.57 4.32 -8.30
CA TYR A 70 7.30 3.62 -8.12
C TYR A 70 7.54 2.13 -7.85
N GLU A 71 7.92 1.40 -8.89
CA GLU A 71 8.19 -0.03 -8.76
C GLU A 71 9.13 -0.29 -7.59
N ALA A 72 10.21 0.47 -7.51
CA ALA A 72 11.18 0.32 -6.43
C ALA A 72 10.52 0.49 -5.06
N LYS A 73 9.52 1.35 -5.01
CA LYS A 73 8.79 1.60 -3.78
C LYS A 73 7.92 0.41 -3.42
N ALA A 74 7.38 -0.25 -4.43
CA ALA A 74 6.55 -1.43 -4.23
C ALA A 74 7.38 -2.59 -3.73
N GLN A 75 8.65 -2.60 -4.11
CA GLN A 75 9.56 -3.66 -3.68
C GLN A 75 9.99 -3.44 -2.24
N ALA A 76 10.13 -2.18 -1.85
CA ALA A 76 10.50 -1.83 -0.50
C ALA A 76 9.35 -2.08 0.45
N ASP A 77 8.13 -1.88 -0.04
CA ASP A 77 6.94 -2.12 0.76
C ASP A 77 6.55 -3.58 0.72
N LYS A 78 6.97 -4.26 -0.34
CA LYS A 78 6.69 -5.69 -0.49
C LYS A 78 7.54 -6.50 0.47
N LYS A 79 8.73 -5.98 0.79
CA LYS A 79 9.63 -6.64 1.72
C LYS A 79 9.29 -6.28 3.15
N ARG A 80 8.72 -5.10 3.33
CA ARG A 80 8.33 -4.63 4.66
C ARG A 80 7.05 -5.32 5.12
N TYR A 81 6.21 -5.70 4.17
CA TYR A 81 4.96 -6.37 4.49
C TYR A 81 5.17 -7.88 4.59
N GLU A 82 6.04 -8.41 3.74
CA GLU A 82 6.33 -9.83 3.73
C GLU A 82 7.31 -10.18 4.84
N SER A 83 8.10 -9.19 5.26
CA SER A 83 9.08 -9.39 6.32
C SER A 83 8.40 -9.39 7.68
N GLU A 84 7.54 -8.40 7.91
CA GLU A 84 6.82 -8.30 9.16
C GLU A 84 5.83 -9.44 9.32
N LYS A 85 5.18 -9.80 8.22
CA LYS A 85 4.21 -10.90 8.24
C LYS A 85 4.90 -12.23 8.48
N GLU A 86 6.07 -12.40 7.87
CA GLU A 86 6.84 -13.63 8.03
C GLU A 86 7.23 -13.85 9.49
N LEU A 87 7.69 -12.79 10.14
CA LEU A 87 8.09 -12.86 11.54
C LEU A 87 6.90 -13.19 12.42
N TYR A 88 5.75 -12.60 12.11
CA TYR A 88 4.54 -12.82 12.88
C TYR A 88 4.16 -14.31 12.89
N ASN A 89 4.11 -14.90 11.70
CA ASN A 89 3.77 -16.32 11.57
C ASN A 89 4.77 -17.19 12.32
N ALA A 90 6.05 -16.82 12.24
CA ALA A 90 7.10 -17.57 12.90
C ALA A 90 7.01 -17.43 14.42
N THR A 91 6.36 -16.35 14.86
CA THR A 91 6.20 -16.10 16.29
C THR A 91 4.83 -16.56 16.77
N LEU A 92 3.94 -16.85 15.83
CA LEU A 92 2.60 -17.31 16.15
C LEU A 92 2.59 -18.81 16.42
N ALA A 93 3.26 -19.57 15.56
CA ALA A 93 3.32 -21.02 15.70
C ALA A 93 4.68 -21.45 16.24
N MET A 1 31.05 17.96 15.23
CA MET A 1 30.07 18.73 14.44
C MET A 1 28.79 18.97 15.24
N VAL A 2 28.07 20.02 14.89
CA VAL A 2 26.82 20.35 15.58
C VAL A 2 25.81 20.96 14.61
N THR A 3 24.80 20.18 14.26
CA THR A 3 23.76 20.64 13.35
C THR A 3 22.39 20.10 13.76
N PRO A 4 21.87 20.57 14.90
CA PRO A 4 20.56 20.14 15.41
C PRO A 4 19.41 20.65 14.54
N ARG A 5 18.40 19.80 14.35
CA ARG A 5 17.23 20.16 13.55
C ARG A 5 15.98 19.51 14.10
N GLU A 6 15.75 18.25 13.75
CA GLU A 6 14.58 17.52 14.21
C GLU A 6 14.98 16.24 14.92
N PRO A 7 14.19 15.82 15.92
CA PRO A 7 14.46 14.60 16.69
C PRO A 7 14.68 13.39 15.79
N LYS A 8 15.93 12.93 15.71
CA LYS A 8 16.27 11.78 14.89
C LYS A 8 15.37 10.59 15.22
N LYS A 9 15.19 10.33 16.51
CA LYS A 9 14.35 9.22 16.97
C LYS A 9 13.64 9.57 18.26
N ARG A 10 12.79 8.66 18.72
CA ARG A 10 12.04 8.88 19.95
C ARG A 10 11.91 7.58 20.75
N THR A 11 12.80 7.39 21.71
CA THR A 11 12.79 6.19 22.55
C THR A 11 11.39 5.93 23.09
N THR A 12 10.66 5.03 22.43
CA THR A 12 9.31 4.69 22.84
C THR A 12 9.05 3.20 22.65
N ARG A 13 9.33 2.41 23.70
CA ARG A 13 9.12 0.97 23.64
C ARG A 13 7.67 0.62 23.95
N LYS A 14 6.97 0.06 22.98
CA LYS A 14 5.58 -0.33 23.15
C LYS A 14 5.37 -1.80 22.81
N LYS A 15 4.28 -2.37 23.31
CA LYS A 15 3.97 -3.77 23.06
C LYS A 15 2.59 -3.92 22.41
N LYS A 16 2.17 -2.88 21.68
CA LYS A 16 0.88 -2.90 21.01
C LYS A 16 0.95 -3.69 19.71
N ASP A 17 0.34 -4.88 19.72
CA ASP A 17 0.34 -5.74 18.54
C ASP A 17 1.75 -5.94 18.00
N PRO A 18 2.35 -7.10 18.28
CA PRO A 18 3.71 -7.42 17.82
C PRO A 18 3.87 -7.24 16.32
N ASN A 19 4.97 -7.77 15.78
CA ASN A 19 5.24 -7.66 14.35
C ASN A 19 4.05 -8.15 13.53
N ALA A 20 3.29 -7.20 12.98
CA ALA A 20 2.12 -7.53 12.18
C ALA A 20 2.26 -6.97 10.76
N PRO A 21 1.74 -7.70 9.77
CA PRO A 21 1.79 -7.28 8.36
C PRO A 21 1.26 -5.87 8.16
N LYS A 22 1.74 -5.20 7.12
CA LYS A 22 1.31 -3.84 6.82
C LYS A 22 0.68 -3.77 5.43
N ARG A 23 -0.02 -4.82 5.05
CA ARG A 23 -0.68 -4.88 3.74
C ARG A 23 0.17 -4.19 2.68
N ALA A 24 1.12 -4.93 2.12
CA ALA A 24 2.01 -4.40 1.09
C ALA A 24 1.21 -3.78 -0.05
N LEU A 25 1.91 -3.19 -1.01
CA LEU A 25 1.27 -2.56 -2.16
C LEU A 25 2.13 -2.71 -3.41
N SER A 26 1.51 -2.52 -4.57
CA SER A 26 2.21 -2.63 -5.84
C SER A 26 2.46 -1.24 -6.45
N ALA A 27 3.39 -1.19 -7.40
CA ALA A 27 3.71 0.07 -8.07
C ALA A 27 2.45 0.74 -8.60
N TYR A 28 1.45 -0.06 -8.92
CA TYR A 28 0.19 0.45 -9.44
C TYR A 28 -0.65 1.05 -8.32
N MET A 29 -0.58 0.45 -7.14
CA MET A 29 -1.34 0.92 -5.99
C MET A 29 -0.86 2.29 -5.54
N PHE A 30 0.44 2.52 -5.67
CA PHE A 30 1.03 3.80 -5.29
C PHE A 30 0.66 4.89 -6.30
N PHE A 31 0.99 4.63 -7.56
CA PHE A 31 0.69 5.58 -8.63
C PHE A 31 -0.82 5.72 -8.81
N ALA A 32 -1.57 4.74 -8.32
CA ALA A 32 -3.03 4.76 -8.43
C ALA A 32 -3.65 5.51 -7.26
N ASN A 33 -3.02 5.42 -6.10
CA ASN A 33 -3.51 6.09 -4.91
C ASN A 33 -3.33 7.60 -5.02
N GLU A 34 -2.31 8.02 -5.76
CA GLU A 34 -2.04 9.44 -5.95
C GLU A 34 -2.77 9.97 -7.18
N ASN A 35 -2.70 9.21 -8.28
CA ASN A 35 -3.35 9.61 -9.52
C ASN A 35 -4.86 9.45 -9.41
N ARG A 36 -5.30 8.73 -8.40
CA ARG A 36 -6.72 8.52 -8.17
C ARG A 36 -7.37 9.77 -7.61
N ASP A 37 -6.57 10.58 -6.91
CA ASP A 37 -7.06 11.81 -6.32
C ASP A 37 -6.92 12.97 -7.28
N ILE A 38 -5.81 13.00 -8.01
CA ILE A 38 -5.57 14.05 -8.98
C ILE A 38 -6.60 14.01 -10.10
N VAL A 39 -6.90 12.81 -10.58
CA VAL A 39 -7.90 12.64 -11.63
C VAL A 39 -9.30 12.72 -11.05
N ARG A 40 -9.49 12.11 -9.87
CA ARG A 40 -10.77 12.14 -9.20
C ARG A 40 -11.21 13.58 -8.95
N SER A 41 -10.25 14.46 -8.73
CA SER A 41 -10.53 15.86 -8.52
C SER A 41 -10.85 16.55 -9.84
N GLU A 42 -10.17 16.11 -10.90
CA GLU A 42 -10.40 16.67 -12.23
C GLU A 42 -11.62 16.04 -12.90
N ASN A 43 -12.15 14.98 -12.28
CA ASN A 43 -13.31 14.30 -12.81
C ASN A 43 -14.31 13.96 -11.70
N PRO A 44 -14.83 14.97 -11.01
CA PRO A 44 -15.78 14.79 -9.92
C PRO A 44 -17.17 14.38 -10.43
N ASP A 45 -17.28 14.19 -11.74
CA ASP A 45 -18.54 13.80 -12.35
C ASP A 45 -18.51 12.34 -12.79
N ILE A 46 -17.36 11.69 -12.59
CA ILE A 46 -17.20 10.29 -12.96
C ILE A 46 -17.16 9.38 -11.74
N THR A 47 -16.53 8.22 -11.89
CA THR A 47 -16.43 7.27 -10.78
C THR A 47 -15.18 6.42 -10.91
N PHE A 48 -15.07 5.39 -10.09
CA PHE A 48 -13.91 4.50 -10.10
C PHE A 48 -13.82 3.75 -11.43
N GLY A 49 -14.95 3.65 -12.12
CA GLY A 49 -14.98 2.95 -13.39
C GLY A 49 -14.12 3.64 -14.45
N GLN A 50 -13.73 4.87 -14.17
CA GLN A 50 -12.91 5.63 -15.09
C GLN A 50 -11.64 6.12 -14.40
N VAL A 51 -11.70 6.25 -13.08
CA VAL A 51 -10.56 6.69 -12.31
C VAL A 51 -9.43 5.65 -12.35
N GLY A 52 -9.78 4.41 -12.01
CA GLY A 52 -8.79 3.35 -12.02
C GLY A 52 -8.27 3.07 -13.42
N LYS A 53 -9.12 3.29 -14.42
CA LYS A 53 -8.73 3.07 -15.80
C LYS A 53 -7.84 4.20 -16.29
N LYS A 54 -7.94 5.36 -15.64
CA LYS A 54 -7.13 6.50 -15.99
C LYS A 54 -5.71 6.33 -15.47
N LEU A 55 -5.59 5.80 -14.26
CA LEU A 55 -4.29 5.56 -13.66
C LEU A 55 -3.64 4.34 -14.28
N GLY A 56 -4.46 3.45 -14.84
CA GLY A 56 -3.93 2.25 -15.48
C GLY A 56 -3.39 2.53 -16.87
N GLU A 57 -4.04 3.44 -17.58
CA GLU A 57 -3.61 3.80 -18.93
C GLU A 57 -2.40 4.73 -18.89
N LYS A 58 -2.38 5.61 -17.90
CA LYS A 58 -1.28 6.56 -17.74
C LYS A 58 -0.04 5.85 -17.24
N TRP A 59 -0.21 4.99 -16.24
CA TRP A 59 0.90 4.25 -15.68
C TRP A 59 1.43 3.24 -16.68
N LYS A 60 0.52 2.51 -17.32
CA LYS A 60 0.91 1.51 -18.31
C LYS A 60 1.74 2.14 -19.41
N ALA A 61 1.37 3.34 -19.81
CA ALA A 61 2.10 4.06 -20.84
C ALA A 61 3.25 4.85 -20.25
N LEU A 62 3.30 4.91 -18.91
CA LEU A 62 4.36 5.62 -18.22
C LEU A 62 5.70 4.90 -18.37
N THR A 63 6.78 5.68 -18.45
CA THR A 63 8.12 5.11 -18.61
C THR A 63 8.72 4.75 -17.26
N PRO A 64 9.54 3.70 -17.22
CA PRO A 64 10.20 3.23 -15.99
C PRO A 64 11.02 4.34 -15.32
N GLU A 65 11.41 5.33 -16.12
CA GLU A 65 12.20 6.45 -15.61
C GLU A 65 11.43 7.20 -14.52
N GLU A 66 10.12 7.30 -14.69
CA GLU A 66 9.28 7.98 -13.72
C GLU A 66 8.66 6.99 -12.73
N LYS A 67 8.60 5.73 -13.13
CA LYS A 67 8.05 4.68 -12.28
C LYS A 67 9.07 4.20 -11.26
N GLN A 68 10.34 4.51 -11.51
CA GLN A 68 11.42 4.11 -10.62
C GLN A 68 10.98 4.20 -9.15
N PRO A 69 10.50 5.38 -8.73
CA PRO A 69 10.05 5.60 -7.34
C PRO A 69 8.87 4.72 -6.96
N TYR A 70 7.93 4.55 -7.90
CA TYR A 70 6.75 3.74 -7.67
C TYR A 70 7.10 2.27 -7.50
N GLU A 71 7.47 1.63 -8.60
CA GLU A 71 7.84 0.22 -8.58
C GLU A 71 8.81 -0.07 -7.45
N ALA A 72 9.85 0.75 -7.34
CA ALA A 72 10.86 0.59 -6.30
C ALA A 72 10.22 0.67 -4.92
N LYS A 73 9.20 1.52 -4.79
CA LYS A 73 8.50 1.67 -3.53
C LYS A 73 7.65 0.44 -3.23
N ALA A 74 7.21 -0.23 -4.28
CA ALA A 74 6.41 -1.43 -4.13
C ALA A 74 7.27 -2.60 -3.69
N GLN A 75 8.55 -2.56 -4.06
CA GLN A 75 9.49 -3.60 -3.66
C GLN A 75 9.90 -3.42 -2.21
N ALA A 76 10.04 -2.17 -1.79
CA ALA A 76 10.39 -1.86 -0.42
C ALA A 76 9.23 -2.12 0.51
N ASP A 77 8.02 -1.89 0.00
CA ASP A 77 6.82 -2.13 0.78
C ASP A 77 6.44 -3.60 0.73
N LYS A 78 6.86 -4.28 -0.32
CA LYS A 78 6.60 -5.70 -0.46
C LYS A 78 7.47 -6.51 0.50
N LYS A 79 8.65 -5.97 0.80
CA LYS A 79 9.57 -6.62 1.72
C LYS A 79 9.22 -6.27 3.16
N ARG A 80 8.61 -5.11 3.35
CA ARG A 80 8.20 -4.67 4.68
C ARG A 80 6.98 -5.44 5.16
N TYR A 81 6.10 -5.76 4.23
CA TYR A 81 4.88 -6.51 4.56
C TYR A 81 5.17 -8.00 4.67
N GLU A 82 6.05 -8.49 3.80
CA GLU A 82 6.43 -9.90 3.80
C GLU A 82 7.43 -10.18 4.91
N SER A 83 8.15 -9.14 5.33
CA SER A 83 9.13 -9.29 6.38
C SER A 83 8.46 -9.36 7.75
N GLU A 84 7.52 -8.45 7.98
CA GLU A 84 6.78 -8.42 9.24
C GLU A 84 5.91 -9.66 9.39
N LYS A 85 5.27 -10.07 8.29
CA LYS A 85 4.41 -11.24 8.31
C LYS A 85 5.23 -12.51 8.53
N GLU A 86 6.40 -12.57 7.93
CA GLU A 86 7.28 -13.72 8.07
C GLU A 86 7.68 -13.92 9.52
N LEU A 87 8.08 -12.83 10.18
CA LEU A 87 8.48 -12.89 11.58
C LEU A 87 7.31 -13.34 12.46
N TYR A 88 6.12 -12.85 12.15
CA TYR A 88 4.93 -13.22 12.91
C TYR A 88 4.73 -14.73 12.91
N ASN A 89 4.73 -15.33 11.72
CA ASN A 89 4.54 -16.77 11.59
C ASN A 89 5.66 -17.53 12.32
N ALA A 90 6.85 -16.95 12.31
CA ALA A 90 8.01 -17.57 12.97
C ALA A 90 7.93 -17.39 14.48
N THR A 91 7.16 -16.41 14.92
CA THR A 91 7.00 -16.13 16.35
C THR A 91 5.85 -16.92 16.93
N LEU A 92 4.91 -17.31 16.08
CA LEU A 92 3.75 -18.08 16.52
C LEU A 92 4.05 -19.58 16.51
N ALA A 93 4.85 -20.01 15.54
CA ALA A 93 5.21 -21.42 15.44
C ALA A 93 6.24 -21.63 14.33
N MET A 1 3.85 -35.43 29.47
CA MET A 1 3.87 -33.94 29.44
C MET A 1 3.19 -33.37 30.67
N VAL A 2 2.76 -32.11 30.58
CA VAL A 2 2.09 -31.44 31.68
C VAL A 2 1.15 -30.36 31.18
N THR A 3 -0.04 -30.28 31.77
CA THR A 3 -1.03 -29.29 31.38
C THR A 3 -1.18 -28.21 32.45
N PRO A 4 -0.32 -27.20 32.41
CA PRO A 4 -0.34 -26.09 33.39
C PRO A 4 -1.56 -25.19 33.21
N ARG A 5 -2.19 -24.82 34.32
CA ARG A 5 -3.36 -23.97 34.29
C ARG A 5 -3.41 -23.06 35.51
N GLU A 6 -2.24 -22.76 36.07
CA GLU A 6 -2.16 -21.91 37.25
C GLU A 6 -2.43 -20.45 36.89
N PRO A 7 -1.80 -19.96 35.82
CA PRO A 7 -1.97 -18.58 35.36
C PRO A 7 -3.44 -18.21 35.18
N LYS A 8 -4.22 -19.14 34.68
CA LYS A 8 -5.65 -18.91 34.46
C LYS A 8 -5.88 -17.94 33.31
N LYS A 9 -5.38 -18.30 32.12
CA LYS A 9 -5.52 -17.46 30.95
C LYS A 9 -5.98 -18.28 29.74
N ARG A 10 -6.80 -17.67 28.90
CA ARG A 10 -7.31 -18.35 27.72
C ARG A 10 -7.01 -17.54 26.46
N THR A 11 -7.41 -18.06 25.30
CA THR A 11 -7.16 -17.40 24.03
C THR A 11 -7.66 -15.96 24.07
N THR A 12 -7.04 -15.10 23.26
CA THR A 12 -7.42 -13.69 23.21
C THR A 12 -7.25 -13.15 21.78
N ARG A 13 -8.24 -12.37 21.35
CA ARG A 13 -8.21 -11.78 20.02
C ARG A 13 -8.34 -10.26 20.10
N LYS A 14 -7.22 -9.57 19.92
CA LYS A 14 -7.21 -8.11 19.97
C LYS A 14 -6.40 -7.53 18.81
N LYS A 15 -6.12 -6.23 18.89
CA LYS A 15 -5.34 -5.56 17.85
C LYS A 15 -3.91 -6.09 17.81
N LYS A 16 -3.64 -6.98 16.85
CA LYS A 16 -2.31 -7.56 16.71
C LYS A 16 -1.26 -6.48 16.54
N ASP A 17 -0.63 -6.09 17.64
CA ASP A 17 0.40 -5.06 17.62
C ASP A 17 1.76 -5.65 17.26
N PRO A 18 2.13 -6.76 17.91
CA PRO A 18 3.41 -7.44 17.67
C PRO A 18 3.64 -7.73 16.20
N ASN A 19 4.62 -8.58 15.90
CA ASN A 19 4.93 -8.95 14.53
C ASN A 19 3.66 -9.06 13.70
N ALA A 20 3.28 -7.95 13.05
CA ALA A 20 2.09 -7.93 12.22
C ALA A 20 2.33 -7.15 10.93
N PRO A 21 1.78 -7.64 9.81
CA PRO A 21 1.94 -6.99 8.51
C PRO A 21 1.18 -5.67 8.41
N LYS A 22 1.60 -4.80 7.50
CA LYS A 22 0.95 -3.51 7.32
C LYS A 22 0.35 -3.40 5.92
N ARG A 23 -0.12 -4.52 5.39
CA ARG A 23 -0.73 -4.56 4.07
C ARG A 23 0.26 -4.07 3.01
N ALA A 24 0.86 -5.01 2.29
CA ALA A 24 1.82 -4.68 1.25
C ALA A 24 1.20 -3.77 0.20
N LEU A 25 1.96 -3.47 -0.85
CA LEU A 25 1.47 -2.61 -1.93
C LEU A 25 2.32 -2.78 -3.19
N SER A 26 1.81 -2.30 -4.31
CA SER A 26 2.52 -2.40 -5.58
C SER A 26 2.76 -1.02 -6.18
N ALA A 27 3.72 -0.94 -7.09
CA ALA A 27 4.04 0.32 -7.75
C ALA A 27 2.79 0.96 -8.34
N TYR A 28 1.85 0.13 -8.75
CA TYR A 28 0.60 0.61 -9.35
C TYR A 28 -0.34 1.12 -8.27
N MET A 29 -0.28 0.51 -7.09
CA MET A 29 -1.13 0.91 -5.97
C MET A 29 -0.76 2.30 -5.47
N PHE A 30 0.52 2.62 -5.52
CA PHE A 30 0.99 3.93 -5.10
C PHE A 30 0.63 4.99 -6.12
N PHE A 31 1.06 4.79 -7.36
CA PHE A 31 0.76 5.72 -8.43
C PHE A 31 -0.74 5.80 -8.67
N ALA A 32 -1.46 4.76 -8.26
CA ALA A 32 -2.90 4.72 -8.45
C ALA A 32 -3.62 5.38 -7.27
N ASN A 33 -3.03 5.27 -6.09
CA ASN A 33 -3.61 5.85 -4.89
C ASN A 33 -3.60 7.37 -4.96
N GLU A 34 -2.59 7.92 -5.63
CA GLU A 34 -2.46 9.37 -5.78
C GLU A 34 -3.15 9.85 -7.05
N ASN A 35 -2.95 9.11 -8.14
CA ASN A 35 -3.55 9.47 -9.41
C ASN A 35 -5.06 9.32 -9.36
N ARG A 36 -5.53 8.47 -8.46
CA ARG A 36 -6.96 8.25 -8.30
C ARG A 36 -7.63 9.49 -7.74
N ASP A 37 -6.88 10.30 -7.01
CA ASP A 37 -7.39 11.52 -6.44
C ASP A 37 -7.31 12.65 -7.44
N ILE A 38 -6.28 12.63 -8.27
CA ILE A 38 -6.10 13.64 -9.30
C ILE A 38 -7.25 13.61 -10.30
N VAL A 39 -7.69 12.39 -10.65
CA VAL A 39 -8.80 12.22 -11.58
C VAL A 39 -10.12 12.49 -10.88
N ARG A 40 -10.27 11.97 -9.66
CA ARG A 40 -11.49 12.18 -8.90
C ARG A 40 -11.69 13.65 -8.57
N SER A 41 -10.59 14.40 -8.57
CA SER A 41 -10.64 15.82 -8.29
C SER A 41 -11.10 16.59 -9.53
N GLU A 42 -10.60 16.18 -10.70
CA GLU A 42 -10.96 16.81 -11.94
C GLU A 42 -12.32 16.30 -12.44
N ASN A 43 -12.79 15.23 -11.82
CA ASN A 43 -14.07 14.64 -12.19
C ASN A 43 -14.67 13.85 -11.02
N PRO A 44 -14.86 14.51 -9.87
CA PRO A 44 -15.42 13.88 -8.67
C PRO A 44 -16.74 13.18 -8.96
N ASP A 45 -17.39 13.57 -10.05
CA ASP A 45 -18.66 12.99 -10.43
C ASP A 45 -18.52 11.51 -10.72
N ILE A 46 -17.48 11.15 -11.45
CA ILE A 46 -17.23 9.74 -11.79
C ILE A 46 -16.60 8.99 -10.62
N THR A 47 -16.19 7.76 -10.86
CA THR A 47 -15.58 6.93 -9.83
C THR A 47 -14.46 6.08 -10.40
N PHE A 48 -14.00 5.11 -9.62
CA PHE A 48 -12.93 4.22 -10.05
C PHE A 48 -13.24 3.62 -11.42
N GLY A 49 -14.52 3.61 -11.78
CA GLY A 49 -14.92 3.07 -13.06
C GLY A 49 -14.03 3.52 -14.19
N GLN A 50 -13.60 4.77 -14.14
CA GLN A 50 -12.73 5.33 -15.17
C GLN A 50 -11.45 5.90 -14.55
N VAL A 51 -11.52 6.22 -13.26
CA VAL A 51 -10.37 6.76 -12.56
C VAL A 51 -9.24 5.73 -12.49
N GLY A 52 -9.57 4.52 -12.06
CA GLY A 52 -8.58 3.47 -11.99
C GLY A 52 -8.02 3.11 -13.35
N LYS A 53 -8.84 3.28 -14.39
CA LYS A 53 -8.42 2.99 -15.75
C LYS A 53 -7.49 4.09 -16.26
N LYS A 54 -7.61 5.27 -15.67
CA LYS A 54 -6.77 6.40 -16.06
C LYS A 54 -5.38 6.26 -15.46
N LEU A 55 -5.32 5.77 -14.23
CA LEU A 55 -4.06 5.55 -13.55
C LEU A 55 -3.35 4.33 -14.12
N GLY A 56 -4.14 3.41 -14.68
CA GLY A 56 -3.58 2.21 -15.25
C GLY A 56 -2.97 2.46 -16.62
N GLU A 57 -3.61 3.34 -17.40
CA GLU A 57 -3.13 3.67 -18.73
C GLU A 57 -2.01 4.71 -18.65
N LYS A 58 -2.07 5.57 -17.63
CA LYS A 58 -1.05 6.58 -17.43
C LYS A 58 0.22 5.97 -16.88
N TRP A 59 0.09 5.12 -15.89
CA TRP A 59 1.22 4.46 -15.29
C TRP A 59 1.84 3.45 -16.27
N LYS A 60 0.98 2.65 -16.90
CA LYS A 60 1.45 1.65 -17.85
C LYS A 60 2.24 2.29 -18.97
N ALA A 61 1.77 3.46 -19.42
CA ALA A 61 2.45 4.19 -20.47
C ALA A 61 3.46 5.16 -19.89
N LEU A 62 3.51 5.24 -18.57
CA LEU A 62 4.44 6.14 -17.89
C LEU A 62 5.88 5.72 -18.12
N THR A 63 6.63 6.55 -18.82
CA THR A 63 8.03 6.27 -19.13
C THR A 63 8.70 5.54 -17.96
N PRO A 64 9.59 4.58 -18.27
CA PRO A 64 10.31 3.82 -17.26
C PRO A 64 11.07 4.72 -16.28
N GLU A 65 11.27 5.97 -16.68
CA GLU A 65 11.97 6.93 -15.84
C GLU A 65 11.26 7.09 -14.51
N GLU A 66 9.94 7.23 -14.55
CA GLU A 66 9.14 7.39 -13.34
C GLU A 66 8.75 6.02 -12.78
N LYS A 67 8.55 5.05 -13.67
CA LYS A 67 8.18 3.71 -13.25
C LYS A 67 9.33 3.03 -12.52
N GLN A 68 10.53 3.57 -12.69
CA GLN A 68 11.72 3.03 -12.03
C GLN A 68 11.66 3.25 -10.53
N PRO A 69 11.57 4.51 -10.09
CA PRO A 69 11.50 4.86 -8.67
C PRO A 69 10.22 4.32 -8.01
N TYR A 70 9.12 4.38 -8.74
CA TYR A 70 7.85 3.89 -8.24
C TYR A 70 7.93 2.41 -7.90
N GLU A 71 8.33 1.61 -8.89
CA GLU A 71 8.47 0.17 -8.68
C GLU A 71 9.37 -0.13 -7.50
N ALA A 72 10.45 0.64 -7.38
CA ALA A 72 11.39 0.46 -6.27
C ALA A 72 10.72 0.73 -4.93
N LYS A 73 9.74 1.63 -4.93
CA LYS A 73 9.01 1.96 -3.73
C LYS A 73 8.09 0.81 -3.32
N ALA A 74 7.54 0.14 -4.32
CA ALA A 74 6.66 -0.99 -4.08
C ALA A 74 7.44 -2.18 -3.58
N GLN A 75 8.71 -2.26 -3.96
CA GLN A 75 9.59 -3.35 -3.53
C GLN A 75 10.01 -3.14 -2.08
N ALA A 76 10.19 -1.88 -1.69
CA ALA A 76 10.55 -1.55 -0.33
C ALA A 76 9.40 -1.77 0.61
N ASP A 77 8.19 -1.53 0.12
CA ASP A 77 6.99 -1.75 0.91
C ASP A 77 6.56 -3.20 0.85
N LYS A 78 6.98 -3.89 -0.20
CA LYS A 78 6.67 -5.30 -0.36
C LYS A 78 7.49 -6.13 0.61
N LYS A 79 8.68 -5.65 0.95
CA LYS A 79 9.55 -6.34 1.89
C LYS A 79 9.18 -5.99 3.32
N ARG A 80 8.62 -4.81 3.51
CA ARG A 80 8.20 -4.36 4.84
C ARG A 80 6.97 -5.13 5.29
N TYR A 81 6.05 -5.39 4.36
CA TYR A 81 4.83 -6.12 4.67
C TYR A 81 5.09 -7.63 4.72
N GLU A 82 5.98 -8.09 3.85
CA GLU A 82 6.33 -9.51 3.80
C GLU A 82 7.30 -9.85 4.93
N SER A 83 7.98 -8.84 5.45
CA SER A 83 8.92 -9.03 6.53
C SER A 83 8.20 -9.25 7.85
N GLU A 84 7.31 -8.33 8.19
CA GLU A 84 6.54 -8.43 9.41
C GLU A 84 5.63 -9.65 9.39
N LYS A 85 5.02 -9.91 8.24
CA LYS A 85 4.13 -11.05 8.09
C LYS A 85 4.91 -12.36 8.20
N GLU A 86 6.12 -12.38 7.67
CA GLU A 86 6.97 -13.56 7.71
C GLU A 86 7.29 -13.94 9.16
N LEU A 87 7.64 -12.94 9.97
CA LEU A 87 7.96 -13.17 11.37
C LEU A 87 6.74 -13.69 12.13
N TYR A 88 5.57 -13.13 11.82
CA TYR A 88 4.34 -13.54 12.47
C TYR A 88 4.08 -15.04 12.26
N ASN A 89 4.16 -15.47 11.02
CA ASN A 89 3.94 -16.88 10.69
C ASN A 89 4.98 -17.76 11.35
N ALA A 90 6.20 -17.23 11.48
CA ALA A 90 7.28 -17.98 12.10
C ALA A 90 7.13 -18.03 13.62
N THR A 91 6.33 -17.11 14.16
CA THR A 91 6.09 -17.05 15.59
C THR A 91 4.93 -17.96 15.99
N LEU A 92 3.94 -18.08 15.11
CA LEU A 92 2.79 -18.92 15.37
C LEU A 92 3.08 -20.37 15.01
N ALA A 93 3.38 -20.62 13.74
CA ALA A 93 3.67 -21.96 13.27
C ALA A 93 2.64 -22.97 13.78
N MET A 1 3.62 15.16 49.38
CA MET A 1 2.25 14.90 48.85
C MET A 1 2.33 14.25 47.47
N VAL A 2 3.05 13.14 47.38
CA VAL A 2 3.21 12.43 46.12
C VAL A 2 2.69 11.00 46.23
N THR A 3 1.74 10.66 45.36
CA THR A 3 1.15 9.32 45.37
C THR A 3 1.18 8.72 43.96
N PRO A 4 1.70 7.49 43.84
CA PRO A 4 1.79 6.79 42.55
C PRO A 4 0.45 6.76 41.83
N ARG A 5 0.49 6.86 40.50
CA ARG A 5 -0.72 6.85 39.69
C ARG A 5 -0.57 5.88 38.52
N GLU A 6 -1.50 4.94 38.41
CA GLU A 6 -1.48 3.95 37.34
C GLU A 6 -2.64 4.17 36.37
N PRO A 7 -2.34 4.78 35.21
CA PRO A 7 -3.36 5.06 34.19
C PRO A 7 -3.89 3.79 33.53
N LYS A 8 -5.04 3.33 34.00
CA LYS A 8 -5.66 2.13 33.45
C LYS A 8 -6.05 2.32 32.00
N LYS A 9 -5.47 1.51 31.12
CA LYS A 9 -5.76 1.60 29.69
C LYS A 9 -4.95 0.56 28.91
N ARG A 10 -5.61 -0.51 28.49
CA ARG A 10 -4.95 -1.57 27.73
C ARG A 10 -5.70 -1.85 26.42
N THR A 11 -4.95 -2.20 25.39
CA THR A 11 -5.53 -2.50 24.09
C THR A 11 -6.84 -3.28 24.24
N THR A 12 -7.66 -3.26 23.20
CA THR A 12 -8.93 -3.97 23.22
C THR A 12 -8.72 -5.48 23.26
N ARG A 13 -9.62 -6.17 23.96
CA ARG A 13 -9.52 -7.62 24.09
C ARG A 13 -9.11 -8.26 22.77
N LYS A 14 -8.37 -9.36 22.85
CA LYS A 14 -7.90 -10.06 21.67
C LYS A 14 -6.67 -9.38 21.07
N LYS A 15 -5.53 -9.56 21.74
CA LYS A 15 -4.28 -8.95 21.28
C LYS A 15 -3.52 -9.92 20.37
N LYS A 16 -4.19 -10.97 19.93
CA LYS A 16 -3.58 -11.97 19.06
C LYS A 16 -4.23 -11.96 17.67
N ASP A 17 -3.68 -11.17 16.77
CA ASP A 17 -4.21 -11.07 15.41
C ASP A 17 -3.09 -10.90 14.39
N PRO A 18 -2.77 -11.96 13.65
CA PRO A 18 -1.71 -11.92 12.62
C PRO A 18 -1.87 -10.74 11.67
N ASN A 19 -0.84 -10.50 10.87
CA ASN A 19 -0.87 -9.40 9.90
C ASN A 19 -1.18 -8.08 10.59
N ALA A 20 -0.21 -7.57 11.35
CA ALA A 20 -0.39 -6.31 12.07
C ALA A 20 -0.30 -5.13 11.11
N PRO A 21 0.82 -5.00 10.39
CA PRO A 21 1.03 -3.91 9.43
C PRO A 21 0.14 -4.03 8.21
N LYS A 22 -0.28 -2.89 7.66
CA LYS A 22 -1.14 -2.88 6.48
C LYS A 22 -0.40 -3.44 5.27
N ARG A 23 -1.07 -4.36 4.56
CA ARG A 23 -0.48 -4.98 3.38
C ARG A 23 0.08 -3.93 2.43
N ALA A 24 1.40 -3.93 2.27
CA ALA A 24 2.06 -2.97 1.39
C ALA A 24 1.40 -2.94 0.02
N LEU A 25 1.98 -2.20 -0.90
CA LEU A 25 1.46 -2.08 -2.26
C LEU A 25 2.57 -2.08 -3.29
N SER A 26 2.20 -2.17 -4.56
CA SER A 26 3.18 -2.17 -5.65
C SER A 26 3.27 -0.80 -6.30
N ALA A 27 4.24 -0.66 -7.21
CA ALA A 27 4.42 0.60 -7.92
C ALA A 27 3.11 1.08 -8.52
N TYR A 28 2.20 0.15 -8.77
CA TYR A 28 0.91 0.48 -9.36
C TYR A 28 -0.02 1.08 -8.31
N MET A 29 0.02 0.54 -7.10
CA MET A 29 -0.81 1.03 -6.01
C MET A 29 -0.37 2.42 -5.56
N PHE A 30 0.90 2.72 -5.79
CA PHE A 30 1.44 4.03 -5.43
C PHE A 30 1.00 5.09 -6.43
N PHE A 31 1.32 4.87 -7.70
CA PHE A 31 0.94 5.79 -8.76
C PHE A 31 -0.58 5.84 -8.92
N ALA A 32 -1.25 4.79 -8.46
CA ALA A 32 -2.70 4.71 -8.55
C ALA A 32 -3.36 5.34 -7.34
N ASN A 33 -2.70 5.25 -6.19
CA ASN A 33 -3.23 5.81 -4.96
C ASN A 33 -3.17 7.33 -5.00
N GLU A 34 -2.19 7.87 -5.72
CA GLU A 34 -2.03 9.31 -5.84
C GLU A 34 -2.80 9.85 -7.04
N ASN A 35 -2.71 9.13 -8.16
CA ASN A 35 -3.39 9.53 -9.38
C ASN A 35 -4.90 9.41 -9.22
N ARG A 36 -5.33 8.50 -8.37
CA ARG A 36 -6.74 8.29 -8.11
C ARG A 36 -7.34 9.49 -7.40
N ASP A 37 -6.49 10.24 -6.71
CA ASP A 37 -6.93 11.44 -5.99
C ASP A 37 -6.90 12.64 -6.90
N ILE A 38 -5.97 12.65 -7.84
CA ILE A 38 -5.85 13.74 -8.80
C ILE A 38 -7.07 13.77 -9.72
N VAL A 39 -7.52 12.59 -10.14
CA VAL A 39 -8.69 12.49 -11.01
C VAL A 39 -9.97 12.61 -10.20
N ARG A 40 -9.99 11.96 -9.03
CA ARG A 40 -11.14 12.00 -8.15
C ARG A 40 -11.34 13.41 -7.59
N SER A 41 -10.27 14.19 -7.59
CA SER A 41 -10.32 15.56 -7.11
C SER A 41 -10.85 16.49 -8.19
N GLU A 42 -10.43 16.25 -9.43
CA GLU A 42 -10.90 17.04 -10.55
C GLU A 42 -12.26 16.58 -11.03
N ASN A 43 -12.68 15.39 -10.57
CA ASN A 43 -13.97 14.85 -10.94
C ASN A 43 -14.53 13.96 -9.83
N PRO A 44 -14.78 14.55 -8.65
CA PRO A 44 -15.31 13.81 -7.50
C PRO A 44 -16.59 13.06 -7.84
N ASP A 45 -17.21 13.42 -8.95
CA ASP A 45 -18.45 12.79 -9.38
C ASP A 45 -18.19 11.34 -9.82
N ILE A 46 -17.09 11.13 -10.53
CA ILE A 46 -16.73 9.80 -11.01
C ILE A 46 -16.02 9.00 -9.91
N THR A 47 -16.05 7.68 -10.05
CA THR A 47 -15.42 6.80 -9.08
C THR A 47 -14.32 5.97 -9.73
N PHE A 48 -13.80 4.99 -8.99
CA PHE A 48 -12.74 4.14 -9.49
C PHE A 48 -13.13 3.53 -10.83
N GLY A 49 -14.43 3.47 -11.10
CA GLY A 49 -14.91 2.92 -12.36
C GLY A 49 -14.11 3.40 -13.55
N GLN A 50 -13.67 4.65 -13.49
CA GLN A 50 -12.88 5.23 -14.58
C GLN A 50 -11.57 5.81 -14.05
N VAL A 51 -11.55 6.12 -12.76
CA VAL A 51 -10.37 6.68 -12.12
C VAL A 51 -9.23 5.65 -12.10
N GLY A 52 -9.53 4.47 -11.58
CA GLY A 52 -8.54 3.41 -11.54
C GLY A 52 -8.07 3.00 -12.91
N LYS A 53 -8.96 3.07 -13.89
CA LYS A 53 -8.63 2.72 -15.25
C LYS A 53 -7.79 3.80 -15.91
N LYS A 54 -7.89 5.01 -15.38
CA LYS A 54 -7.12 6.14 -15.89
C LYS A 54 -5.69 6.06 -15.42
N LEU A 55 -5.50 5.62 -14.18
CA LEU A 55 -4.16 5.46 -13.62
C LEU A 55 -3.50 4.21 -14.15
N GLY A 56 -4.32 3.25 -14.56
CA GLY A 56 -3.80 2.02 -15.11
C GLY A 56 -3.31 2.18 -16.53
N GLU A 57 -4.00 3.00 -17.30
CA GLU A 57 -3.64 3.26 -18.68
C GLU A 57 -2.49 4.25 -18.77
N LYS A 58 -2.46 5.20 -17.84
CA LYS A 58 -1.42 6.20 -17.81
C LYS A 58 -0.11 5.61 -17.32
N TRP A 59 -0.18 4.88 -16.22
CA TRP A 59 1.00 4.25 -15.65
C TRP A 59 1.55 3.18 -16.58
N LYS A 60 0.65 2.35 -17.11
CA LYS A 60 1.04 1.29 -18.03
C LYS A 60 1.76 1.87 -19.24
N ALA A 61 1.29 3.01 -19.71
CA ALA A 61 1.88 3.68 -20.84
C ALA A 61 2.98 4.65 -20.39
N LEU A 62 3.15 4.79 -19.08
CA LEU A 62 4.16 5.67 -18.52
C LEU A 62 5.55 5.06 -18.63
N THR A 63 6.42 5.69 -19.41
CA THR A 63 7.77 5.19 -19.62
C THR A 63 8.30 4.50 -18.36
N PRO A 64 8.87 3.30 -18.52
CA PRO A 64 9.44 2.53 -17.40
C PRO A 64 10.44 3.34 -16.59
N GLU A 65 11.02 4.36 -17.23
CA GLU A 65 12.00 5.21 -16.57
C GLU A 65 11.32 6.14 -15.57
N GLU A 66 10.15 6.64 -15.94
CA GLU A 66 9.40 7.53 -15.06
C GLU A 66 8.81 6.77 -13.88
N LYS A 67 8.48 5.50 -14.11
CA LYS A 67 7.92 4.66 -13.06
C LYS A 67 9.03 3.99 -12.25
N GLN A 68 10.24 3.98 -12.80
CA GLN A 68 11.37 3.37 -12.13
C GLN A 68 11.33 3.61 -10.63
N PRO A 69 11.27 4.89 -10.22
CA PRO A 69 11.22 5.27 -8.80
C PRO A 69 10.08 4.58 -8.06
N TYR A 70 8.92 4.51 -8.70
CA TYR A 70 7.75 3.88 -8.09
C TYR A 70 8.04 2.42 -7.77
N GLU A 71 8.38 1.65 -8.79
CA GLU A 71 8.69 0.22 -8.62
C GLU A 71 9.68 0.03 -7.48
N ALA A 72 10.69 0.91 -7.42
CA ALA A 72 11.71 0.82 -6.37
C ALA A 72 11.09 1.00 -4.99
N LYS A 73 10.09 1.86 -4.91
CA LYS A 73 9.39 2.11 -3.66
C LYS A 73 8.52 0.92 -3.29
N ALA A 74 8.03 0.22 -4.30
CA ALA A 74 7.19 -0.95 -4.09
C ALA A 74 8.02 -2.11 -3.58
N GLN A 75 9.30 -2.11 -3.94
CA GLN A 75 10.22 -3.16 -3.49
C GLN A 75 10.64 -2.92 -2.05
N ALA A 76 10.82 -1.66 -1.69
CA ALA A 76 11.18 -1.29 -0.34
C ALA A 76 10.00 -1.46 0.60
N ASP A 77 8.80 -1.25 0.07
CA ASP A 77 7.59 -1.41 0.85
C ASP A 77 7.15 -2.86 0.86
N LYS A 78 7.55 -3.59 -0.17
CA LYS A 78 7.24 -5.01 -0.26
C LYS A 78 8.07 -5.82 0.72
N LYS A 79 9.27 -5.31 1.02
CA LYS A 79 10.16 -5.98 1.97
C LYS A 79 9.82 -5.56 3.39
N ARG A 80 9.27 -4.36 3.53
CA ARG A 80 8.89 -3.84 4.84
C ARG A 80 7.63 -4.53 5.36
N TYR A 81 6.73 -4.87 4.43
CA TYR A 81 5.49 -5.54 4.78
C TYR A 81 5.69 -7.05 4.90
N GLU A 82 6.55 -7.59 4.05
CA GLU A 82 6.84 -9.02 4.07
C GLU A 82 7.83 -9.36 5.17
N SER A 83 8.61 -8.36 5.57
CA SER A 83 9.59 -8.54 6.63
C SER A 83 8.93 -8.55 8.00
N GLU A 84 8.09 -7.54 8.24
CA GLU A 84 7.37 -7.43 9.50
C GLU A 84 6.35 -8.55 9.66
N LYS A 85 5.71 -8.91 8.55
CA LYS A 85 4.72 -9.98 8.56
C LYS A 85 5.38 -11.33 8.78
N GLU A 86 6.56 -11.52 8.19
CA GLU A 86 7.29 -12.76 8.34
C GLU A 86 7.73 -12.97 9.78
N LEU A 87 8.12 -11.89 10.44
CA LEU A 87 8.55 -11.95 11.83
C LEU A 87 7.38 -12.28 12.75
N TYR A 88 6.24 -11.68 12.48
CA TYR A 88 5.04 -11.91 13.28
C TYR A 88 4.62 -13.37 13.22
N ASN A 89 4.55 -13.91 12.01
CA ASN A 89 4.17 -15.30 11.81
C ASN A 89 5.10 -16.23 12.57
N ALA A 90 6.40 -15.97 12.47
CA ALA A 90 7.40 -16.78 13.16
C ALA A 90 7.26 -16.66 14.67
N THR A 91 6.73 -15.54 15.12
CA THR A 91 6.54 -15.31 16.55
C THR A 91 5.41 -16.18 17.10
N LEU A 92 4.33 -16.29 16.34
CA LEU A 92 3.19 -17.09 16.75
C LEU A 92 3.51 -18.58 16.66
N ALA A 93 4.34 -18.95 15.69
CA ALA A 93 4.73 -20.34 15.49
C ALA A 93 6.24 -20.47 15.36
N MET A 1 -22.49 -2.60 4.19
CA MET A 1 -22.44 -3.90 3.47
C MET A 1 -23.67 -4.75 3.79
N VAL A 2 -24.84 -4.12 3.77
CA VAL A 2 -26.08 -4.82 4.05
C VAL A 2 -26.02 -5.55 5.39
N THR A 3 -26.22 -4.81 6.47
CA THR A 3 -26.19 -5.39 7.80
C THR A 3 -27.08 -4.61 8.77
N PRO A 4 -27.98 -5.30 9.47
CA PRO A 4 -28.90 -4.67 10.43
C PRO A 4 -28.18 -4.17 11.67
N ARG A 5 -26.89 -4.49 11.78
CA ARG A 5 -26.10 -4.07 12.93
C ARG A 5 -25.14 -2.95 12.53
N GLU A 6 -24.49 -2.36 13.54
CA GLU A 6 -23.54 -1.28 13.29
C GLU A 6 -24.14 -0.23 12.37
N PRO A 7 -24.65 0.88 12.94
CA PRO A 7 -25.26 1.96 12.17
C PRO A 7 -24.23 2.74 11.35
N LYS A 8 -23.06 2.96 11.95
CA LYS A 8 -21.99 3.69 11.28
C LYS A 8 -20.84 3.97 12.24
N LYS A 9 -21.17 4.24 13.49
CA LYS A 9 -20.17 4.53 14.51
C LYS A 9 -19.16 3.38 14.61
N ARG A 10 -17.88 3.73 14.49
CA ARG A 10 -16.81 2.74 14.56
C ARG A 10 -15.47 3.40 14.88
N THR A 11 -15.52 4.46 15.68
CA THR A 11 -14.32 5.19 16.08
C THR A 11 -13.90 4.81 17.50
N THR A 12 -14.79 4.15 18.22
CA THR A 12 -14.51 3.74 19.59
C THR A 12 -13.78 2.41 19.62
N ARG A 13 -14.33 1.42 18.94
CA ARG A 13 -13.73 0.09 18.89
C ARG A 13 -12.37 0.14 18.20
N LYS A 14 -11.36 -0.42 18.86
CA LYS A 14 -10.01 -0.44 18.30
C LYS A 14 -9.38 -1.82 18.46
N LYS A 15 -8.67 -2.27 17.44
CA LYS A 15 -8.01 -3.57 17.46
C LYS A 15 -6.70 -3.49 18.22
N LYS A 16 -6.29 -4.63 18.78
CA LYS A 16 -5.04 -4.69 19.54
C LYS A 16 -4.24 -5.94 19.19
N ASP A 17 -4.55 -6.52 18.02
CA ASP A 17 -3.87 -7.73 17.57
C ASP A 17 -2.36 -7.49 17.49
N PRO A 18 -1.58 -8.50 17.88
CA PRO A 18 -0.11 -8.42 17.86
C PRO A 18 0.43 -7.99 16.50
N ASN A 19 1.74 -8.05 16.34
CA ASN A 19 2.37 -7.67 15.08
C ASN A 19 1.61 -8.24 13.89
N ALA A 20 0.98 -7.36 13.12
CA ALA A 20 0.21 -7.78 11.95
C ALA A 20 0.24 -6.71 10.86
N PRO A 21 1.06 -6.92 9.83
CA PRO A 21 1.18 -5.97 8.71
C PRO A 21 -0.08 -5.92 7.84
N LYS A 22 -0.12 -4.95 6.94
CA LYS A 22 -1.27 -4.80 6.04
C LYS A 22 -0.91 -5.24 4.63
N ARG A 23 -1.94 -5.40 3.79
CA ARG A 23 -1.74 -5.83 2.41
C ARG A 23 -0.99 -4.76 1.63
N ALA A 24 0.34 -4.86 1.62
CA ALA A 24 1.17 -3.90 0.90
C ALA A 24 0.66 -3.67 -0.51
N LEU A 25 1.22 -2.68 -1.19
CA LEU A 25 0.82 -2.35 -2.55
C LEU A 25 2.02 -2.37 -3.49
N SER A 26 1.75 -2.24 -4.79
CA SER A 26 2.80 -2.24 -5.80
C SER A 26 2.99 -0.85 -6.39
N ALA A 27 3.99 -0.71 -7.25
CA ALA A 27 4.28 0.57 -7.88
C ALA A 27 3.03 1.14 -8.54
N TYR A 28 2.08 0.27 -8.87
CA TYR A 28 0.85 0.68 -9.50
C TYR A 28 -0.12 1.27 -8.47
N MET A 29 -0.15 0.68 -7.29
CA MET A 29 -1.01 1.15 -6.22
C MET A 29 -0.52 2.49 -5.67
N PHE A 30 0.76 2.75 -5.83
CA PHE A 30 1.36 3.99 -5.36
C PHE A 30 1.02 5.13 -6.32
N PHE A 31 1.38 4.96 -7.59
CA PHE A 31 1.12 5.96 -8.61
C PHE A 31 -0.39 6.06 -8.88
N ALA A 32 -1.12 5.01 -8.54
CA ALA A 32 -2.55 4.97 -8.75
C ALA A 32 -3.29 5.55 -7.55
N ASN A 33 -2.74 5.35 -6.38
CA ASN A 33 -3.35 5.86 -5.15
C ASN A 33 -3.22 7.38 -5.06
N GLU A 34 -2.17 7.91 -5.67
CA GLU A 34 -1.94 9.35 -5.65
C GLU A 34 -2.60 10.02 -6.85
N ASN A 35 -2.41 9.43 -8.04
CA ASN A 35 -3.00 9.97 -9.25
C ASN A 35 -4.50 9.82 -9.24
N ARG A 36 -4.98 8.81 -8.53
CA ARG A 36 -6.42 8.57 -8.42
C ARG A 36 -7.09 9.68 -7.62
N ASP A 37 -6.32 10.33 -6.76
CA ASP A 37 -6.83 11.42 -5.95
C ASP A 37 -6.79 12.72 -6.72
N ILE A 38 -5.79 12.87 -7.58
CA ILE A 38 -5.66 14.06 -8.40
C ILE A 38 -6.82 14.16 -9.38
N VAL A 39 -7.22 13.02 -9.94
CA VAL A 39 -8.34 12.97 -10.88
C VAL A 39 -9.67 13.09 -10.15
N ARG A 40 -9.77 12.42 -9.01
CA ARG A 40 -10.98 12.47 -8.21
C ARG A 40 -11.27 13.89 -7.75
N SER A 41 -10.21 14.65 -7.49
CA SER A 41 -10.35 16.03 -7.08
C SER A 41 -10.80 16.91 -8.24
N GLU A 42 -10.27 16.63 -9.41
CA GLU A 42 -10.62 17.38 -10.61
C GLU A 42 -11.98 16.93 -11.15
N ASN A 43 -12.45 15.78 -10.67
CA ASN A 43 -13.74 15.26 -11.09
C ASN A 43 -14.32 14.33 -10.02
N PRO A 44 -14.89 14.92 -8.95
CA PRO A 44 -15.49 14.14 -7.86
C PRO A 44 -16.77 13.42 -8.29
N ASP A 45 -17.22 13.71 -9.50
CA ASP A 45 -18.43 13.09 -10.03
C ASP A 45 -18.20 11.60 -10.30
N ILE A 46 -16.95 11.25 -10.59
CA ILE A 46 -16.60 9.85 -10.86
C ILE A 46 -15.85 9.23 -9.69
N THR A 47 -15.10 8.17 -9.96
CA THR A 47 -14.33 7.49 -8.93
C THR A 47 -13.41 6.44 -9.54
N PHE A 48 -12.85 5.59 -8.69
CA PHE A 48 -11.95 4.54 -9.14
C PHE A 48 -12.52 3.82 -10.36
N GLY A 49 -13.85 3.82 -10.47
CA GLY A 49 -14.50 3.17 -11.58
C GLY A 49 -13.73 3.33 -12.88
N GLN A 50 -13.27 4.54 -13.14
CA GLN A 50 -12.51 4.82 -14.36
C GLN A 50 -11.20 5.55 -14.03
N VAL A 51 -11.06 5.95 -12.78
CA VAL A 51 -9.86 6.65 -12.34
C VAL A 51 -8.72 5.68 -12.08
N GLY A 52 -9.05 4.53 -11.52
CA GLY A 52 -8.04 3.52 -11.23
C GLY A 52 -7.65 2.76 -12.48
N LYS A 53 -8.61 2.51 -13.37
CA LYS A 53 -8.34 1.78 -14.60
C LYS A 53 -7.72 2.70 -15.64
N LYS A 54 -8.02 4.00 -15.53
CA LYS A 54 -7.48 4.98 -16.44
C LYS A 54 -6.03 5.30 -16.09
N LEU A 55 -5.78 5.51 -14.81
CA LEU A 55 -4.44 5.77 -14.34
C LEU A 55 -3.56 4.54 -14.49
N GLY A 56 -4.17 3.37 -14.36
CA GLY A 56 -3.44 2.13 -14.52
C GLY A 56 -2.94 1.94 -15.93
N GLU A 57 -3.80 2.22 -16.90
CA GLU A 57 -3.43 2.12 -18.30
C GLU A 57 -2.33 3.10 -18.64
N LYS A 58 -2.39 4.28 -18.04
CA LYS A 58 -1.38 5.31 -18.24
C LYS A 58 -0.06 4.88 -17.63
N TRP A 59 -0.14 4.14 -16.54
CA TRP A 59 1.06 3.64 -15.88
C TRP A 59 1.77 2.60 -16.74
N LYS A 60 0.99 1.69 -17.32
CA LYS A 60 1.54 0.65 -18.18
C LYS A 60 2.30 1.27 -19.34
N ALA A 61 1.76 2.36 -19.87
CA ALA A 61 2.40 3.05 -20.98
C ALA A 61 3.28 4.20 -20.48
N LEU A 62 3.31 4.38 -19.16
CA LEU A 62 4.11 5.44 -18.55
C LEU A 62 5.61 5.16 -18.71
N THR A 63 6.31 6.07 -19.37
CA THR A 63 7.74 5.92 -19.60
C THR A 63 8.41 5.22 -18.42
N PRO A 64 9.34 4.30 -18.70
CA PRO A 64 10.07 3.56 -17.68
C PRO A 64 10.82 4.48 -16.73
N GLU A 65 11.05 5.72 -17.18
CA GLU A 65 11.76 6.70 -16.36
C GLU A 65 11.04 6.92 -15.04
N GLU A 66 9.71 6.97 -15.08
CA GLU A 66 8.91 7.15 -13.89
C GLU A 66 8.54 5.81 -13.27
N LYS A 67 8.40 4.81 -14.12
CA LYS A 67 8.05 3.46 -13.65
C LYS A 67 9.20 2.86 -12.85
N GLN A 68 10.40 3.42 -13.03
CA GLN A 68 11.58 2.93 -12.31
C GLN A 68 11.52 3.34 -10.85
N PRO A 69 11.48 4.66 -10.57
CA PRO A 69 11.40 5.18 -9.20
C PRO A 69 10.24 4.58 -8.43
N TYR A 70 9.06 4.54 -9.06
CA TYR A 70 7.87 3.98 -8.43
C TYR A 70 8.10 2.52 -8.05
N GLU A 71 8.51 1.72 -9.02
CA GLU A 71 8.78 0.31 -8.78
C GLU A 71 9.72 0.12 -7.59
N ALA A 72 10.69 1.02 -7.48
CA ALA A 72 11.65 0.97 -6.38
C ALA A 72 10.95 1.19 -5.03
N LYS A 73 9.95 2.06 -5.04
CA LYS A 73 9.19 2.34 -3.83
C LYS A 73 8.34 1.15 -3.44
N ALA A 74 7.83 0.46 -4.44
CA ALA A 74 7.01 -0.73 -4.20
C ALA A 74 7.85 -1.87 -3.67
N GLN A 75 9.13 -1.88 -4.04
CA GLN A 75 10.06 -2.90 -3.58
C GLN A 75 10.43 -2.68 -2.12
N ALA A 76 10.55 -1.41 -1.73
CA ALA A 76 10.85 -1.06 -0.36
C ALA A 76 9.69 -1.36 0.55
N ASP A 77 8.48 -1.19 0.02
CA ASP A 77 7.28 -1.47 0.78
C ASP A 77 6.92 -2.94 0.69
N LYS A 78 7.44 -3.61 -0.34
CA LYS A 78 7.21 -5.03 -0.52
C LYS A 78 8.01 -5.83 0.49
N LYS A 79 9.16 -5.29 0.89
CA LYS A 79 10.01 -5.95 1.88
C LYS A 79 9.52 -5.65 3.29
N ARG A 80 8.87 -4.50 3.46
CA ARG A 80 8.34 -4.11 4.75
C ARG A 80 7.12 -4.94 5.12
N TYR A 81 6.28 -5.21 4.11
CA TYR A 81 5.07 -6.00 4.33
C TYR A 81 5.41 -7.48 4.43
N GLU A 82 6.39 -7.92 3.64
CA GLU A 82 6.81 -9.31 3.65
C GLU A 82 7.70 -9.58 4.85
N SER A 83 8.29 -8.53 5.40
CA SER A 83 9.15 -8.67 6.56
C SER A 83 8.34 -8.88 7.82
N GLU A 84 7.37 -8.00 8.05
CA GLU A 84 6.51 -8.11 9.22
C GLU A 84 5.67 -9.39 9.17
N LYS A 85 5.17 -9.71 7.98
CA LYS A 85 4.37 -10.92 7.81
C LYS A 85 5.21 -12.17 8.01
N GLU A 86 6.46 -12.12 7.56
CA GLU A 86 7.37 -13.25 7.71
C GLU A 86 7.66 -13.54 9.17
N LEU A 87 7.79 -12.48 9.96
CA LEU A 87 8.06 -12.61 11.39
C LEU A 87 6.86 -13.21 12.11
N TYR A 88 5.66 -12.78 11.74
CA TYR A 88 4.44 -13.28 12.35
C TYR A 88 4.29 -14.79 12.12
N ASN A 89 4.44 -15.21 10.87
CA ASN A 89 4.32 -16.61 10.50
C ASN A 89 5.48 -17.42 11.10
N ALA A 90 6.62 -16.76 11.26
CA ALA A 90 7.80 -17.43 11.82
C ALA A 90 7.69 -17.57 13.33
N THR A 91 6.82 -16.75 13.93
CA THR A 91 6.63 -16.79 15.38
C THR A 91 5.35 -17.54 15.74
N LEU A 92 4.49 -17.76 14.73
CA LEU A 92 3.24 -18.47 14.93
C LEU A 92 3.26 -19.81 14.21
N ALA A 93 3.39 -19.77 12.90
CA ALA A 93 3.43 -20.98 12.09
C ALA A 93 4.78 -21.67 12.16
N MET A 1 -13.47 19.85 19.29
CA MET A 1 -14.26 20.56 18.25
C MET A 1 -14.22 19.81 16.92
N VAL A 2 -13.18 20.05 16.14
CA VAL A 2 -13.03 19.40 14.86
C VAL A 2 -11.56 19.05 14.58
N THR A 3 -10.81 18.86 15.66
CA THR A 3 -9.39 18.51 15.54
C THR A 3 -8.96 17.57 16.66
N PRO A 4 -9.65 16.42 16.79
CA PRO A 4 -9.35 15.43 17.82
C PRO A 4 -8.02 14.72 17.56
N ARG A 5 -7.11 14.79 18.54
CA ARG A 5 -5.81 14.16 18.42
C ARG A 5 -5.96 12.67 18.08
N GLU A 6 -4.96 12.14 17.38
CA GLU A 6 -4.98 10.73 16.98
C GLU A 6 -3.57 10.16 16.95
N PRO A 7 -2.86 10.24 18.09
CA PRO A 7 -1.48 9.73 18.20
C PRO A 7 -1.37 8.27 17.74
N LYS A 8 -2.00 7.37 18.49
CA LYS A 8 -1.96 5.95 18.16
C LYS A 8 -3.20 5.23 18.69
N LYS A 9 -3.06 3.94 18.94
CA LYS A 9 -4.17 3.15 19.45
C LYS A 9 -5.45 3.42 18.67
N ARG A 10 -5.31 3.60 17.36
CA ARG A 10 -6.46 3.87 16.50
C ARG A 10 -7.57 2.86 16.73
N THR A 11 -7.26 1.59 16.50
CA THR A 11 -8.24 0.52 16.68
C THR A 11 -9.01 0.71 17.99
N THR A 12 -10.19 1.30 17.89
CA THR A 12 -11.02 1.53 19.06
C THR A 12 -11.24 0.24 19.84
N ARG A 13 -11.99 -0.69 19.24
CA ARG A 13 -12.28 -1.97 19.87
C ARG A 13 -11.64 -3.12 19.11
N LYS A 14 -11.84 -4.34 19.59
CA LYS A 14 -11.28 -5.52 18.94
C LYS A 14 -9.76 -5.43 18.87
N LYS A 15 -9.09 -6.55 19.10
CA LYS A 15 -7.63 -6.60 19.05
C LYS A 15 -7.15 -7.85 18.33
N LYS A 16 -6.67 -7.66 17.10
CA LYS A 16 -6.17 -8.78 16.30
C LYS A 16 -5.00 -9.47 16.99
N ASP A 17 -3.80 -8.95 16.79
CA ASP A 17 -2.61 -9.52 17.40
C ASP A 17 -1.36 -8.75 16.98
N PRO A 18 -0.43 -8.52 17.93
CA PRO A 18 0.81 -7.79 17.67
C PRO A 18 1.57 -8.34 16.46
N ASN A 19 2.71 -7.74 16.16
CA ASN A 19 3.53 -8.18 15.03
C ASN A 19 2.67 -8.45 13.80
N ALA A 20 2.34 -7.38 13.08
CA ALA A 20 1.52 -7.50 11.88
C ALA A 20 1.90 -6.45 10.85
N PRO A 21 2.03 -6.86 9.57
CA PRO A 21 2.39 -5.95 8.48
C PRO A 21 1.28 -4.97 8.15
N LYS A 22 1.59 -4.01 7.27
CA LYS A 22 0.61 -3.00 6.88
C LYS A 22 0.18 -3.21 5.42
N ARG A 23 0.20 -4.46 4.98
CA ARG A 23 -0.19 -4.78 3.61
C ARG A 23 0.73 -4.10 2.60
N ALA A 24 1.50 -4.91 1.88
CA ALA A 24 2.43 -4.38 0.88
C ALA A 24 1.67 -3.77 -0.30
N LEU A 25 2.39 -3.03 -1.13
CA LEU A 25 1.78 -2.40 -2.30
C LEU A 25 2.75 -2.37 -3.47
N SER A 26 2.22 -2.26 -4.68
CA SER A 26 3.04 -2.22 -5.88
C SER A 26 3.18 -0.79 -6.41
N ALA A 27 4.20 -0.57 -7.23
CA ALA A 27 4.44 0.75 -7.80
C ALA A 27 3.16 1.33 -8.40
N TYR A 28 2.28 0.45 -8.86
CA TYR A 28 1.02 0.87 -9.46
C TYR A 28 0.05 1.36 -8.40
N MET A 29 0.03 0.68 -7.25
CA MET A 29 -0.85 1.04 -6.15
C MET A 29 -0.51 2.41 -5.61
N PHE A 30 0.77 2.75 -5.63
CA PHE A 30 1.24 4.05 -5.15
C PHE A 30 0.82 5.15 -6.10
N PHE A 31 1.24 5.05 -7.36
CA PHE A 31 0.90 6.04 -8.37
C PHE A 31 -0.59 5.99 -8.70
N ALA A 32 -1.26 4.92 -8.25
CA ALA A 32 -2.68 4.76 -8.49
C ALA A 32 -3.49 5.41 -7.36
N ASN A 33 -2.94 5.36 -6.15
CA ASN A 33 -3.60 5.95 -4.99
C ASN A 33 -3.52 7.47 -5.04
N GLU A 34 -2.47 7.99 -5.68
CA GLU A 34 -2.29 9.43 -5.80
C GLU A 34 -2.96 9.96 -7.06
N ASN A 35 -2.79 9.24 -8.18
CA ASN A 35 -3.38 9.64 -9.44
C ASN A 35 -4.88 9.48 -9.40
N ARG A 36 -5.34 8.51 -8.63
CA ARG A 36 -6.77 8.26 -8.49
C ARG A 36 -7.47 9.44 -7.83
N ASP A 37 -6.71 10.20 -7.04
CA ASP A 37 -7.25 11.37 -6.37
C ASP A 37 -7.18 12.59 -7.28
N ILE A 38 -6.14 12.64 -8.10
CA ILE A 38 -5.97 13.73 -9.04
C ILE A 38 -7.09 13.75 -10.06
N VAL A 39 -7.49 12.56 -10.52
CA VAL A 39 -8.57 12.43 -11.48
C VAL A 39 -9.92 12.60 -10.79
N ARG A 40 -10.07 12.01 -9.61
CA ARG A 40 -11.30 12.11 -8.84
C ARG A 40 -11.55 13.54 -8.41
N SER A 41 -10.47 14.32 -8.31
CA SER A 41 -10.58 15.72 -7.94
C SER A 41 -11.02 16.56 -9.12
N GLU A 42 -10.49 16.24 -10.30
CA GLU A 42 -10.85 16.96 -11.52
C GLU A 42 -12.19 16.48 -12.04
N ASN A 43 -12.66 15.34 -11.54
CA ASN A 43 -13.94 14.79 -11.95
C ASN A 43 -14.60 14.02 -10.82
N PRO A 44 -15.13 14.75 -9.82
CA PRO A 44 -15.80 14.14 -8.67
C PRO A 44 -17.11 13.47 -9.05
N ASP A 45 -17.50 13.60 -10.31
CA ASP A 45 -18.74 13.00 -10.79
C ASP A 45 -18.54 11.54 -11.13
N ILE A 46 -17.28 11.14 -11.32
CA ILE A 46 -16.95 9.75 -11.64
C ILE A 46 -16.26 9.06 -10.47
N THR A 47 -15.79 7.84 -10.70
CA THR A 47 -15.12 7.08 -9.67
C THR A 47 -14.09 6.14 -10.28
N PHE A 48 -13.59 5.20 -9.46
CA PHE A 48 -12.60 4.24 -9.93
C PHE A 48 -13.00 3.64 -11.26
N GLY A 49 -14.31 3.57 -11.51
CA GLY A 49 -14.80 3.01 -12.75
C GLY A 49 -13.92 3.37 -13.93
N GLN A 50 -13.48 4.62 -13.99
CA GLN A 50 -12.62 5.07 -15.07
C GLN A 50 -11.36 5.76 -14.53
N VAL A 51 -11.36 5.99 -13.22
CA VAL A 51 -10.22 6.63 -12.57
C VAL A 51 -9.05 5.66 -12.44
N GLY A 52 -9.35 4.44 -12.00
CA GLY A 52 -8.32 3.43 -11.85
C GLY A 52 -7.81 2.92 -13.17
N LYS A 53 -8.69 2.90 -14.17
CA LYS A 53 -8.33 2.42 -15.50
C LYS A 53 -7.63 3.51 -16.29
N LYS A 54 -7.90 4.77 -15.92
CA LYS A 54 -7.28 5.91 -16.57
C LYS A 54 -5.85 6.09 -16.10
N LEU A 55 -5.65 6.00 -14.80
CA LEU A 55 -4.32 6.11 -14.22
C LEU A 55 -3.50 4.87 -14.51
N GLY A 56 -4.18 3.72 -14.61
CA GLY A 56 -3.51 2.48 -14.90
C GLY A 56 -3.07 2.38 -16.34
N GLU A 57 -3.83 3.03 -17.23
CA GLU A 57 -3.50 3.04 -18.65
C GLU A 57 -2.30 3.94 -18.93
N LYS A 58 -2.29 5.11 -18.29
CA LYS A 58 -1.19 6.03 -18.43
C LYS A 58 0.08 5.44 -17.87
N TRP A 59 -0.05 4.72 -16.76
CA TRP A 59 1.08 4.06 -16.15
C TRP A 59 1.55 2.89 -16.99
N LYS A 60 0.61 2.21 -17.62
CA LYS A 60 0.92 1.06 -18.46
C LYS A 60 1.82 1.48 -19.62
N ALA A 61 1.70 2.73 -20.04
CA ALA A 61 2.49 3.26 -21.14
C ALA A 61 3.36 4.43 -20.68
N LEU A 62 3.43 4.64 -19.37
CA LEU A 62 4.22 5.74 -18.81
C LEU A 62 5.71 5.45 -18.92
N THR A 63 6.52 6.50 -18.83
CA THR A 63 7.96 6.37 -18.94
C THR A 63 8.52 5.55 -17.78
N PRO A 64 8.99 4.33 -18.07
CA PRO A 64 9.56 3.44 -17.04
C PRO A 64 10.63 4.15 -16.21
N GLU A 65 11.16 5.24 -16.73
CA GLU A 65 12.18 6.00 -16.04
C GLU A 65 11.58 6.83 -14.91
N GLU A 66 10.45 7.46 -15.19
CA GLU A 66 9.77 8.28 -14.20
C GLU A 66 9.14 7.42 -13.12
N LYS A 67 8.72 6.22 -13.50
CA LYS A 67 8.09 5.29 -12.56
C LYS A 67 9.15 4.44 -11.86
N GLN A 68 10.35 4.40 -12.43
CA GLN A 68 11.45 3.63 -11.85
C GLN A 68 11.43 3.72 -10.33
N PRO A 69 11.48 4.94 -9.79
CA PRO A 69 11.46 5.17 -8.34
C PRO A 69 10.27 4.51 -7.66
N TYR A 70 9.11 4.60 -8.31
CA TYR A 70 7.89 4.01 -7.78
C TYR A 70 8.08 2.52 -7.54
N GLU A 71 8.48 1.80 -8.58
CA GLU A 71 8.73 0.37 -8.48
C GLU A 71 9.66 0.06 -7.32
N ALA A 72 10.67 0.90 -7.14
CA ALA A 72 11.63 0.73 -6.06
C ALA A 72 10.96 0.88 -4.70
N LYS A 73 9.96 1.75 -4.64
CA LYS A 73 9.22 1.97 -3.41
C LYS A 73 8.33 0.79 -3.10
N ALA A 74 7.82 0.15 -4.14
CA ALA A 74 6.97 -1.02 -3.97
C ALA A 74 7.78 -2.21 -3.49
N GLN A 75 9.05 -2.24 -3.88
CA GLN A 75 9.94 -3.31 -3.46
C GLN A 75 10.33 -3.14 -1.99
N ALA A 76 10.50 -1.90 -1.57
CA ALA A 76 10.82 -1.61 -0.19
C ALA A 76 9.64 -1.88 0.71
N ASP A 77 8.44 -1.61 0.20
CA ASP A 77 7.22 -1.86 0.94
C ASP A 77 6.86 -3.34 0.87
N LYS A 78 7.34 -4.01 -0.16
CA LYS A 78 7.09 -5.43 -0.32
C LYS A 78 7.90 -6.23 0.68
N LYS A 79 9.06 -5.70 1.06
CA LYS A 79 9.92 -6.35 2.04
C LYS A 79 9.44 -6.06 3.45
N ARG A 80 8.82 -4.89 3.63
CA ARG A 80 8.30 -4.50 4.94
C ARG A 80 7.07 -5.31 5.30
N TYR A 81 6.23 -5.58 4.30
CA TYR A 81 5.01 -6.35 4.51
C TYR A 81 5.32 -7.84 4.60
N GLU A 82 6.31 -8.29 3.83
CA GLU A 82 6.72 -9.68 3.83
C GLU A 82 7.58 -9.99 5.04
N SER A 83 8.22 -8.97 5.57
CA SER A 83 9.08 -9.12 6.73
C SER A 83 8.25 -9.29 8.00
N GLU A 84 7.29 -8.40 8.20
CA GLU A 84 6.41 -8.45 9.36
C GLU A 84 5.55 -9.70 9.33
N LYS A 85 5.04 -10.05 8.13
CA LYS A 85 4.21 -11.23 7.97
C LYS A 85 5.01 -12.50 8.25
N GLU A 86 6.28 -12.51 7.81
CA GLU A 86 7.15 -13.65 8.01
C GLU A 86 7.32 -13.94 9.51
N LEU A 87 7.60 -12.90 10.28
CA LEU A 87 7.79 -13.04 11.71
C LEU A 87 6.52 -13.57 12.38
N TYR A 88 5.37 -13.06 11.92
CA TYR A 88 4.08 -13.48 12.46
C TYR A 88 3.93 -15.00 12.37
N ASN A 89 4.15 -15.54 11.18
CA ASN A 89 4.03 -16.99 10.97
C ASN A 89 5.03 -17.74 11.82
N ALA A 90 6.21 -17.16 12.01
CA ALA A 90 7.25 -17.79 12.82
C ALA A 90 6.91 -17.73 14.30
N THR A 91 6.01 -16.83 14.66
CA THR A 91 5.59 -16.67 16.05
C THR A 91 4.34 -17.51 16.34
N LEU A 92 3.57 -17.79 15.29
CA LEU A 92 2.35 -18.58 15.44
C LEU A 92 2.67 -20.07 15.53
N ALA A 93 3.37 -20.58 14.53
CA ALA A 93 3.75 -21.99 14.51
C ALA A 93 4.62 -22.35 15.70
N MET A 1 -34.58 -11.07 13.63
CA MET A 1 -34.92 -11.98 14.76
C MET A 1 -33.77 -12.07 15.75
N VAL A 2 -32.55 -12.15 15.23
CA VAL A 2 -31.37 -12.25 16.07
C VAL A 2 -30.38 -11.13 15.76
N THR A 3 -30.89 -9.90 15.68
CA THR A 3 -30.05 -8.74 15.39
C THR A 3 -29.95 -7.83 16.60
N PRO A 4 -28.83 -7.92 17.34
CA PRO A 4 -28.60 -7.09 18.54
C PRO A 4 -28.37 -5.63 18.18
N ARG A 5 -28.78 -4.74 19.09
CA ARG A 5 -28.62 -3.31 18.88
C ARG A 5 -28.36 -2.59 20.20
N GLU A 6 -27.54 -1.56 20.15
CA GLU A 6 -27.20 -0.78 21.34
C GLU A 6 -26.54 0.54 20.97
N PRO A 7 -27.35 1.59 20.76
CA PRO A 7 -26.84 2.91 20.39
C PRO A 7 -25.77 3.41 21.35
N LYS A 8 -25.13 4.52 20.99
CA LYS A 8 -24.08 5.09 21.82
C LYS A 8 -22.99 4.08 22.13
N LYS A 9 -22.40 3.52 21.07
CA LYS A 9 -21.35 2.52 21.23
C LYS A 9 -19.99 3.11 20.85
N ARG A 10 -19.92 3.71 19.67
CA ARG A 10 -18.68 4.32 19.18
C ARG A 10 -17.56 3.28 19.15
N THR A 11 -17.11 2.95 17.94
CA THR A 11 -16.05 1.97 17.76
C THR A 11 -15.02 2.47 16.75
N THR A 12 -14.18 3.42 17.17
CA THR A 12 -13.16 3.98 16.32
C THR A 12 -11.82 4.06 17.04
N ARG A 13 -11.73 3.39 18.18
CA ARG A 13 -10.50 3.38 18.98
C ARG A 13 -9.34 2.82 18.17
N LYS A 14 -8.13 3.01 18.68
CA LYS A 14 -6.93 2.52 18.01
C LYS A 14 -6.43 1.23 18.65
N LYS A 15 -6.62 0.11 17.96
CA LYS A 15 -6.19 -1.18 18.47
C LYS A 15 -4.68 -1.34 18.36
N LYS A 16 -4.10 -2.15 19.24
CA LYS A 16 -2.66 -2.38 19.24
C LYS A 16 -2.35 -3.88 19.27
N ASP A 17 -2.08 -4.44 18.10
CA ASP A 17 -1.76 -5.86 17.99
C ASP A 17 -0.28 -6.07 17.66
N PRO A 18 0.29 -7.18 18.14
CA PRO A 18 1.70 -7.50 17.89
C PRO A 18 2.06 -7.45 16.41
N ASN A 19 3.31 -7.78 16.10
CA ASN A 19 3.78 -7.77 14.72
C ASN A 19 2.72 -8.32 13.77
N ALA A 20 2.06 -7.43 13.04
CA ALA A 20 1.02 -7.83 12.10
C ALA A 20 1.32 -7.31 10.70
N PRO A 21 0.71 -7.93 9.68
CA PRO A 21 0.90 -7.54 8.28
C PRO A 21 0.68 -6.05 8.06
N LYS A 22 1.49 -5.46 7.19
CA LYS A 22 1.38 -4.03 6.88
C LYS A 22 0.80 -3.81 5.49
N ARG A 23 0.04 -4.79 5.01
CA ARG A 23 -0.56 -4.71 3.69
C ARG A 23 0.43 -4.20 2.65
N ALA A 24 1.02 -5.13 1.89
CA ALA A 24 1.99 -4.78 0.87
C ALA A 24 1.37 -3.88 -0.19
N LEU A 25 2.21 -3.34 -1.07
CA LEU A 25 1.75 -2.46 -2.14
C LEU A 25 2.59 -2.62 -3.39
N SER A 26 2.17 -2.00 -4.48
CA SER A 26 2.90 -2.07 -5.75
C SER A 26 3.05 -0.68 -6.36
N ALA A 27 4.05 -0.54 -7.23
CA ALA A 27 4.30 0.73 -7.90
C ALA A 27 3.02 1.30 -8.50
N TYR A 28 2.11 0.40 -8.88
CA TYR A 28 0.84 0.81 -9.46
C TYR A 28 -0.12 1.34 -8.41
N MET A 29 -0.10 0.70 -7.23
CA MET A 29 -0.97 1.10 -6.13
C MET A 29 -0.59 2.49 -5.63
N PHE A 30 0.70 2.80 -5.68
CA PHE A 30 1.19 4.10 -5.23
C PHE A 30 0.80 5.19 -6.22
N PHE A 31 1.19 5.02 -7.47
CA PHE A 31 0.88 5.98 -8.52
C PHE A 31 -0.62 5.99 -8.80
N ALA A 32 -1.32 4.94 -8.35
CA ALA A 32 -2.76 4.83 -8.55
C ALA A 32 -3.51 5.50 -7.41
N ASN A 33 -2.93 5.46 -6.22
CA ASN A 33 -3.55 6.07 -5.05
C ASN A 33 -3.47 7.58 -5.13
N GLU A 34 -2.43 8.09 -5.80
CA GLU A 34 -2.24 9.52 -5.95
C GLU A 34 -2.93 10.03 -7.21
N ASN A 35 -2.77 9.29 -8.30
CA ASN A 35 -3.38 9.65 -9.57
C ASN A 35 -4.89 9.52 -9.51
N ARG A 36 -5.36 8.62 -8.67
CA ARG A 36 -6.79 8.40 -8.50
C ARG A 36 -7.44 9.60 -7.82
N ASP A 37 -6.64 10.36 -7.09
CA ASP A 37 -7.13 11.54 -6.40
C ASP A 37 -7.08 12.75 -7.32
N ILE A 38 -6.09 12.78 -8.20
CA ILE A 38 -5.95 13.86 -9.16
C ILE A 38 -7.12 13.88 -10.13
N VAL A 39 -7.55 12.69 -10.55
CA VAL A 39 -8.68 12.56 -11.47
C VAL A 39 -9.99 12.72 -10.71
N ARG A 40 -10.07 12.12 -9.52
CA ARG A 40 -11.26 12.22 -8.70
C ARG A 40 -11.47 13.65 -8.21
N SER A 41 -10.40 14.42 -8.20
CA SER A 41 -10.46 15.81 -7.78
C SER A 41 -10.96 16.68 -8.91
N GLU A 42 -10.51 16.39 -10.13
CA GLU A 42 -10.93 17.14 -11.30
C GLU A 42 -12.26 16.64 -11.81
N ASN A 43 -12.70 15.49 -11.31
CA ASN A 43 -13.97 14.91 -11.72
C ASN A 43 -14.51 13.98 -10.63
N PRO A 44 -14.97 14.56 -9.51
CA PRO A 44 -15.52 13.79 -8.38
C PRO A 44 -16.85 13.16 -8.72
N ASP A 45 -17.37 13.47 -9.90
CA ASP A 45 -18.65 12.93 -10.34
C ASP A 45 -18.54 11.45 -10.67
N ILE A 46 -17.38 11.05 -11.19
CA ILE A 46 -17.13 9.66 -11.55
C ILE A 46 -16.58 8.87 -10.36
N THR A 47 -15.91 7.76 -10.65
CA THR A 47 -15.34 6.93 -9.60
C THR A 47 -14.17 6.11 -10.14
N PHE A 48 -13.68 5.19 -9.33
CA PHE A 48 -12.56 4.34 -9.72
C PHE A 48 -12.86 3.61 -11.03
N GLY A 49 -14.15 3.47 -11.32
CA GLY A 49 -14.56 2.79 -12.54
C GLY A 49 -13.77 3.27 -13.76
N GLN A 50 -13.40 4.54 -13.75
CA GLN A 50 -12.65 5.12 -14.87
C GLN A 50 -11.39 5.81 -14.36
N VAL A 51 -11.35 6.09 -13.07
CA VAL A 51 -10.20 6.74 -12.45
C VAL A 51 -9.03 5.78 -12.31
N GLY A 52 -9.32 4.58 -11.79
CA GLY A 52 -8.27 3.59 -11.61
C GLY A 52 -7.81 2.98 -12.93
N LYS A 53 -8.74 2.87 -13.87
CA LYS A 53 -8.43 2.31 -15.18
C LYS A 53 -7.76 3.35 -16.06
N LYS A 54 -8.03 4.62 -15.79
CA LYS A 54 -7.44 5.71 -16.54
C LYS A 54 -6.00 5.91 -16.13
N LEU A 55 -5.76 5.92 -14.83
CA LEU A 55 -4.42 6.07 -14.30
C LEU A 55 -3.59 4.82 -14.58
N GLY A 56 -4.27 3.68 -14.63
CA GLY A 56 -3.58 2.43 -14.91
C GLY A 56 -3.08 2.36 -16.33
N GLU A 57 -3.86 2.89 -17.26
CA GLU A 57 -3.47 2.92 -18.67
C GLU A 57 -2.30 3.86 -18.90
N LYS A 58 -2.35 5.03 -18.26
CA LYS A 58 -1.29 5.99 -18.36
C LYS A 58 -0.01 5.44 -17.79
N TRP A 59 -0.14 4.64 -16.74
CA TRP A 59 1.01 4.02 -16.12
C TRP A 59 1.57 2.91 -16.99
N LYS A 60 0.67 2.20 -17.67
CA LYS A 60 1.06 1.10 -18.54
C LYS A 60 1.95 1.60 -19.67
N ALA A 61 1.75 2.86 -20.05
CA ALA A 61 2.54 3.47 -21.12
C ALA A 61 3.35 4.65 -20.61
N LEU A 62 3.37 4.82 -19.28
CA LEU A 62 4.11 5.92 -18.67
C LEU A 62 5.61 5.75 -18.87
N THR A 63 6.36 6.83 -18.65
CA THR A 63 7.80 6.82 -18.83
C THR A 63 8.47 5.91 -17.80
N PRO A 64 9.31 4.97 -18.27
CA PRO A 64 10.03 4.04 -17.39
C PRO A 64 10.84 4.78 -16.33
N GLU A 65 11.04 6.08 -16.53
CA GLU A 65 11.80 6.89 -15.59
C GLU A 65 11.04 7.02 -14.27
N GLU A 66 9.74 7.22 -14.37
CA GLU A 66 8.90 7.34 -13.18
C GLU A 66 8.52 5.97 -12.63
N LYS A 67 8.33 5.01 -13.53
CA LYS A 67 7.99 3.65 -13.14
C LYS A 67 9.16 2.98 -12.45
N GLN A 68 10.36 3.49 -12.69
CA GLN A 68 11.57 2.93 -12.09
C GLN A 68 11.58 3.16 -10.58
N PRO A 69 11.53 4.43 -10.15
CA PRO A 69 11.52 4.79 -8.73
C PRO A 69 10.29 4.24 -8.00
N TYR A 70 9.14 4.33 -8.66
CA TYR A 70 7.90 3.84 -8.08
C TYR A 70 8.00 2.35 -7.78
N GLU A 71 8.39 1.57 -8.78
CA GLU A 71 8.54 0.14 -8.61
C GLU A 71 9.47 -0.17 -7.44
N ALA A 72 10.55 0.60 -7.33
CA ALA A 72 11.51 0.43 -6.24
C ALA A 72 10.84 0.65 -4.89
N LYS A 73 9.86 1.55 -4.86
CA LYS A 73 9.13 1.84 -3.64
C LYS A 73 8.22 0.68 -3.28
N ALA A 74 7.70 0.01 -4.30
CA ALA A 74 6.84 -1.14 -4.10
C ALA A 74 7.63 -2.33 -3.57
N GLN A 75 8.90 -2.39 -3.93
CA GLN A 75 9.78 -3.45 -3.47
C GLN A 75 10.14 -3.25 -2.01
N ALA A 76 10.32 -1.99 -1.61
CA ALA A 76 10.64 -1.66 -0.24
C ALA A 76 9.45 -1.88 0.66
N ASP A 77 8.25 -1.66 0.10
CA ASP A 77 7.02 -1.87 0.85
C ASP A 77 6.62 -3.33 0.81
N LYS A 78 7.12 -4.04 -0.21
CA LYS A 78 6.83 -5.45 -0.34
C LYS A 78 7.62 -6.26 0.68
N LYS A 79 8.80 -5.74 1.05
CA LYS A 79 9.64 -6.39 2.05
C LYS A 79 9.19 -6.03 3.45
N ARG A 80 8.58 -4.86 3.59
CA ARG A 80 8.08 -4.41 4.88
C ARG A 80 6.84 -5.18 5.29
N TYR A 81 5.98 -5.47 4.31
CA TYR A 81 4.75 -6.23 4.57
C TYR A 81 5.05 -7.71 4.70
N GLU A 82 5.98 -8.22 3.89
CA GLU A 82 6.36 -9.61 3.94
C GLU A 82 7.29 -9.88 5.11
N SER A 83 7.94 -8.84 5.59
CA SER A 83 8.85 -8.95 6.71
C SER A 83 8.08 -9.10 8.01
N GLU A 84 7.12 -8.20 8.22
CA GLU A 84 6.31 -8.23 9.43
C GLU A 84 5.45 -9.50 9.47
N LYS A 85 4.90 -9.87 8.32
CA LYS A 85 4.07 -11.07 8.22
C LYS A 85 4.90 -12.32 8.50
N GLU A 86 6.14 -12.33 8.01
CA GLU A 86 7.03 -13.46 8.21
C GLU A 86 7.29 -13.69 9.69
N LEU A 87 7.56 -12.60 10.42
CA LEU A 87 7.82 -12.68 11.85
C LEU A 87 6.61 -13.22 12.60
N TYR A 88 5.42 -12.78 12.18
CA TYR A 88 4.18 -13.21 12.81
C TYR A 88 4.04 -14.73 12.74
N ASN A 89 4.17 -15.28 11.54
CA ASN A 89 4.07 -16.72 11.34
C ASN A 89 5.12 -17.46 12.16
N ALA A 90 6.30 -16.85 12.29
CA ALA A 90 7.40 -17.46 13.03
C ALA A 90 7.15 -17.36 14.54
N THR A 91 6.26 -16.45 14.93
CA THR A 91 5.95 -16.25 16.34
C THR A 91 4.74 -17.09 16.74
N LEU A 92 3.96 -17.50 15.75
CA LEU A 92 2.78 -18.32 16.01
C LEU A 92 3.14 -19.79 16.07
N ALA A 93 3.70 -20.32 14.98
CA ALA A 93 4.09 -21.72 14.92
C ALA A 93 5.56 -21.89 15.26
N MET A 1 16.55 -5.40 27.44
CA MET A 1 15.70 -5.63 28.63
C MET A 1 16.46 -5.26 29.91
N VAL A 2 16.19 -4.05 30.41
CA VAL A 2 16.85 -3.57 31.62
C VAL A 2 16.03 -3.94 32.87
N THR A 3 15.07 -4.84 32.69
CA THR A 3 14.23 -5.27 33.80
C THR A 3 13.85 -6.75 33.65
N PRO A 4 14.86 -7.63 33.63
CA PRO A 4 14.64 -9.08 33.48
C PRO A 4 14.00 -9.69 34.72
N ARG A 5 13.04 -10.59 34.51
CA ARG A 5 12.35 -11.24 35.62
C ARG A 5 11.66 -12.51 35.15
N GLU A 6 12.22 -13.66 35.53
CA GLU A 6 11.65 -14.95 35.15
C GLU A 6 10.20 -15.07 35.60
N PRO A 7 9.97 -15.00 36.92
CA PRO A 7 8.62 -15.10 37.49
C PRO A 7 7.76 -13.88 37.18
N LYS A 8 6.57 -14.12 36.63
CA LYS A 8 5.66 -13.05 36.28
C LYS A 8 4.64 -12.81 37.39
N LYS A 9 3.78 -11.81 37.20
CA LYS A 9 2.75 -11.49 38.18
C LYS A 9 1.76 -10.47 37.62
N ARG A 10 2.30 -9.40 37.05
CA ARG A 10 1.46 -8.35 36.48
C ARG A 10 1.24 -8.58 34.99
N THR A 11 0.01 -8.92 34.63
CA THR A 11 -0.34 -9.18 33.24
C THR A 11 -0.41 -7.88 32.44
N THR A 12 -0.07 -7.94 31.16
CA THR A 12 -0.08 -6.76 30.30
C THR A 12 -1.01 -6.98 29.11
N ARG A 13 -2.23 -6.44 29.21
CA ARG A 13 -3.21 -6.58 28.13
C ARG A 13 -3.00 -5.51 27.06
N LYS A 14 -2.08 -5.76 26.15
CA LYS A 14 -1.79 -4.83 25.07
C LYS A 14 -3.07 -4.41 24.35
N LYS A 15 -2.91 -3.68 23.26
CA LYS A 15 -4.06 -3.20 22.48
C LYS A 15 -3.82 -3.41 20.99
N LYS A 16 -4.70 -2.83 20.17
CA LYS A 16 -4.59 -2.94 18.72
C LYS A 16 -4.10 -4.33 18.33
N ASP A 17 -3.49 -4.43 17.14
CA ASP A 17 -2.98 -5.69 16.64
C ASP A 17 -1.52 -5.56 16.22
N PRO A 18 -0.61 -6.24 16.94
CA PRO A 18 0.82 -6.21 16.65
C PRO A 18 1.12 -6.54 15.19
N ASN A 19 2.38 -6.38 14.80
CA ASN A 19 2.80 -6.66 13.44
C ASN A 19 2.06 -7.87 12.87
N ALA A 20 1.16 -7.61 11.92
CA ALA A 20 0.38 -8.67 11.30
C ALA A 20 0.41 -8.56 9.78
N PRO A 21 0.00 -9.63 9.08
CA PRO A 21 -0.03 -9.65 7.61
C PRO A 21 -0.77 -8.46 7.02
N LYS A 22 -0.03 -7.39 6.72
CA LYS A 22 -0.62 -6.18 6.15
C LYS A 22 -0.28 -6.05 4.68
N ARG A 23 -1.17 -6.52 3.82
CA ARG A 23 -0.96 -6.45 2.38
C ARG A 23 -0.27 -5.14 2.00
N ALA A 24 1.04 -5.23 1.76
CA ALA A 24 1.82 -4.06 1.38
C ALA A 24 1.22 -3.36 0.18
N LEU A 25 2.00 -2.50 -0.46
CA LEU A 25 1.55 -1.76 -1.63
C LEU A 25 2.50 -1.95 -2.81
N SER A 26 1.99 -1.73 -4.01
CA SER A 26 2.80 -1.87 -5.22
C SER A 26 2.97 -0.54 -5.93
N ALA A 27 3.90 -0.48 -6.87
CA ALA A 27 4.15 0.73 -7.63
C ALA A 27 2.86 1.27 -8.25
N TYR A 28 1.91 0.37 -8.47
CA TYR A 28 0.63 0.75 -9.05
C TYR A 28 -0.28 1.40 -8.00
N MET A 29 -0.18 0.90 -6.78
CA MET A 29 -1.00 1.43 -5.68
C MET A 29 -0.55 2.83 -5.29
N PHE A 30 0.74 3.10 -5.49
CA PHE A 30 1.30 4.43 -5.19
C PHE A 30 0.88 5.43 -6.25
N PHE A 31 1.20 5.13 -7.50
CA PHE A 31 0.85 6.00 -8.62
C PHE A 31 -0.66 6.07 -8.80
N ALA A 32 -1.36 5.06 -8.28
CA ALA A 32 -2.82 5.02 -8.38
C ALA A 32 -3.47 5.75 -7.22
N ASN A 33 -2.81 5.74 -6.07
CA ASN A 33 -3.31 6.40 -4.88
C ASN A 33 -3.24 7.91 -5.03
N GLU A 34 -2.25 8.37 -5.79
CA GLU A 34 -2.06 9.81 -6.02
C GLU A 34 -2.83 10.26 -7.25
N ASN A 35 -2.74 9.48 -8.32
CA ASN A 35 -3.42 9.79 -9.56
C ASN A 35 -4.92 9.60 -9.42
N ARG A 36 -5.31 8.83 -8.41
CA ARG A 36 -6.71 8.58 -8.15
C ARG A 36 -7.39 9.80 -7.55
N ASP A 37 -6.59 10.64 -6.89
CA ASP A 37 -7.09 11.86 -6.28
C ASP A 37 -7.10 13.00 -7.27
N ILE A 38 -6.06 13.06 -8.11
CA ILE A 38 -5.96 14.09 -9.12
C ILE A 38 -7.09 13.98 -10.13
N VAL A 39 -7.40 12.76 -10.52
CA VAL A 39 -8.48 12.51 -11.47
C VAL A 39 -9.83 12.62 -10.78
N ARG A 40 -9.91 12.09 -9.56
CA ARG A 40 -11.15 12.16 -8.79
C ARG A 40 -11.57 13.60 -8.57
N SER A 41 -10.59 14.48 -8.44
CA SER A 41 -10.86 15.90 -8.26
C SER A 41 -11.32 16.52 -9.57
N GLU A 42 -10.74 16.05 -10.67
CA GLU A 42 -11.09 16.55 -11.99
C GLU A 42 -12.34 15.87 -12.53
N ASN A 43 -12.80 14.83 -11.82
CA ASN A 43 -13.99 14.11 -12.22
C ASN A 43 -14.86 13.77 -11.00
N PRO A 44 -15.19 14.78 -10.17
CA PRO A 44 -16.01 14.60 -8.97
C PRO A 44 -17.35 13.93 -9.29
N ASP A 45 -17.71 13.93 -10.57
CA ASP A 45 -18.98 13.34 -11.00
C ASP A 45 -18.85 11.83 -11.16
N ILE A 46 -17.70 11.38 -11.62
CA ILE A 46 -17.44 9.96 -11.83
C ILE A 46 -16.86 9.31 -10.58
N THR A 47 -16.31 8.11 -10.73
CA THR A 47 -15.72 7.38 -9.62
C THR A 47 -14.58 6.48 -10.09
N PHE A 48 -14.18 5.55 -9.22
CA PHE A 48 -13.11 4.62 -9.55
C PHE A 48 -13.41 3.86 -10.83
N GLY A 49 -14.69 3.83 -11.21
CA GLY A 49 -15.09 3.12 -12.41
C GLY A 49 -14.26 3.51 -13.62
N GLN A 50 -13.75 4.73 -13.61
CA GLN A 50 -12.93 5.22 -14.71
C GLN A 50 -11.62 5.80 -14.20
N VAL A 51 -11.62 6.25 -12.96
CA VAL A 51 -10.43 6.80 -12.35
C VAL A 51 -9.31 5.77 -12.28
N GLY A 52 -9.64 4.59 -11.77
CA GLY A 52 -8.67 3.51 -11.69
C GLY A 52 -8.18 3.08 -13.05
N LYS A 53 -9.03 3.21 -14.05
CA LYS A 53 -8.68 2.86 -15.42
C LYS A 53 -7.77 3.91 -16.03
N LYS A 54 -7.82 5.12 -15.49
CA LYS A 54 -6.99 6.22 -15.97
C LYS A 54 -5.58 6.09 -15.41
N LEU A 55 -5.48 5.67 -14.16
CA LEU A 55 -4.18 5.48 -13.53
C LEU A 55 -3.53 4.22 -14.05
N GLY A 56 -4.34 3.27 -14.51
CA GLY A 56 -3.81 2.03 -15.04
C GLY A 56 -3.27 2.19 -16.44
N GLU A 57 -3.96 2.99 -17.25
CA GLU A 57 -3.55 3.24 -18.62
C GLU A 57 -2.41 4.25 -18.67
N LYS A 58 -2.41 5.18 -17.72
CA LYS A 58 -1.37 6.19 -17.66
C LYS A 58 -0.08 5.60 -17.13
N TRP A 59 -0.18 4.85 -16.04
CA TRP A 59 0.98 4.22 -15.44
C TRP A 59 1.53 3.13 -16.36
N LYS A 60 0.64 2.30 -16.88
CA LYS A 60 1.04 1.21 -17.77
C LYS A 60 1.78 1.75 -18.97
N ALA A 61 1.32 2.89 -19.48
CA ALA A 61 1.97 3.53 -20.61
C ALA A 61 3.05 4.51 -20.16
N LEU A 62 3.16 4.69 -18.84
CA LEU A 62 4.15 5.59 -18.28
C LEU A 62 5.56 5.01 -18.43
N THR A 63 6.38 5.67 -19.23
CA THR A 63 7.74 5.22 -19.46
C THR A 63 8.35 4.61 -18.20
N PRO A 64 8.96 3.42 -18.33
CA PRO A 64 9.58 2.72 -17.20
C PRO A 64 10.66 3.57 -16.53
N GLU A 65 11.18 4.55 -17.26
CA GLU A 65 12.20 5.44 -16.74
C GLU A 65 11.65 6.31 -15.62
N GLU A 66 10.39 6.71 -15.76
CA GLU A 66 9.74 7.54 -14.76
C GLU A 66 9.14 6.68 -13.65
N LYS A 67 8.80 5.44 -13.98
CA LYS A 67 8.23 4.52 -13.02
C LYS A 67 9.32 3.92 -12.13
N GLN A 68 10.54 3.92 -12.63
CA GLN A 68 11.67 3.36 -11.88
C GLN A 68 11.53 3.64 -10.39
N PRO A 69 11.43 4.93 -10.01
CA PRO A 69 11.30 5.34 -8.61
C PRO A 69 10.12 4.66 -7.91
N TYR A 70 8.97 4.64 -8.58
CA TYR A 70 7.77 4.03 -8.02
C TYR A 70 8.01 2.57 -7.68
N GLU A 71 8.31 1.76 -8.70
CA GLU A 71 8.57 0.34 -8.50
C GLU A 71 9.54 0.12 -7.34
N ALA A 72 10.53 0.99 -7.22
CA ALA A 72 11.51 0.91 -6.15
C ALA A 72 10.84 1.03 -4.78
N LYS A 73 9.90 1.96 -4.69
CA LYS A 73 9.16 2.18 -3.45
C LYS A 73 8.30 0.98 -3.12
N ALA A 74 7.78 0.34 -4.16
CA ALA A 74 6.96 -0.85 -4.00
C ALA A 74 7.79 -2.01 -3.49
N GLN A 75 9.08 -2.02 -3.83
CA GLN A 75 9.98 -3.05 -3.38
C GLN A 75 10.34 -2.86 -1.92
N ALA A 76 10.43 -1.61 -1.49
CA ALA A 76 10.72 -1.28 -0.11
C ALA A 76 9.52 -1.59 0.78
N ASP A 77 8.32 -1.39 0.23
CA ASP A 77 7.11 -1.68 0.96
C ASP A 77 6.80 -3.16 0.91
N LYS A 78 7.30 -3.83 -0.12
CA LYS A 78 7.10 -5.27 -0.27
C LYS A 78 7.96 -6.02 0.72
N LYS A 79 9.11 -5.44 1.07
CA LYS A 79 10.02 -6.04 2.02
C LYS A 79 9.59 -5.73 3.45
N ARG A 80 8.90 -4.59 3.62
CA ARG A 80 8.42 -4.18 4.93
C ARG A 80 7.23 -5.03 5.36
N TYR A 81 6.39 -5.38 4.39
CA TYR A 81 5.22 -6.20 4.66
C TYR A 81 5.60 -7.68 4.77
N GLU A 82 6.55 -8.11 3.95
CA GLU A 82 7.00 -9.49 3.96
C GLU A 82 7.95 -9.73 5.12
N SER A 83 8.58 -8.66 5.59
CA SER A 83 9.50 -8.75 6.70
C SER A 83 8.76 -8.90 8.02
N GLU A 84 7.76 -8.05 8.23
CA GLU A 84 6.96 -8.09 9.44
C GLU A 84 6.15 -9.38 9.51
N LYS A 85 5.61 -9.79 8.36
CA LYS A 85 4.81 -11.02 8.29
C LYS A 85 5.67 -12.24 8.57
N GLU A 86 6.90 -12.22 8.07
CA GLU A 86 7.83 -13.33 8.26
C GLU A 86 8.17 -13.49 9.74
N LEU A 87 8.36 -12.38 10.42
CA LEU A 87 8.69 -12.39 11.85
C LEU A 87 7.51 -12.94 12.67
N TYR A 88 6.30 -12.54 12.29
CA TYR A 88 5.10 -12.99 12.99
C TYR A 88 4.95 -14.51 12.90
N ASN A 89 5.05 -15.03 11.68
CA ASN A 89 4.93 -16.46 11.45
C ASN A 89 6.04 -17.22 12.18
N ALA A 90 7.20 -16.59 12.29
CA ALA A 90 8.34 -17.21 12.97
C ALA A 90 8.20 -17.10 14.48
N THR A 91 7.36 -16.18 14.93
CA THR A 91 7.13 -15.98 16.37
C THR A 91 6.03 -16.91 16.87
N LEU A 92 5.14 -17.32 15.98
CA LEU A 92 4.04 -18.21 16.33
C LEU A 92 4.49 -19.66 16.28
N ALA A 93 5.04 -20.06 15.13
CA ALA A 93 5.50 -21.43 14.96
C ALA A 93 6.59 -21.51 13.90
N MET A 1 18.91 12.38 30.66
CA MET A 1 19.78 13.30 31.45
C MET A 1 19.00 13.99 32.56
N VAL A 2 18.34 13.20 33.39
CA VAL A 2 17.55 13.73 34.49
C VAL A 2 16.18 14.23 34.01
N THR A 3 15.20 13.33 34.02
CA THR A 3 13.86 13.67 33.58
C THR A 3 12.94 12.46 33.61
N PRO A 4 11.73 12.61 34.15
CA PRO A 4 10.74 11.53 34.24
C PRO A 4 10.20 11.13 32.88
N ARG A 5 9.66 9.91 32.80
CA ARG A 5 9.10 9.40 31.55
C ARG A 5 10.17 9.33 30.46
N GLU A 6 9.76 8.89 29.28
CA GLU A 6 10.69 8.76 28.15
C GLU A 6 10.48 9.90 27.16
N PRO A 7 11.55 10.27 26.43
CA PRO A 7 11.50 11.35 25.43
C PRO A 7 10.67 10.96 24.22
N LYS A 8 10.71 11.81 23.18
CA LYS A 8 9.97 11.56 21.96
C LYS A 8 10.85 10.89 20.91
N LYS A 9 12.11 11.30 20.85
CA LYS A 9 13.05 10.75 19.89
C LYS A 9 13.00 9.22 19.90
N ARG A 10 12.51 8.65 18.81
CA ARG A 10 12.41 7.19 18.69
C ARG A 10 12.18 6.78 17.24
N THR A 11 12.26 5.48 16.97
CA THR A 11 12.05 4.96 15.63
C THR A 11 11.46 3.56 15.67
N THR A 12 12.02 2.70 16.51
CA THR A 12 11.53 1.33 16.64
C THR A 12 10.37 1.27 17.62
N ARG A 13 9.31 0.56 17.22
CA ARG A 13 8.12 0.42 18.06
C ARG A 13 8.21 -0.85 18.91
N LYS A 14 7.58 -0.81 20.08
CA LYS A 14 7.58 -1.96 20.98
C LYS A 14 6.26 -2.05 21.75
N LYS A 15 5.92 -0.97 22.45
CA LYS A 15 4.68 -0.94 23.22
C LYS A 15 3.54 -0.35 22.40
N LYS A 16 2.92 -1.19 21.57
CA LYS A 16 1.81 -0.76 20.74
C LYS A 16 1.30 -1.91 19.87
N ASP A 17 2.17 -2.42 19.01
CA ASP A 17 1.81 -3.53 18.13
C ASP A 17 3.04 -4.10 17.44
N PRO A 18 3.54 -5.25 17.94
CA PRO A 18 4.72 -5.91 17.38
C PRO A 18 4.60 -6.13 15.88
N ASN A 19 5.60 -6.78 15.29
CA ASN A 19 5.61 -7.05 13.86
C ASN A 19 4.31 -7.73 13.43
N ALA A 20 3.40 -6.95 12.84
CA ALA A 20 2.13 -7.47 12.38
C ALA A 20 1.90 -7.14 10.91
N PRO A 21 1.01 -7.90 10.24
CA PRO A 21 0.69 -7.70 8.83
C PRO A 21 -0.08 -6.41 8.59
N LYS A 22 0.53 -5.48 7.87
CA LYS A 22 -0.10 -4.20 7.57
C LYS A 22 -0.55 -4.15 6.11
N ARG A 23 -0.09 -5.10 5.31
CA ARG A 23 -0.44 -5.16 3.91
C ARG A 23 0.19 -4.01 3.12
N ALA A 24 0.95 -4.35 2.09
CA ALA A 24 1.61 -3.34 1.27
C ALA A 24 0.89 -3.16 -0.06
N LEU A 25 1.56 -2.51 -1.01
CA LEU A 25 0.98 -2.27 -2.33
C LEU A 25 2.06 -2.31 -3.41
N SER A 26 1.64 -2.29 -4.67
CA SER A 26 2.56 -2.32 -5.79
C SER A 26 2.75 -0.93 -6.39
N ALA A 27 3.71 -0.81 -7.29
CA ALA A 27 3.98 0.47 -7.95
C ALA A 27 2.72 1.05 -8.55
N TYR A 28 1.75 0.19 -8.84
CA TYR A 28 0.48 0.62 -9.42
C TYR A 28 -0.43 1.19 -8.35
N MET A 29 -0.39 0.62 -7.17
CA MET A 29 -1.22 1.07 -6.06
C MET A 29 -0.78 2.44 -5.59
N PHE A 30 0.52 2.71 -5.68
CA PHE A 30 1.07 4.00 -5.29
C PHE A 30 0.69 5.07 -6.30
N PHE A 31 1.07 4.85 -7.56
CA PHE A 31 0.77 5.80 -8.61
C PHE A 31 -0.74 5.89 -8.85
N ALA A 32 -1.47 4.87 -8.37
CA ALA A 32 -2.92 4.84 -8.52
C ALA A 32 -3.60 5.54 -7.35
N ASN A 33 -2.95 5.48 -6.19
CA ASN A 33 -3.49 6.12 -4.98
C ASN A 33 -3.41 7.63 -5.09
N GLU A 34 -2.39 8.12 -5.79
CA GLU A 34 -2.21 9.55 -5.98
C GLU A 34 -2.94 10.04 -7.21
N ASN A 35 -2.78 9.30 -8.32
CA ASN A 35 -3.44 9.65 -9.57
C ASN A 35 -4.94 9.49 -9.45
N ARG A 36 -5.37 8.63 -8.54
CA ARG A 36 -6.79 8.40 -8.32
C ARG A 36 -7.45 9.63 -7.73
N ASP A 37 -6.65 10.46 -7.07
CA ASP A 37 -7.15 11.68 -6.46
C ASP A 37 -7.08 12.84 -7.45
N ILE A 38 -6.09 12.79 -8.33
CA ILE A 38 -5.93 13.83 -9.34
C ILE A 38 -7.08 13.79 -10.33
N VAL A 39 -7.47 12.58 -10.74
CA VAL A 39 -8.59 12.41 -11.67
C VAL A 39 -9.91 12.46 -10.93
N ARG A 40 -9.96 11.83 -9.76
CA ARG A 40 -11.16 11.83 -8.94
C ARG A 40 -11.45 13.23 -8.42
N SER A 41 -10.42 14.06 -8.37
CA SER A 41 -10.56 15.42 -7.92
C SER A 41 -11.09 16.31 -9.04
N GLU A 42 -10.58 16.08 -10.24
CA GLU A 42 -11.01 16.85 -11.41
C GLU A 42 -12.34 16.31 -11.93
N ASN A 43 -12.74 15.13 -11.44
CA ASN A 43 -13.99 14.52 -11.86
C ASN A 43 -14.70 13.88 -10.66
N PRO A 44 -15.06 14.68 -9.66
CA PRO A 44 -15.74 14.20 -8.45
C PRO A 44 -16.95 13.34 -8.79
N ASP A 45 -17.46 13.48 -10.01
CA ASP A 45 -18.62 12.71 -10.44
C ASP A 45 -18.18 11.37 -11.04
N ILE A 46 -17.06 11.38 -11.73
CA ILE A 46 -16.54 10.16 -12.35
C ILE A 46 -16.54 9.00 -11.36
N THR A 47 -16.33 7.79 -11.87
CA THR A 47 -16.31 6.60 -11.03
C THR A 47 -14.96 5.89 -11.13
N PHE A 48 -14.81 4.81 -10.37
CA PHE A 48 -13.57 4.04 -10.38
C PHE A 48 -13.40 3.29 -11.70
N GLY A 49 -14.51 3.13 -12.42
CA GLY A 49 -14.47 2.42 -13.69
C GLY A 49 -13.65 3.16 -14.73
N GLN A 50 -13.36 4.43 -14.46
CA GLN A 50 -12.57 5.24 -15.37
C GLN A 50 -11.37 5.83 -14.66
N VAL A 51 -11.49 6.00 -13.35
CA VAL A 51 -10.41 6.55 -12.55
C VAL A 51 -9.23 5.58 -12.50
N GLY A 52 -9.52 4.33 -12.12
CA GLY A 52 -8.48 3.33 -12.06
C GLY A 52 -7.89 3.02 -13.42
N LYS A 53 -8.72 3.09 -14.45
CA LYS A 53 -8.29 2.84 -15.81
C LYS A 53 -7.44 4.00 -16.32
N LYS A 54 -7.63 5.16 -15.74
CA LYS A 54 -6.87 6.35 -16.12
C LYS A 54 -5.46 6.27 -15.55
N LEU A 55 -5.35 5.78 -14.33
CA LEU A 55 -4.06 5.63 -13.69
C LEU A 55 -3.30 4.45 -14.29
N GLY A 56 -4.05 3.51 -14.84
CA GLY A 56 -3.43 2.35 -15.46
C GLY A 56 -2.86 2.67 -16.83
N GLU A 57 -3.54 3.54 -17.57
CA GLU A 57 -3.10 3.94 -18.89
C GLU A 57 -1.98 4.96 -18.81
N LYS A 58 -2.01 5.79 -17.76
CA LYS A 58 -0.99 6.80 -17.57
C LYS A 58 0.29 6.18 -17.05
N TRP A 59 0.17 5.32 -16.05
CA TRP A 59 1.31 4.64 -15.48
C TRP A 59 1.91 3.65 -16.47
N LYS A 60 1.05 2.84 -17.07
CA LYS A 60 1.50 1.85 -18.04
C LYS A 60 2.27 2.52 -19.17
N ALA A 61 1.77 3.66 -19.63
CA ALA A 61 2.42 4.41 -20.69
C ALA A 61 3.47 5.37 -20.12
N LEU A 62 3.53 5.45 -18.79
CA LEU A 62 4.49 6.32 -18.12
C LEU A 62 5.91 5.86 -18.36
N THR A 63 6.78 6.81 -18.71
CA THR A 63 8.18 6.50 -19.00
C THR A 63 8.80 5.67 -17.88
N PRO A 64 9.59 4.65 -18.25
CA PRO A 64 10.26 3.78 -17.27
C PRO A 64 11.10 4.57 -16.28
N GLU A 65 11.45 5.80 -16.65
CA GLU A 65 12.25 6.66 -15.79
C GLU A 65 11.56 6.88 -14.45
N GLU A 66 10.26 7.17 -14.51
CA GLU A 66 9.47 7.37 -13.30
C GLU A 66 9.00 6.06 -12.72
N LYS A 67 8.72 5.10 -13.61
CA LYS A 67 8.28 3.78 -13.18
C LYS A 67 9.40 3.02 -12.47
N GLN A 68 10.63 3.50 -12.65
CA GLN A 68 11.78 2.88 -12.02
C GLN A 68 11.74 3.07 -10.50
N PRO A 69 11.72 4.33 -10.04
CA PRO A 69 11.67 4.65 -8.61
C PRO A 69 10.37 4.18 -7.96
N TYR A 70 9.26 4.30 -8.70
CA TYR A 70 7.97 3.88 -8.20
C TYR A 70 7.97 2.38 -7.89
N GLU A 71 8.38 1.58 -8.87
CA GLU A 71 8.45 0.14 -8.70
C GLU A 71 9.34 -0.22 -7.52
N ALA A 72 10.46 0.49 -7.39
CA ALA A 72 11.38 0.25 -6.30
C ALA A 72 10.72 0.49 -4.95
N LYS A 73 9.79 1.44 -4.92
CA LYS A 73 9.06 1.75 -3.70
C LYS A 73 8.11 0.63 -3.35
N ALA A 74 7.50 0.03 -4.37
CA ALA A 74 6.59 -1.07 -4.16
C ALA A 74 7.32 -2.30 -3.67
N GLN A 75 8.59 -2.42 -4.05
CA GLN A 75 9.41 -3.54 -3.61
C GLN A 75 9.82 -3.37 -2.16
N ALA A 76 10.03 -2.12 -1.75
CA ALA A 76 10.40 -1.81 -0.39
C ALA A 76 9.22 -2.01 0.54
N ASP A 77 8.03 -1.73 0.05
CA ASP A 77 6.81 -1.91 0.82
C ASP A 77 6.35 -3.35 0.76
N LYS A 78 6.75 -4.05 -0.29
CA LYS A 78 6.41 -5.46 -0.45
C LYS A 78 7.22 -6.31 0.51
N LYS A 79 8.43 -5.84 0.83
CA LYS A 79 9.30 -6.55 1.76
C LYS A 79 8.95 -6.20 3.19
N ARG A 80 8.40 -5.02 3.40
CA ARG A 80 8.00 -4.57 4.72
C ARG A 80 6.75 -5.30 5.20
N TYR A 81 5.84 -5.55 4.27
CA TYR A 81 4.60 -6.25 4.59
C TYR A 81 4.83 -7.76 4.65
N GLU A 82 5.69 -8.25 3.76
CA GLU A 82 6.00 -9.68 3.73
C GLU A 82 6.99 -10.03 4.82
N SER A 83 7.73 -9.03 5.29
CA SER A 83 8.70 -9.24 6.35
C SER A 83 8.02 -9.36 7.71
N GLU A 84 7.09 -8.44 7.97
CA GLU A 84 6.36 -8.45 9.23
C GLU A 84 5.46 -9.68 9.32
N LYS A 85 4.81 -10.01 8.21
CA LYS A 85 3.92 -11.16 8.17
C LYS A 85 4.70 -12.46 8.32
N GLU A 86 5.87 -12.53 7.70
CA GLU A 86 6.72 -13.71 7.79
C GLU A 86 7.16 -13.96 9.22
N LEU A 87 7.49 -12.89 9.93
CA LEU A 87 7.93 -12.99 11.32
C LEU A 87 6.79 -13.48 12.20
N TYR A 88 5.59 -13.00 11.94
CA TYR A 88 4.41 -13.39 12.71
C TYR A 88 4.21 -14.90 12.65
N ASN A 89 4.19 -15.44 11.43
CA ASN A 89 4.00 -16.87 11.23
C ASN A 89 5.13 -17.66 11.88
N ALA A 90 6.35 -17.14 11.78
CA ALA A 90 7.51 -17.80 12.36
C ALA A 90 7.46 -17.78 13.88
N THR A 91 6.73 -16.81 14.42
CA THR A 91 6.60 -16.68 15.88
C THR A 91 5.61 -17.69 16.42
N LEU A 92 4.44 -17.77 15.79
CA LEU A 92 3.40 -18.70 16.22
C LEU A 92 3.86 -20.14 16.05
N ALA A 93 4.68 -20.38 15.04
CA ALA A 93 5.19 -21.72 14.77
C ALA A 93 6.66 -21.84 15.17
N MET A 1 -26.33 1.12 17.55
CA MET A 1 -24.98 0.51 17.41
C MET A 1 -24.66 -0.38 18.61
N VAL A 2 -25.31 -1.53 18.67
CA VAL A 2 -25.09 -2.47 19.76
C VAL A 2 -24.62 -3.83 19.23
N THR A 3 -23.61 -4.40 19.88
CA THR A 3 -23.08 -5.69 19.47
C THR A 3 -23.80 -6.83 20.19
N PRO A 4 -23.85 -8.01 19.57
CA PRO A 4 -24.51 -9.19 20.14
C PRO A 4 -23.75 -9.75 21.34
N ARG A 5 -22.42 -9.66 21.30
CA ARG A 5 -21.58 -10.15 22.38
C ARG A 5 -21.21 -9.02 23.34
N GLU A 6 -20.07 -9.18 24.02
CA GLU A 6 -19.60 -8.18 24.96
C GLU A 6 -18.53 -8.75 25.88
N PRO A 7 -17.26 -8.58 25.53
CA PRO A 7 -16.13 -9.08 26.32
C PRO A 7 -16.20 -8.63 27.77
N LYS A 8 -15.04 -8.60 28.44
CA LYS A 8 -14.98 -8.18 29.84
C LYS A 8 -15.39 -9.33 30.76
N LYS A 9 -14.40 -9.96 31.38
CA LYS A 9 -14.66 -11.07 32.29
C LYS A 9 -15.27 -12.25 31.55
N ARG A 10 -14.66 -12.63 30.43
CA ARG A 10 -15.15 -13.74 29.63
C ARG A 10 -14.12 -14.87 29.60
N THR A 11 -14.60 -16.08 29.31
CA THR A 11 -13.72 -17.25 29.26
C THR A 11 -12.85 -17.21 28.01
N THR A 12 -13.48 -17.28 26.84
CA THR A 12 -12.76 -17.25 25.58
C THR A 12 -11.98 -15.95 25.43
N ARG A 13 -10.67 -16.08 25.21
CA ARG A 13 -9.81 -14.93 25.04
C ARG A 13 -10.39 -13.94 24.04
N LYS A 14 -10.03 -12.68 24.18
CA LYS A 14 -10.51 -11.63 23.28
C LYS A 14 -9.71 -11.61 21.99
N LYS A 15 -10.12 -10.75 21.05
CA LYS A 15 -9.43 -10.63 19.78
C LYS A 15 -8.27 -9.63 19.88
N LYS A 16 -7.21 -9.90 19.13
CA LYS A 16 -6.03 -9.04 19.14
C LYS A 16 -5.11 -9.35 17.96
N ASP A 17 -4.15 -8.47 17.71
CA ASP A 17 -3.21 -8.66 16.61
C ASP A 17 -1.95 -7.84 16.83
N PRO A 18 -0.88 -8.49 17.30
CA PRO A 18 0.41 -7.82 17.56
C PRO A 18 1.09 -7.36 16.28
N ASN A 19 2.39 -7.08 16.36
CA ASN A 19 3.15 -6.63 15.20
C ASN A 19 2.77 -7.42 13.96
N ALA A 20 1.79 -6.92 13.21
CA ALA A 20 1.33 -7.58 12.00
C ALA A 20 1.71 -6.78 10.77
N PRO A 21 1.75 -7.44 9.60
CA PRO A 21 2.10 -6.78 8.33
C PRO A 21 1.23 -5.56 8.04
N LYS A 22 1.56 -4.83 6.98
CA LYS A 22 0.81 -3.65 6.60
C LYS A 22 0.27 -3.78 5.18
N ARG A 23 -0.02 -5.02 4.78
CA ARG A 23 -0.54 -5.28 3.44
C ARG A 23 0.39 -4.71 2.37
N ALA A 24 1.23 -5.57 1.80
CA ALA A 24 2.16 -5.15 0.76
C ALA A 24 1.44 -4.41 -0.36
N LEU A 25 2.19 -3.59 -1.09
CA LEU A 25 1.62 -2.82 -2.18
C LEU A 25 2.51 -2.90 -3.43
N SER A 26 1.99 -2.42 -4.56
CA SER A 26 2.73 -2.44 -5.81
C SER A 26 2.88 -1.04 -6.38
N ALA A 27 3.80 -0.88 -7.32
CA ALA A 27 4.03 0.41 -7.95
C ALA A 27 2.73 1.00 -8.46
N TYR A 28 1.77 0.15 -8.78
CA TYR A 28 0.48 0.58 -9.28
C TYR A 28 -0.40 1.10 -8.14
N MET A 29 -0.31 0.45 -6.99
CA MET A 29 -1.11 0.84 -5.83
C MET A 29 -0.73 2.23 -5.35
N PHE A 30 0.57 2.55 -5.42
CA PHE A 30 1.06 3.85 -5.01
C PHE A 30 0.63 4.93 -6.01
N PHE A 31 1.00 4.73 -7.26
CA PHE A 31 0.65 5.67 -8.31
C PHE A 31 -0.85 5.70 -8.55
N ALA A 32 -1.55 4.69 -8.03
CA ALA A 32 -3.00 4.61 -8.18
C ALA A 32 -3.71 5.39 -7.09
N ASN A 33 -3.19 5.29 -5.86
CA ASN A 33 -3.78 5.98 -4.73
C ASN A 33 -3.59 7.50 -4.86
N GLU A 34 -2.53 7.89 -5.56
CA GLU A 34 -2.23 9.30 -5.77
C GLU A 34 -2.93 9.84 -7.01
N ASN A 35 -2.84 9.08 -8.10
CA ASN A 35 -3.45 9.48 -9.36
C ASN A 35 -4.96 9.27 -9.32
N ARG A 36 -5.42 8.51 -8.34
CA ARG A 36 -6.84 8.26 -8.18
C ARG A 36 -7.55 9.48 -7.61
N ASP A 37 -6.80 10.28 -6.86
CA ASP A 37 -7.34 11.48 -6.25
C ASP A 37 -7.20 12.67 -7.18
N ILE A 38 -6.05 12.76 -7.85
CA ILE A 38 -5.81 13.84 -8.79
C ILE A 38 -6.80 13.80 -9.95
N VAL A 39 -7.04 12.59 -10.46
CA VAL A 39 -7.99 12.41 -11.54
C VAL A 39 -9.41 12.44 -11.03
N ARG A 40 -9.64 11.83 -9.87
CA ARG A 40 -10.95 11.81 -9.26
C ARG A 40 -11.42 13.22 -8.95
N SER A 41 -10.47 14.12 -8.72
CA SER A 41 -10.79 15.51 -8.45
C SER A 41 -11.03 16.27 -9.74
N GLU A 42 -10.34 15.86 -10.81
CA GLU A 42 -10.49 16.50 -12.10
C GLU A 42 -11.66 15.88 -12.88
N ASN A 43 -12.20 14.78 -12.36
CA ASN A 43 -13.32 14.11 -13.00
C ASN A 43 -14.44 13.81 -12.00
N PRO A 44 -14.87 14.83 -11.26
CA PRO A 44 -15.94 14.69 -10.26
C PRO A 44 -17.19 14.02 -10.84
N ASP A 45 -17.32 14.08 -12.17
CA ASP A 45 -18.47 13.49 -12.85
C ASP A 45 -18.40 11.97 -12.83
N ILE A 46 -17.20 11.44 -13.05
CA ILE A 46 -16.99 9.99 -13.06
C ILE A 46 -16.72 9.46 -11.66
N THR A 47 -16.31 8.20 -11.57
CA THR A 47 -16.04 7.57 -10.28
C THR A 47 -14.77 6.70 -10.36
N PHE A 48 -14.57 5.88 -9.34
CA PHE A 48 -13.41 5.00 -9.30
C PHE A 48 -13.43 4.01 -10.45
N GLY A 49 -14.61 3.75 -10.99
CA GLY A 49 -14.74 2.81 -12.09
C GLY A 49 -14.02 3.29 -13.34
N GLN A 50 -13.64 4.56 -13.35
CA GLN A 50 -12.94 5.14 -14.49
C GLN A 50 -11.65 5.83 -14.05
N VAL A 51 -11.52 6.05 -12.75
CA VAL A 51 -10.34 6.69 -12.20
C VAL A 51 -9.19 5.70 -12.09
N GLY A 52 -9.50 4.46 -11.75
CA GLY A 52 -8.47 3.45 -11.64
C GLY A 52 -8.03 2.92 -12.98
N LYS A 53 -8.95 2.89 -13.94
CA LYS A 53 -8.63 2.42 -15.28
C LYS A 53 -7.99 3.52 -16.10
N LYS A 54 -8.30 4.76 -15.77
CA LYS A 54 -7.74 5.91 -16.45
C LYS A 54 -6.31 6.15 -15.99
N LEU A 55 -6.13 6.22 -14.68
CA LEU A 55 -4.80 6.39 -14.11
C LEU A 55 -3.92 5.20 -14.42
N GLY A 56 -4.53 4.01 -14.45
CA GLY A 56 -3.78 2.82 -14.76
C GLY A 56 -3.21 2.85 -16.15
N GLU A 57 -4.01 3.30 -17.12
CA GLU A 57 -3.56 3.41 -18.50
C GLU A 57 -2.42 4.40 -18.62
N LYS A 58 -2.46 5.46 -17.81
CA LYS A 58 -1.43 6.47 -17.82
C LYS A 58 -0.13 5.91 -17.25
N TRP A 59 -0.25 5.05 -16.25
CA TRP A 59 0.91 4.43 -15.64
C TRP A 59 1.60 3.50 -16.62
N LYS A 60 0.81 2.69 -17.32
CA LYS A 60 1.35 1.75 -18.29
C LYS A 60 2.14 2.47 -19.36
N ALA A 61 1.64 3.63 -19.78
CA ALA A 61 2.31 4.43 -20.78
C ALA A 61 3.23 5.46 -20.13
N LEU A 62 3.27 5.46 -18.80
CA LEU A 62 4.09 6.40 -18.06
C LEU A 62 5.57 6.10 -18.25
N THR A 63 6.31 7.05 -18.81
CA THR A 63 7.73 6.89 -19.07
C THR A 63 8.39 6.05 -17.97
N PRO A 64 9.29 5.13 -18.36
CA PRO A 64 10.00 4.27 -17.41
C PRO A 64 10.75 5.07 -16.35
N GLU A 65 10.96 6.35 -16.63
CA GLU A 65 11.66 7.23 -15.70
C GLU A 65 10.92 7.32 -14.38
N GLU A 66 9.60 7.48 -14.45
CA GLU A 66 8.77 7.56 -13.26
C GLU A 66 8.40 6.17 -12.76
N LYS A 67 8.20 5.24 -13.71
CA LYS A 67 7.87 3.87 -13.37
C LYS A 67 9.05 3.16 -12.71
N GLN A 68 10.23 3.74 -12.86
CA GLN A 68 11.44 3.16 -12.28
C GLN A 68 11.43 3.31 -10.76
N PRO A 69 11.33 4.54 -10.26
CA PRO A 69 11.29 4.82 -8.83
C PRO A 69 10.05 4.24 -8.16
N TYR A 70 8.92 4.29 -8.86
CA TYR A 70 7.68 3.75 -8.34
C TYR A 70 7.80 2.26 -8.06
N GLU A 71 8.19 1.50 -9.08
CA GLU A 71 8.38 0.06 -8.94
C GLU A 71 9.34 -0.25 -7.79
N ALA A 72 10.42 0.52 -7.70
CA ALA A 72 11.40 0.34 -6.64
C ALA A 72 10.76 0.53 -5.27
N LYS A 73 9.75 1.40 -5.22
CA LYS A 73 9.05 1.66 -3.97
C LYS A 73 8.18 0.48 -3.59
N ALA A 74 7.62 -0.18 -4.60
CA ALA A 74 6.79 -1.34 -4.37
C ALA A 74 7.61 -2.50 -3.85
N GLN A 75 8.88 -2.56 -4.26
CA GLN A 75 9.78 -3.61 -3.81
C GLN A 75 10.23 -3.35 -2.38
N ALA A 76 10.37 -2.07 -2.03
CA ALA A 76 10.77 -1.69 -0.69
C ALA A 76 9.63 -1.93 0.28
N ASP A 77 8.40 -1.76 -0.19
CA ASP A 77 7.24 -1.98 0.64
C ASP A 77 6.84 -3.44 0.62
N LYS A 78 7.26 -4.15 -0.43
CA LYS A 78 6.99 -5.57 -0.55
C LYS A 78 7.84 -6.37 0.42
N LYS A 79 9.03 -5.86 0.72
CA LYS A 79 9.94 -6.50 1.66
C LYS A 79 9.58 -6.13 3.09
N ARG A 80 8.99 -4.96 3.27
CA ARG A 80 8.58 -4.49 4.58
C ARG A 80 7.34 -5.23 5.07
N TYR A 81 6.46 -5.56 4.14
CA TYR A 81 5.24 -6.29 4.47
C TYR A 81 5.51 -7.78 4.59
N GLU A 82 6.41 -8.29 3.76
CA GLU A 82 6.77 -9.69 3.78
C GLU A 82 7.70 -10.00 4.94
N SER A 83 8.38 -8.97 5.43
CA SER A 83 9.30 -9.11 6.54
C SER A 83 8.53 -9.26 7.86
N GLU A 84 7.56 -8.38 8.06
CA GLU A 84 6.74 -8.41 9.27
C GLU A 84 5.90 -9.67 9.31
N LYS A 85 5.34 -10.04 8.16
CA LYS A 85 4.52 -11.25 8.07
C LYS A 85 5.34 -12.50 8.36
N GLU A 86 6.58 -12.51 7.87
CA GLU A 86 7.47 -13.64 8.09
C GLU A 86 7.74 -13.85 9.58
N LEU A 87 8.01 -12.75 10.28
CA LEU A 87 8.28 -12.81 11.70
C LEU A 87 7.05 -13.29 12.46
N TYR A 88 5.88 -12.82 12.06
CA TYR A 88 4.63 -13.21 12.69
C TYR A 88 4.43 -14.72 12.64
N ASN A 89 4.54 -15.28 11.45
CA ASN A 89 4.37 -16.73 11.26
C ASN A 89 5.53 -17.49 11.89
N ALA A 90 6.68 -16.82 12.03
CA ALA A 90 7.85 -17.43 12.62
C ALA A 90 7.82 -17.35 14.14
N THR A 91 6.92 -16.52 14.66
CA THR A 91 6.79 -16.33 16.10
C THR A 91 5.65 -17.19 16.65
N LEU A 92 4.62 -17.40 15.83
CA LEU A 92 3.47 -18.19 16.24
C LEU A 92 3.62 -19.64 15.76
N ALA A 93 4.01 -19.80 14.50
CA ALA A 93 4.18 -21.13 13.93
C ALA A 93 5.50 -21.23 13.16
N MET A 1 -14.08 -30.18 43.18
CA MET A 1 -13.73 -29.08 44.13
C MET A 1 -14.76 -27.96 44.07
N VAL A 2 -15.89 -28.23 43.42
CA VAL A 2 -16.94 -27.23 43.29
C VAL A 2 -16.36 -25.83 43.11
N THR A 3 -15.48 -25.70 42.13
CA THR A 3 -14.85 -24.40 41.85
C THR A 3 -15.84 -23.27 42.03
N PRO A 4 -15.70 -22.50 43.14
CA PRO A 4 -16.58 -21.38 43.43
C PRO A 4 -16.37 -20.21 42.49
N ARG A 5 -17.12 -20.20 41.38
CA ARG A 5 -17.02 -19.13 40.39
C ARG A 5 -17.70 -19.54 39.09
N GLU A 6 -18.46 -18.61 38.52
CA GLU A 6 -19.17 -18.86 37.27
C GLU A 6 -18.20 -19.23 36.16
N PRO A 7 -17.36 -18.28 35.73
CA PRO A 7 -16.37 -18.50 34.67
C PRO A 7 -15.24 -19.44 35.12
N LYS A 8 -14.28 -19.64 34.23
CA LYS A 8 -13.14 -20.51 34.53
C LYS A 8 -11.89 -20.06 33.78
N LYS A 9 -12.07 -19.73 32.50
CA LYS A 9 -10.95 -19.27 31.69
C LYS A 9 -10.58 -17.83 32.02
N ARG A 10 -9.28 -17.61 32.23
CA ARG A 10 -8.79 -16.27 32.55
C ARG A 10 -8.34 -15.53 31.31
N THR A 11 -9.29 -15.20 30.44
CA THR A 11 -9.00 -14.49 29.20
C THR A 11 -7.71 -15.02 28.56
N THR A 12 -7.65 -16.33 28.39
CA THR A 12 -6.48 -16.96 27.79
C THR A 12 -5.90 -16.09 26.68
N ARG A 13 -4.66 -15.64 26.88
CA ARG A 13 -4.00 -14.79 25.89
C ARG A 13 -4.16 -15.37 24.49
N LYS A 14 -4.64 -14.54 23.56
CA LYS A 14 -4.84 -14.96 22.18
C LYS A 14 -5.37 -13.82 21.34
N LYS A 15 -6.20 -12.98 21.94
CA LYS A 15 -6.78 -11.85 21.23
C LYS A 15 -5.72 -10.82 20.87
N LYS A 16 -5.20 -10.14 21.89
CA LYS A 16 -4.16 -9.13 21.69
C LYS A 16 -3.09 -9.63 20.73
N ASP A 17 -2.84 -8.85 19.68
CA ASP A 17 -1.84 -9.21 18.69
C ASP A 17 -1.48 -8.01 17.80
N PRO A 18 -0.68 -7.08 18.34
CA PRO A 18 -0.25 -5.88 17.61
C PRO A 18 0.35 -6.22 16.25
N ASN A 19 1.02 -5.24 15.65
CA ASN A 19 1.64 -5.43 14.34
C ASN A 19 0.75 -6.27 13.43
N ALA A 20 -0.04 -5.59 12.61
CA ALA A 20 -0.94 -6.27 11.69
C ALA A 20 -1.15 -5.45 10.42
N PRO A 21 -0.05 -5.15 9.71
CA PRO A 21 -0.11 -4.37 8.46
C PRO A 21 -1.11 -4.94 7.46
N LYS A 22 -1.39 -4.17 6.41
CA LYS A 22 -2.33 -4.59 5.38
C LYS A 22 -1.69 -5.64 4.47
N ARG A 23 -0.86 -5.17 3.54
CA ARG A 23 -0.17 -6.06 2.61
C ARG A 23 0.74 -5.27 1.67
N ALA A 24 1.84 -5.90 1.26
CA ALA A 24 2.80 -5.25 0.37
C ALA A 24 2.08 -4.52 -0.76
N LEU A 25 2.86 -3.80 -1.56
CA LEU A 25 2.30 -3.04 -2.68
C LEU A 25 3.30 -2.96 -3.84
N SER A 26 2.85 -2.43 -4.97
CA SER A 26 3.70 -2.30 -6.15
C SER A 26 3.75 -0.85 -6.61
N ALA A 27 4.69 -0.56 -7.51
CA ALA A 27 4.84 0.79 -8.05
C ALA A 27 3.52 1.32 -8.57
N TYR A 28 2.63 0.40 -8.97
CA TYR A 28 1.32 0.77 -9.50
C TYR A 28 0.38 1.17 -8.38
N MET A 29 0.48 0.48 -7.24
CA MET A 29 -0.37 0.76 -6.10
C MET A 29 -0.05 2.13 -5.51
N PHE A 30 1.22 2.51 -5.56
CA PHE A 30 1.65 3.81 -5.06
C PHE A 30 1.15 4.93 -5.97
N PHE A 31 1.54 4.85 -7.23
CA PHE A 31 1.13 5.86 -8.21
C PHE A 31 -0.37 5.82 -8.44
N ALA A 32 -1.00 4.70 -8.07
CA ALA A 32 -2.44 4.53 -8.24
C ALA A 32 -3.19 5.12 -7.05
N ASN A 33 -2.60 5.03 -5.87
CA ASN A 33 -3.21 5.56 -4.66
C ASN A 33 -3.19 7.08 -4.67
N GLU A 34 -2.18 7.65 -5.34
CA GLU A 34 -2.04 9.10 -5.41
C GLU A 34 -2.77 9.65 -6.65
N ASN A 35 -2.62 8.96 -7.77
CA ASN A 35 -3.25 9.39 -9.01
C ASN A 35 -4.75 9.22 -8.95
N ARG A 36 -5.20 8.25 -8.17
CA ARG A 36 -6.62 7.98 -8.02
C ARG A 36 -7.29 9.10 -7.24
N ASP A 37 -6.48 9.85 -6.49
CA ASP A 37 -7.00 10.96 -5.70
C ASP A 37 -6.97 12.24 -6.52
N ILE A 38 -5.98 12.37 -7.38
CA ILE A 38 -5.86 13.53 -8.23
C ILE A 38 -7.04 13.62 -9.19
N VAL A 39 -7.40 12.49 -9.77
CA VAL A 39 -8.54 12.43 -10.68
C VAL A 39 -9.84 12.41 -9.89
N ARG A 40 -9.90 11.54 -8.89
CA ARG A 40 -11.07 11.44 -8.05
C ARG A 40 -11.44 12.81 -7.48
N SER A 41 -10.43 13.67 -7.33
CA SER A 41 -10.66 15.02 -6.84
C SER A 41 -11.19 15.91 -7.95
N GLU A 42 -10.70 15.68 -9.16
CA GLU A 42 -11.14 16.46 -10.32
C GLU A 42 -12.40 15.87 -10.94
N ASN A 43 -12.84 14.72 -10.41
CA ASN A 43 -14.04 14.07 -10.91
C ASN A 43 -14.51 12.99 -9.93
N PRO A 44 -14.94 13.39 -8.73
CA PRO A 44 -15.43 12.46 -7.71
C PRO A 44 -16.77 11.84 -8.07
N ASP A 45 -17.32 12.25 -9.21
CA ASP A 45 -18.60 11.73 -9.67
C ASP A 45 -18.48 10.27 -10.09
N ILE A 46 -17.31 9.90 -10.61
CA ILE A 46 -17.06 8.54 -11.04
C ILE A 46 -16.65 7.65 -9.88
N THR A 47 -16.07 6.50 -10.20
CA THR A 47 -15.63 5.56 -9.17
C THR A 47 -14.26 4.97 -9.51
N PHE A 48 -13.78 4.07 -8.67
CA PHE A 48 -12.48 3.43 -8.87
C PHE A 48 -12.48 2.61 -10.16
N GLY A 49 -13.66 2.25 -10.62
CA GLY A 49 -13.78 1.46 -11.84
C GLY A 49 -13.23 2.20 -13.05
N GLN A 50 -13.05 3.51 -12.92
CA GLN A 50 -12.52 4.31 -14.00
C GLN A 50 -11.32 5.12 -13.55
N VAL A 51 -11.22 5.35 -12.24
CA VAL A 51 -10.12 6.10 -11.68
C VAL A 51 -8.84 5.28 -11.67
N GLY A 52 -8.96 4.01 -11.30
CA GLY A 52 -7.80 3.14 -11.26
C GLY A 52 -7.40 2.66 -12.64
N LYS A 53 -8.36 2.58 -13.54
CA LYS A 53 -8.10 2.14 -14.91
C LYS A 53 -7.57 3.29 -15.76
N LYS A 54 -7.91 4.52 -15.35
CA LYS A 54 -7.45 5.70 -16.05
C LYS A 54 -6.03 6.04 -15.66
N LEU A 55 -5.78 6.10 -14.36
CA LEU A 55 -4.46 6.38 -13.84
C LEU A 55 -3.52 5.23 -14.16
N GLY A 56 -4.05 4.01 -14.13
CA GLY A 56 -3.24 2.84 -14.44
C GLY A 56 -2.78 2.82 -15.87
N GLU A 57 -3.69 3.15 -16.79
CA GLU A 57 -3.37 3.19 -18.20
C GLU A 57 -2.29 4.22 -18.49
N LYS A 58 -2.35 5.35 -17.77
CA LYS A 58 -1.36 6.39 -17.92
C LYS A 58 -0.02 5.94 -17.40
N TRP A 59 -0.05 5.11 -16.36
CA TRP A 59 1.17 4.58 -15.78
C TRP A 59 1.88 3.64 -16.75
N LYS A 60 1.10 2.78 -17.40
CA LYS A 60 1.65 1.84 -18.35
C LYS A 60 2.36 2.58 -19.48
N ALA A 61 1.78 3.69 -19.89
CA ALA A 61 2.37 4.50 -20.94
C ALA A 61 3.27 5.59 -20.36
N LEU A 62 3.35 5.64 -19.03
CA LEU A 62 4.17 6.63 -18.34
C LEU A 62 5.66 6.31 -18.49
N THR A 63 6.42 7.30 -18.96
CA THR A 63 7.85 7.11 -19.17
C THR A 63 8.44 6.18 -18.12
N PRO A 64 8.83 4.97 -18.53
CA PRO A 64 9.43 3.98 -17.62
C PRO A 64 10.68 4.52 -16.94
N GLU A 65 11.24 5.59 -17.48
CA GLU A 65 12.43 6.21 -16.92
C GLU A 65 12.11 6.86 -15.59
N GLU A 66 10.94 7.47 -15.49
CA GLU A 66 10.50 8.12 -14.27
C GLU A 66 9.84 7.12 -13.34
N LYS A 67 9.31 6.05 -13.92
CA LYS A 67 8.66 5.00 -13.14
C LYS A 67 9.69 4.09 -12.48
N GLN A 68 10.90 4.08 -13.02
CA GLN A 68 11.98 3.25 -12.50
C GLN A 68 12.02 3.34 -10.96
N PRO A 69 12.22 4.55 -10.43
CA PRO A 69 12.28 4.78 -8.99
C PRO A 69 11.06 4.20 -8.26
N TYR A 70 9.91 4.24 -8.92
CA TYR A 70 8.68 3.71 -8.34
C TYR A 70 8.79 2.22 -8.08
N GLU A 71 9.08 1.46 -9.14
CA GLU A 71 9.22 0.01 -9.03
C GLU A 71 10.20 -0.35 -7.91
N ALA A 72 11.29 0.39 -7.82
CA ALA A 72 12.30 0.16 -6.80
C ALA A 72 11.72 0.38 -5.40
N LYS A 73 10.81 1.34 -5.29
CA LYS A 73 10.17 1.65 -4.03
C LYS A 73 9.16 0.57 -3.67
N ALA A 74 8.59 -0.08 -4.68
CA ALA A 74 7.64 -1.14 -4.48
C ALA A 74 8.34 -2.42 -4.05
N GLN A 75 9.59 -2.55 -4.44
CA GLN A 75 10.38 -3.72 -4.07
C GLN A 75 10.86 -3.61 -2.63
N ALA A 76 11.24 -2.40 -2.23
CA ALA A 76 11.69 -2.14 -0.87
C ALA A 76 10.51 -2.18 0.09
N ASP A 77 9.35 -1.78 -0.39
CA ASP A 77 8.15 -1.79 0.41
C ASP A 77 7.46 -3.14 0.33
N LYS A 78 7.76 -3.88 -0.72
CA LYS A 78 7.20 -5.21 -0.91
C LYS A 78 7.85 -6.19 0.04
N LYS A 79 9.12 -5.95 0.37
CA LYS A 79 9.85 -6.80 1.28
C LYS A 79 9.62 -6.38 2.73
N ARG A 80 9.34 -5.09 2.92
CA ARG A 80 9.09 -4.55 4.25
C ARG A 80 7.67 -4.89 4.71
N TYR A 81 6.78 -5.09 3.74
CA TYR A 81 5.40 -5.43 4.04
C TYR A 81 5.20 -6.94 4.08
N GLU A 82 5.93 -7.65 3.24
CA GLU A 82 5.84 -9.10 3.19
C GLU A 82 6.64 -9.74 4.31
N SER A 83 7.63 -9.00 4.80
CA SER A 83 8.48 -9.48 5.88
C SER A 83 7.75 -9.39 7.21
N GLU A 84 7.20 -8.21 7.49
CA GLU A 84 6.45 -7.99 8.73
C GLU A 84 5.20 -8.86 8.77
N LYS A 85 4.52 -8.95 7.63
CA LYS A 85 3.31 -9.76 7.52
C LYS A 85 3.61 -11.23 7.72
N GLU A 86 4.74 -11.67 7.18
CA GLU A 86 5.16 -13.07 7.31
C GLU A 86 5.37 -13.44 8.77
N LEU A 87 6.05 -12.56 9.51
CA LEU A 87 6.30 -12.80 10.92
C LEU A 87 5.01 -12.88 11.71
N TYR A 88 4.05 -12.02 11.36
CA TYR A 88 2.75 -12.00 12.04
C TYR A 88 2.07 -13.35 11.94
N ASN A 89 1.94 -13.87 10.72
CA ASN A 89 1.31 -15.17 10.51
C ASN A 89 2.05 -16.27 11.26
N ALA A 90 3.38 -16.15 11.32
CA ALA A 90 4.19 -17.14 12.02
C ALA A 90 4.06 -17.00 13.52
N THR A 91 3.58 -15.84 13.97
CA THR A 91 3.41 -15.59 15.40
C THR A 91 1.97 -15.85 15.82
N LEU A 92 1.08 -15.95 14.84
CA LEU A 92 -0.34 -16.21 15.11
C LEU A 92 -0.61 -17.71 15.20
N ALA A 93 -0.28 -18.42 14.13
CA ALA A 93 -0.50 -19.87 14.08
C ALA A 93 -1.99 -20.19 14.03
N MET A 1 31.77 -1.53 11.89
CA MET A 1 30.31 -1.74 12.04
C MET A 1 29.86 -1.44 13.46
N VAL A 2 29.95 -2.45 14.33
CA VAL A 2 29.55 -2.29 15.73
C VAL A 2 28.32 -1.40 15.84
N THR A 3 27.15 -2.03 15.88
CA THR A 3 25.89 -1.29 16.00
C THR A 3 24.84 -2.12 16.73
N PRO A 4 24.88 -2.09 18.08
CA PRO A 4 23.93 -2.84 18.91
C PRO A 4 22.48 -2.56 18.53
N ARG A 5 21.60 -3.51 18.80
CA ARG A 5 20.19 -3.37 18.50
C ARG A 5 19.49 -2.52 19.55
N GLU A 6 19.01 -3.18 20.61
CA GLU A 6 18.32 -2.49 21.69
C GLU A 6 19.15 -1.33 22.23
N PRO A 7 18.57 -0.13 22.31
CA PRO A 7 19.26 1.06 22.81
C PRO A 7 19.53 1.00 24.31
N LYS A 8 20.01 2.09 24.87
CA LYS A 8 20.30 2.16 26.30
C LYS A 8 19.35 3.12 27.01
N LYS A 9 18.68 3.95 26.24
CA LYS A 9 17.72 4.91 26.79
C LYS A 9 16.33 4.69 26.23
N ARG A 10 15.47 5.69 26.39
CA ARG A 10 14.09 5.61 25.90
C ARG A 10 13.42 4.32 26.38
N THR A 11 13.53 4.05 27.67
CA THR A 11 12.93 2.85 28.25
C THR A 11 11.44 2.81 28.00
N THR A 12 10.78 3.95 28.16
CA THR A 12 9.34 4.05 27.94
C THR A 12 8.91 3.23 26.73
N ARG A 13 8.27 2.10 27.00
CA ARG A 13 7.82 1.22 25.93
C ARG A 13 6.46 0.60 26.26
N LYS A 14 5.55 0.61 25.29
CA LYS A 14 4.21 0.05 25.49
C LYS A 14 4.16 -1.40 25.03
N LYS A 15 2.98 -2.00 25.15
CA LYS A 15 2.79 -3.39 24.74
C LYS A 15 1.38 -3.61 24.21
N LYS A 16 1.28 -4.21 23.03
CA LYS A 16 0.00 -4.48 22.41
C LYS A 16 0.08 -5.70 21.49
N ASP A 17 0.72 -5.52 20.34
CA ASP A 17 0.88 -6.61 19.38
C ASP A 17 2.24 -6.56 18.71
N PRO A 18 2.93 -7.70 18.64
CA PRO A 18 4.27 -7.81 18.02
C PRO A 18 4.30 -7.21 16.62
N ASN A 19 5.48 -7.18 16.02
CA ASN A 19 5.65 -6.65 14.67
C ASN A 19 4.68 -7.30 13.70
N ALA A 20 3.56 -6.61 13.45
CA ALA A 20 2.55 -7.12 12.52
C ALA A 20 2.65 -6.46 11.16
N PRO A 21 2.20 -7.14 10.10
CA PRO A 21 2.24 -6.62 8.73
C PRO A 21 1.26 -5.48 8.53
N LYS A 22 1.42 -4.77 7.41
CA LYS A 22 0.54 -3.65 7.10
C LYS A 22 0.06 -3.72 5.64
N ARG A 23 0.01 -4.94 5.11
CA ARG A 23 -0.42 -5.15 3.73
C ARG A 23 0.19 -4.11 2.80
N ALA A 24 1.25 -4.50 2.11
CA ALA A 24 1.94 -3.60 1.18
C ALA A 24 1.21 -3.54 -0.16
N LEU A 25 1.74 -2.75 -1.08
CA LEU A 25 1.15 -2.59 -2.40
C LEU A 25 2.22 -2.50 -3.48
N SER A 26 1.80 -2.51 -4.73
CA SER A 26 2.72 -2.42 -5.86
C SER A 26 2.88 -0.99 -6.33
N ALA A 27 3.85 -0.75 -7.20
CA ALA A 27 4.10 0.59 -7.73
C ALA A 27 2.82 1.18 -8.32
N TYR A 28 1.90 0.31 -8.73
CA TYR A 28 0.64 0.75 -9.30
C TYR A 28 -0.33 1.21 -8.22
N MET A 29 -0.29 0.53 -7.07
CA MET A 29 -1.16 0.87 -5.96
C MET A 29 -0.77 2.21 -5.36
N PHE A 30 0.51 2.53 -5.38
CA PHE A 30 1.00 3.79 -4.86
C PHE A 30 0.62 4.94 -5.79
N PHE A 31 1.05 4.83 -7.04
CA PHE A 31 0.75 5.85 -8.04
C PHE A 31 -0.75 5.92 -8.31
N ALA A 32 -1.46 4.84 -7.98
CA ALA A 32 -2.91 4.79 -8.19
C ALA A 32 -3.64 5.42 -7.02
N ASN A 33 -3.08 5.26 -5.83
CA ASN A 33 -3.69 5.82 -4.63
C ASN A 33 -3.61 7.34 -4.63
N GLU A 34 -2.56 7.87 -5.26
CA GLU A 34 -2.37 9.31 -5.33
C GLU A 34 -3.03 9.88 -6.58
N ASN A 35 -2.84 9.21 -7.71
CA ASN A 35 -3.43 9.66 -8.97
C ASN A 35 -4.92 9.41 -9.00
N ARG A 36 -5.40 8.61 -8.06
CA ARG A 36 -6.81 8.31 -7.96
C ARG A 36 -7.58 9.48 -7.38
N ASP A 37 -6.89 10.29 -6.57
CA ASP A 37 -7.50 11.45 -5.96
C ASP A 37 -7.34 12.68 -6.83
N ILE A 38 -6.17 12.81 -7.44
CA ILE A 38 -5.91 13.93 -8.33
C ILE A 38 -6.83 13.91 -9.54
N VAL A 39 -7.01 12.72 -10.10
CA VAL A 39 -7.89 12.55 -11.24
C VAL A 39 -9.34 12.52 -10.80
N ARG A 40 -9.61 11.87 -9.67
CA ARG A 40 -10.95 11.80 -9.12
C ARG A 40 -11.50 13.19 -8.83
N SER A 41 -10.59 14.11 -8.51
CA SER A 41 -10.98 15.48 -8.25
C SER A 41 -11.18 16.24 -9.55
N GLU A 42 -10.40 15.88 -10.56
CA GLU A 42 -10.50 16.51 -11.86
C GLU A 42 -11.62 15.88 -12.69
N ASN A 43 -12.16 14.76 -12.21
CA ASN A 43 -13.24 14.07 -12.91
C ASN A 43 -14.35 13.69 -11.94
N PRO A 44 -14.95 14.68 -11.27
CA PRO A 44 -16.03 14.46 -10.31
C PRO A 44 -17.34 14.11 -11.01
N ASP A 45 -17.31 14.04 -12.33
CA ASP A 45 -18.49 13.71 -13.11
C ASP A 45 -18.58 12.20 -13.37
N ILE A 46 -17.44 11.54 -13.34
CA ILE A 46 -17.38 10.10 -13.58
C ILE A 46 -17.17 9.34 -12.27
N THR A 47 -16.91 8.04 -12.39
CA THR A 47 -16.69 7.20 -11.22
C THR A 47 -15.37 6.43 -11.34
N PHE A 48 -15.19 5.45 -10.47
CA PHE A 48 -13.98 4.64 -10.47
C PHE A 48 -13.83 3.88 -11.79
N GLY A 49 -14.94 3.73 -12.50
CA GLY A 49 -14.93 3.03 -13.77
C GLY A 49 -14.05 3.71 -14.80
N GLN A 50 -13.67 4.95 -14.52
CA GLN A 50 -12.83 5.72 -15.43
C GLN A 50 -11.62 6.29 -14.70
N VAL A 51 -11.74 6.41 -13.38
CA VAL A 51 -10.65 6.93 -12.57
C VAL A 51 -9.50 5.93 -12.45
N GLY A 52 -9.85 4.68 -12.14
CA GLY A 52 -8.85 3.64 -12.01
C GLY A 52 -8.28 3.22 -13.35
N LYS A 53 -9.08 3.33 -14.39
CA LYS A 53 -8.64 2.95 -15.74
C LYS A 53 -7.90 4.10 -16.40
N LYS A 54 -8.14 5.31 -15.91
CA LYS A 54 -7.48 6.49 -16.44
C LYS A 54 -6.08 6.62 -15.88
N LEU A 55 -5.96 6.47 -14.57
CA LEU A 55 -4.68 6.53 -13.90
C LEU A 55 -3.86 5.30 -14.20
N GLY A 56 -4.53 4.15 -14.29
CA GLY A 56 -3.84 2.91 -14.61
C GLY A 56 -3.31 2.89 -16.02
N GLU A 57 -4.09 3.44 -16.95
CA GLU A 57 -3.68 3.50 -18.34
C GLU A 57 -2.53 4.48 -18.54
N LYS A 58 -2.51 5.53 -17.72
CA LYS A 58 -1.45 6.52 -17.78
C LYS A 58 -0.16 5.96 -17.23
N TRP A 59 -0.27 5.16 -16.18
CA TRP A 59 0.88 4.53 -15.57
C TRP A 59 1.51 3.51 -16.51
N LYS A 60 0.66 2.70 -17.14
CA LYS A 60 1.12 1.68 -18.06
C LYS A 60 1.90 2.32 -19.21
N ALA A 61 1.46 3.50 -19.63
CA ALA A 61 2.12 4.22 -20.70
C ALA A 61 3.12 5.23 -20.13
N LEU A 62 3.19 5.30 -18.80
CA LEU A 62 4.10 6.24 -18.14
C LEU A 62 5.54 5.74 -18.23
N THR A 63 6.38 6.49 -18.92
CA THR A 63 7.78 6.13 -19.10
C THR A 63 8.33 5.43 -17.86
N PRO A 64 8.95 4.25 -18.05
CA PRO A 64 9.54 3.48 -16.95
C PRO A 64 10.69 4.22 -16.28
N GLU A 65 11.19 5.25 -16.96
CA GLU A 65 12.29 6.06 -16.42
C GLU A 65 11.84 6.83 -15.19
N GLU A 66 10.57 7.23 -15.19
CA GLU A 66 10.01 7.96 -14.06
C GLU A 66 9.30 7.02 -13.11
N LYS A 67 8.89 5.86 -13.62
CA LYS A 67 8.21 4.86 -12.79
C LYS A 67 9.21 4.07 -11.96
N GLN A 68 10.46 4.05 -12.40
CA GLN A 68 11.52 3.33 -11.69
C GLN A 68 11.37 3.51 -10.18
N PRO A 69 11.41 4.76 -9.71
CA PRO A 69 11.28 5.07 -8.28
C PRO A 69 10.06 4.41 -7.65
N TYR A 70 8.95 4.42 -8.38
CA TYR A 70 7.71 3.83 -7.89
C TYR A 70 7.89 2.34 -7.62
N GLU A 71 8.23 1.59 -8.66
CA GLU A 71 8.44 0.15 -8.52
C GLU A 71 9.37 -0.16 -7.35
N ALA A 72 10.41 0.66 -7.20
CA ALA A 72 11.38 0.47 -6.12
C ALA A 72 10.71 0.64 -4.76
N LYS A 73 9.75 1.55 -4.68
CA LYS A 73 9.03 1.79 -3.44
C LYS A 73 8.11 0.62 -3.13
N ALA A 74 7.55 0.01 -4.17
CA ALA A 74 6.68 -1.13 -4.01
C ALA A 74 7.46 -2.34 -3.54
N GLN A 75 8.73 -2.40 -3.93
CA GLN A 75 9.60 -3.50 -3.51
C GLN A 75 10.03 -3.33 -2.06
N ALA A 76 10.18 -2.09 -1.63
CA ALA A 76 10.55 -1.79 -0.26
C ALA A 76 9.39 -2.03 0.67
N ASP A 77 8.18 -1.78 0.18
CA ASP A 77 6.98 -2.00 0.95
C ASP A 77 6.58 -3.47 0.91
N LYS A 78 6.97 -4.14 -0.17
CA LYS A 78 6.68 -5.56 -0.32
C LYS A 78 7.55 -6.38 0.62
N LYS A 79 8.74 -5.87 0.92
CA LYS A 79 9.66 -6.55 1.82
C LYS A 79 9.36 -6.20 3.27
N ARG A 80 8.77 -5.01 3.48
CA ARG A 80 8.42 -4.56 4.81
C ARG A 80 7.19 -5.30 5.32
N TYR A 81 6.28 -5.63 4.41
CA TYR A 81 5.07 -6.35 4.77
C TYR A 81 5.32 -7.85 4.81
N GLU A 82 6.16 -8.34 3.91
CA GLU A 82 6.49 -9.75 3.85
C GLU A 82 7.51 -10.11 4.91
N SER A 83 8.27 -9.11 5.35
CA SER A 83 9.28 -9.32 6.37
C SER A 83 8.64 -9.42 7.75
N GLU A 84 7.73 -8.50 8.05
CA GLU A 84 7.05 -8.49 9.33
C GLU A 84 6.13 -9.71 9.46
N LYS A 85 5.45 -10.04 8.37
CA LYS A 85 4.55 -11.19 8.35
C LYS A 85 5.33 -12.49 8.51
N GLU A 86 6.48 -12.57 7.86
CA GLU A 86 7.32 -13.75 7.92
C GLU A 86 7.79 -14.01 9.36
N LEU A 87 8.16 -12.94 10.06
CA LEU A 87 8.62 -13.05 11.43
C LEU A 87 7.49 -13.51 12.34
N TYR A 88 6.30 -12.99 12.11
CA TYR A 88 5.14 -13.35 12.92
C TYR A 88 4.84 -14.85 12.81
N ASN A 89 4.79 -15.35 11.59
CA ASN A 89 4.52 -16.76 11.35
C ASN A 89 5.66 -17.63 11.88
N ALA A 90 6.88 -17.07 11.86
CA ALA A 90 8.05 -17.79 12.34
C ALA A 90 8.09 -17.81 13.86
N THR A 91 7.37 -16.87 14.48
CA THR A 91 7.34 -16.78 15.94
C THR A 91 6.04 -17.37 16.49
N LEU A 92 5.07 -17.60 15.60
CA LEU A 92 3.79 -18.16 15.99
C LEU A 92 3.83 -19.69 15.96
N ALA A 93 4.29 -20.24 14.85
CA ALA A 93 4.39 -21.68 14.69
C ALA A 93 3.01 -22.34 14.79
N MET A 1 -23.48 -27.48 12.25
CA MET A 1 -22.30 -27.09 11.44
C MET A 1 -22.43 -27.61 10.01
N VAL A 2 -23.30 -26.99 9.23
CA VAL A 2 -23.51 -27.38 7.84
C VAL A 2 -22.59 -26.62 6.90
N THR A 3 -22.84 -26.75 5.60
CA THR A 3 -22.03 -26.07 4.60
C THR A 3 -22.84 -25.79 3.34
N PRO A 4 -23.56 -24.66 3.33
CA PRO A 4 -24.39 -24.27 2.18
C PRO A 4 -23.55 -23.86 0.97
N ARG A 5 -22.34 -23.39 1.24
CA ARG A 5 -21.44 -22.97 0.17
C ARG A 5 -21.31 -24.06 -0.90
N GLU A 6 -20.89 -23.65 -2.09
CA GLU A 6 -20.73 -24.59 -3.20
C GLU A 6 -20.37 -23.86 -4.48
N PRO A 7 -21.16 -22.83 -4.85
CA PRO A 7 -20.95 -22.04 -6.06
C PRO A 7 -19.51 -21.51 -6.14
N LYS A 8 -19.08 -20.81 -5.10
CA LYS A 8 -17.74 -20.25 -5.05
C LYS A 8 -16.79 -21.17 -4.28
N LYS A 9 -15.49 -20.93 -4.46
CA LYS A 9 -14.47 -21.73 -3.77
C LYS A 9 -13.57 -20.85 -2.91
N ARG A 10 -12.78 -21.50 -2.06
CA ARG A 10 -11.87 -20.77 -1.17
C ARG A 10 -10.49 -21.42 -1.17
N THR A 11 -9.90 -21.53 -2.35
CA THR A 11 -8.57 -22.13 -2.49
C THR A 11 -7.52 -21.07 -2.81
N THR A 12 -7.73 -19.86 -2.31
CA THR A 12 -6.81 -18.76 -2.55
C THR A 12 -5.96 -18.48 -1.30
N ARG A 13 -4.93 -19.28 -1.11
CA ARG A 13 -4.04 -19.12 0.03
C ARG A 13 -2.75 -18.41 -0.36
N LYS A 14 -2.25 -18.72 -1.56
CA LYS A 14 -1.03 -18.12 -2.07
C LYS A 14 0.04 -18.07 -0.98
N LYS A 15 0.76 -19.17 -0.82
CA LYS A 15 1.81 -19.26 0.19
C LYS A 15 1.25 -19.02 1.58
N LYS A 16 2.13 -19.07 2.58
CA LYS A 16 1.72 -18.87 3.96
C LYS A 16 1.74 -17.38 4.32
N ASP A 17 0.90 -17.00 5.27
CA ASP A 17 0.81 -15.61 5.70
C ASP A 17 -0.09 -15.46 6.92
N PRO A 18 0.46 -15.71 8.11
CA PRO A 18 -0.28 -15.61 9.37
C PRO A 18 -0.65 -14.18 9.72
N ASN A 19 -1.18 -13.98 10.92
CA ASN A 19 -1.58 -12.65 11.37
C ASN A 19 -0.41 -11.68 11.27
N ALA A 20 -0.52 -10.72 10.35
CA ALA A 20 0.52 -9.73 10.15
C ALA A 20 -0.08 -8.36 9.83
N PRO A 21 0.75 -7.31 9.81
CA PRO A 21 0.31 -5.95 9.52
C PRO A 21 -0.49 -5.86 8.23
N LYS A 22 -1.00 -4.67 7.93
CA LYS A 22 -1.79 -4.46 6.72
C LYS A 22 -0.97 -4.81 5.47
N ARG A 23 -1.64 -5.40 4.49
CA ARG A 23 -0.98 -5.78 3.24
C ARG A 23 -0.28 -4.59 2.61
N ALA A 24 1.05 -4.70 2.45
CA ALA A 24 1.84 -3.64 1.86
C ALA A 24 1.18 -3.10 0.60
N LEU A 25 1.81 -2.10 -0.01
CA LEU A 25 1.27 -1.49 -1.23
C LEU A 25 2.23 -1.71 -2.40
N SER A 26 1.69 -1.73 -3.61
CA SER A 26 2.50 -1.93 -4.81
C SER A 26 2.66 -0.62 -5.57
N ALA A 27 3.56 -0.63 -6.55
CA ALA A 27 3.81 0.56 -7.36
C ALA A 27 2.51 1.10 -7.95
N TYR A 28 1.54 0.21 -8.12
CA TYR A 28 0.24 0.61 -8.67
C TYR A 28 -0.60 1.33 -7.62
N MET A 29 -0.47 0.88 -6.37
CA MET A 29 -1.21 1.48 -5.27
C MET A 29 -0.79 2.92 -5.06
N PHE A 30 0.51 3.16 -5.08
CA PHE A 30 1.04 4.51 -4.90
C PHE A 30 0.61 5.43 -6.05
N PHE A 31 0.89 4.99 -7.27
CA PHE A 31 0.52 5.75 -8.45
C PHE A 31 -0.98 5.77 -8.65
N ALA A 32 -1.68 4.88 -7.94
CA ALA A 32 -3.13 4.80 -8.04
C ALA A 32 -3.80 5.85 -7.17
N ASN A 33 -3.32 5.99 -5.94
CA ASN A 33 -3.87 6.96 -5.01
C ASN A 33 -3.47 8.38 -5.41
N GLU A 34 -2.38 8.49 -6.15
CA GLU A 34 -1.88 9.79 -6.60
C GLU A 34 -2.53 10.20 -7.91
N ASN A 35 -2.60 9.27 -8.85
CA ASN A 35 -3.18 9.54 -10.16
C ASN A 35 -4.69 9.58 -10.08
N ARG A 36 -5.25 8.92 -9.08
CA ARG A 36 -6.69 8.90 -8.89
C ARG A 36 -7.17 10.19 -8.27
N ASP A 37 -6.25 10.92 -7.64
CA ASP A 37 -6.57 12.19 -7.02
C ASP A 37 -6.42 13.32 -8.02
N ILE A 38 -5.39 13.23 -8.85
CA ILE A 38 -5.16 14.24 -9.88
C ILE A 38 -6.28 14.24 -10.90
N VAL A 39 -6.69 13.04 -11.32
CA VAL A 39 -7.78 12.90 -12.27
C VAL A 39 -9.12 13.13 -11.59
N ARG A 40 -9.26 12.63 -10.37
CA ARG A 40 -10.48 12.80 -9.61
C ARG A 40 -10.78 14.27 -9.39
N SER A 41 -9.72 15.07 -9.25
CA SER A 41 -9.86 16.50 -9.08
C SER A 41 -10.25 17.17 -10.39
N GLU A 42 -9.71 16.64 -11.50
CA GLU A 42 -10.01 17.17 -12.81
C GLU A 42 -11.32 16.60 -13.36
N ASN A 43 -11.87 15.60 -12.66
CA ASN A 43 -13.12 14.98 -13.07
C ASN A 43 -14.03 14.73 -11.88
N PRO A 44 -14.28 15.77 -11.06
CA PRO A 44 -15.13 15.67 -9.88
C PRO A 44 -16.46 14.96 -10.18
N ASP A 45 -16.89 15.04 -11.43
CA ASP A 45 -18.14 14.41 -11.84
C ASP A 45 -18.05 12.89 -11.73
N ILE A 46 -16.94 12.33 -12.20
CA ILE A 46 -16.73 10.89 -12.15
C ILE A 46 -16.09 10.48 -10.83
N THR A 47 -15.55 9.26 -10.80
CA THR A 47 -14.90 8.74 -9.59
C THR A 47 -14.07 7.51 -9.91
N PHE A 48 -13.62 6.82 -8.87
CA PHE A 48 -12.80 5.62 -9.03
C PHE A 48 -13.42 4.68 -10.08
N GLY A 49 -14.74 4.70 -10.17
CA GLY A 49 -15.43 3.84 -11.13
C GLY A 49 -14.65 3.68 -12.42
N GLN A 50 -14.06 4.78 -12.88
CA GLN A 50 -13.28 4.74 -14.12
C GLN A 50 -11.96 5.49 -13.96
N VAL A 51 -11.75 6.07 -12.78
CA VAL A 51 -10.54 6.80 -12.49
C VAL A 51 -9.38 5.85 -12.20
N GLY A 52 -9.69 4.73 -11.56
CA GLY A 52 -8.68 3.75 -11.24
C GLY A 52 -8.30 2.92 -12.45
N LYS A 53 -9.25 2.72 -13.35
CA LYS A 53 -9.00 1.95 -14.57
C LYS A 53 -8.32 2.80 -15.62
N LYS A 54 -8.54 4.10 -15.55
CA LYS A 54 -7.91 5.04 -16.48
C LYS A 54 -6.47 5.30 -16.09
N LEU A 55 -6.25 5.59 -14.81
CA LEU A 55 -4.91 5.81 -14.31
C LEU A 55 -4.10 4.54 -14.39
N GLY A 56 -4.75 3.40 -14.18
CA GLY A 56 -4.08 2.13 -14.26
C GLY A 56 -3.56 1.85 -15.66
N GLU A 57 -4.40 2.10 -16.66
CA GLU A 57 -4.01 1.89 -18.04
C GLU A 57 -2.83 2.80 -18.42
N LYS A 58 -2.82 3.99 -17.83
CA LYS A 58 -1.74 4.94 -18.07
C LYS A 58 -0.45 4.47 -17.42
N TRP A 59 -0.57 3.81 -16.27
CA TRP A 59 0.58 3.30 -15.56
C TRP A 59 1.24 2.18 -16.36
N LYS A 60 0.43 1.25 -16.86
CA LYS A 60 0.93 0.13 -17.64
C LYS A 60 1.70 0.64 -18.86
N ALA A 61 1.17 1.69 -19.48
CA ALA A 61 1.83 2.29 -20.63
C ALA A 61 2.88 3.30 -20.19
N LEU A 62 2.92 3.58 -18.89
CA LEU A 62 3.88 4.52 -18.34
C LEU A 62 5.30 3.96 -18.39
N THR A 63 6.28 4.83 -18.57
CA THR A 63 7.68 4.42 -18.67
C THR A 63 8.31 4.28 -17.29
N PRO A 64 9.24 3.33 -17.13
CA PRO A 64 9.93 3.10 -15.86
C PRO A 64 10.69 4.33 -15.38
N GLU A 65 10.94 5.26 -16.31
CA GLU A 65 11.65 6.49 -15.97
C GLU A 65 10.90 7.28 -14.92
N GLU A 66 9.57 7.27 -15.01
CA GLU A 66 8.73 7.98 -14.04
C GLU A 66 8.27 7.04 -12.94
N LYS A 67 8.20 5.75 -13.25
CA LYS A 67 7.78 4.75 -12.28
C LYS A 67 8.91 4.42 -11.31
N GLN A 68 10.12 4.85 -11.66
CA GLN A 68 11.29 4.60 -10.81
C GLN A 68 10.93 4.71 -9.34
N PRO A 69 10.37 5.86 -8.93
CA PRO A 69 9.99 6.11 -7.53
C PRO A 69 8.84 5.22 -7.08
N TYR A 70 7.92 4.94 -7.99
CA TYR A 70 6.76 4.11 -7.68
C TYR A 70 7.19 2.67 -7.39
N GLU A 71 7.58 1.95 -8.45
CA GLU A 71 8.01 0.56 -8.31
C GLU A 71 9.02 0.43 -7.17
N ALA A 72 10.01 1.32 -7.13
CA ALA A 72 11.02 1.29 -6.09
C ALA A 72 10.39 1.41 -4.71
N LYS A 73 9.34 2.21 -4.61
CA LYS A 73 8.63 2.39 -3.36
C LYS A 73 7.85 1.14 -2.99
N ALA A 74 7.44 0.39 -4.00
CA ALA A 74 6.71 -0.85 -3.78
C ALA A 74 7.64 -1.94 -3.31
N GLN A 75 8.91 -1.82 -3.66
CA GLN A 75 9.92 -2.78 -3.23
C GLN A 75 10.33 -2.54 -1.80
N ALA A 76 10.38 -1.26 -1.41
CA ALA A 76 10.73 -0.90 -0.05
C ALA A 76 9.57 -1.17 0.89
N ASP A 77 8.35 -1.02 0.38
CA ASP A 77 7.17 -1.28 1.17
C ASP A 77 6.83 -2.77 1.15
N LYS A 78 7.26 -3.45 0.10
CA LYS A 78 7.03 -4.88 -0.03
C LYS A 78 7.95 -5.64 0.91
N LYS A 79 9.12 -5.06 1.19
CA LYS A 79 10.08 -5.68 2.09
C LYS A 79 9.77 -5.33 3.54
N ARG A 80 9.12 -4.18 3.74
CA ARG A 80 8.75 -3.73 5.07
C ARG A 80 7.58 -4.54 5.61
N TYR A 81 6.65 -4.90 4.73
CA TYR A 81 5.48 -5.68 5.12
C TYR A 81 5.82 -7.17 5.12
N GLU A 82 6.68 -7.59 4.20
CA GLU A 82 7.08 -8.98 4.11
C GLU A 82 8.13 -9.32 5.15
N SER A 83 8.83 -8.28 5.62
CA SER A 83 9.86 -8.46 6.62
C SER A 83 9.24 -8.63 8.01
N GLU A 84 8.31 -7.75 8.34
CA GLU A 84 7.64 -7.81 9.63
C GLU A 84 6.76 -9.04 9.73
N LYS A 85 6.08 -9.38 8.63
CA LYS A 85 5.21 -10.54 8.60
C LYS A 85 6.03 -11.83 8.67
N GLU A 86 7.17 -11.84 7.98
CA GLU A 86 8.05 -13.01 7.98
C GLU A 86 8.55 -13.31 9.39
N LEU A 87 8.93 -12.27 10.12
CA LEU A 87 9.43 -12.42 11.48
C LEU A 87 8.33 -12.94 12.39
N TYR A 88 7.12 -12.43 12.21
CA TYR A 88 5.97 -12.85 13.02
C TYR A 88 5.77 -14.35 12.94
N ASN A 89 5.74 -14.88 11.72
CA ASN A 89 5.55 -16.30 11.50
C ASN A 89 6.77 -17.10 11.97
N ALA A 90 7.93 -16.44 11.94
CA ALA A 90 9.17 -17.09 12.36
C ALA A 90 9.29 -17.10 13.88
N THR A 91 8.51 -16.26 14.54
CA THR A 91 8.53 -16.17 16.00
C THR A 91 7.26 -16.80 16.59
N LEU A 92 6.27 -17.04 15.75
CA LEU A 92 5.01 -17.63 16.19
C LEU A 92 4.98 -19.12 15.90
N ALA A 93 5.76 -19.54 14.90
CA ALA A 93 5.81 -20.95 14.52
C ALA A 93 6.33 -21.80 15.66
N MET A 1 7.85 20.95 26.06
CA MET A 1 8.10 20.82 24.61
C MET A 1 8.92 19.57 24.31
N VAL A 2 8.40 18.73 23.42
CA VAL A 2 9.07 17.49 23.05
C VAL A 2 9.01 17.26 21.54
N THR A 3 7.83 16.87 21.05
CA THR A 3 7.64 16.62 19.63
C THR A 3 6.75 17.69 19.01
N PRO A 4 7.36 18.75 18.45
CA PRO A 4 6.64 19.85 17.82
C PRO A 4 5.97 19.43 16.51
N ARG A 5 4.81 20.01 16.23
CA ARG A 5 4.07 19.69 15.01
C ARG A 5 3.72 18.21 14.96
N GLU A 6 2.58 17.85 15.55
CA GLU A 6 2.12 16.47 15.57
C GLU A 6 0.74 16.36 16.20
N PRO A 7 -0.28 16.08 15.38
CA PRO A 7 -1.67 15.94 15.84
C PRO A 7 -1.87 14.69 16.70
N LYS A 8 -1.34 13.56 16.24
CA LYS A 8 -1.46 12.30 16.95
C LYS A 8 -0.52 12.27 18.15
N LYS A 9 -1.02 11.78 19.27
CA LYS A 9 -0.23 11.70 20.50
C LYS A 9 -0.21 10.27 21.04
N ARG A 10 0.98 9.77 21.36
CA ARG A 10 1.11 8.42 21.88
C ARG A 10 2.57 7.97 21.86
N THR A 11 3.07 7.50 22.99
CA THR A 11 4.45 7.05 23.10
C THR A 11 4.51 5.53 23.28
N THR A 12 3.71 4.82 22.49
CA THR A 12 3.67 3.36 22.56
C THR A 12 4.29 2.74 21.32
N ARG A 13 5.47 2.15 21.48
CA ARG A 13 6.17 1.52 20.37
C ARG A 13 6.00 0.02 20.41
N LYS A 14 4.96 -0.48 19.74
CA LYS A 14 4.69 -1.91 19.70
C LYS A 14 4.19 -2.41 21.06
N LYS A 15 2.87 -2.51 21.19
CA LYS A 15 2.27 -2.98 22.44
C LYS A 15 0.80 -3.31 22.24
N LYS A 16 0.52 -4.19 21.27
CA LYS A 16 -0.84 -4.59 20.98
C LYS A 16 -0.91 -5.45 19.71
N ASP A 17 -0.82 -6.76 19.89
CA ASP A 17 -0.87 -7.69 18.77
C ASP A 17 0.16 -7.30 17.70
N PRO A 18 1.46 -7.37 18.05
CA PRO A 18 2.54 -7.03 17.12
C PRO A 18 2.69 -8.05 15.99
N ASN A 19 3.79 -7.95 15.27
CA ASN A 19 4.05 -8.87 14.16
C ASN A 19 2.76 -9.20 13.42
N ALA A 20 2.32 -8.29 12.55
CA ALA A 20 1.10 -8.49 11.79
C ALA A 20 1.23 -7.90 10.39
N PRO A 21 0.52 -8.49 9.40
CA PRO A 21 0.56 -8.02 8.02
C PRO A 21 -0.13 -6.67 7.85
N LYS A 22 0.63 -5.68 7.39
CA LYS A 22 0.10 -4.34 7.18
C LYS A 22 -0.47 -4.20 5.77
N ARG A 23 -0.21 -5.17 4.92
CA ARG A 23 -0.70 -5.16 3.55
C ARG A 23 -0.03 -4.05 2.75
N ALA A 24 0.99 -4.41 1.96
CA ALA A 24 1.71 -3.45 1.14
C ALA A 24 1.01 -3.24 -0.19
N LEU A 25 1.67 -2.49 -1.08
CA LEU A 25 1.11 -2.21 -2.40
C LEU A 25 2.20 -2.23 -3.46
N SER A 26 1.79 -2.16 -4.73
CA SER A 26 2.73 -2.17 -5.85
C SER A 26 2.89 -0.78 -6.43
N ALA A 27 3.85 -0.62 -7.32
CA ALA A 27 4.10 0.66 -7.97
C ALA A 27 2.83 1.23 -8.57
N TYR A 28 1.89 0.34 -8.89
CA TYR A 28 0.62 0.74 -9.49
C TYR A 28 -0.32 1.30 -8.43
N MET A 29 -0.27 0.73 -7.24
CA MET A 29 -1.13 1.16 -6.14
C MET A 29 -0.74 2.57 -5.67
N PHE A 30 0.56 2.87 -5.73
CA PHE A 30 1.06 4.18 -5.33
C PHE A 30 0.69 5.23 -6.36
N PHE A 31 1.06 4.98 -7.62
CA PHE A 31 0.76 5.90 -8.70
C PHE A 31 -0.74 5.96 -8.98
N ALA A 32 -1.46 4.94 -8.52
CA ALA A 32 -2.90 4.88 -8.72
C ALA A 32 -3.64 5.56 -7.58
N ASN A 33 -3.05 5.51 -6.39
CA ASN A 33 -3.66 6.12 -5.21
C ASN A 33 -3.45 7.63 -5.22
N GLU A 34 -2.40 8.08 -5.90
CA GLU A 34 -2.09 9.50 -5.99
C GLU A 34 -2.73 10.12 -7.22
N ASN A 35 -2.59 9.45 -8.36
CA ASN A 35 -3.17 9.94 -9.60
C ASN A 35 -4.68 9.86 -9.58
N ARG A 36 -5.20 8.87 -8.85
CA ARG A 36 -6.64 8.69 -8.73
C ARG A 36 -7.26 9.83 -7.93
N ASP A 37 -6.44 10.48 -7.11
CA ASP A 37 -6.91 11.59 -6.30
C ASP A 37 -6.80 12.90 -7.07
N ILE A 38 -5.82 12.98 -7.95
CA ILE A 38 -5.63 14.16 -8.77
C ILE A 38 -6.79 14.33 -9.75
N VAL A 39 -7.24 13.21 -10.32
CA VAL A 39 -8.36 13.23 -11.25
C VAL A 39 -9.68 13.29 -10.50
N ARG A 40 -9.77 12.54 -9.41
CA ARG A 40 -10.98 12.53 -8.59
C ARG A 40 -11.19 13.87 -7.92
N SER A 41 -10.10 14.62 -7.76
CA SER A 41 -10.17 15.94 -7.16
C SER A 41 -10.63 16.98 -8.18
N GLU A 42 -10.12 16.85 -9.40
CA GLU A 42 -10.49 17.75 -10.48
C GLU A 42 -11.83 17.36 -11.10
N ASN A 43 -12.29 16.15 -10.76
CA ASN A 43 -13.55 15.65 -11.27
C ASN A 43 -14.10 14.54 -10.39
N PRO A 44 -14.70 14.90 -9.24
CA PRO A 44 -15.27 13.93 -8.30
C PRO A 44 -16.46 13.18 -8.90
N ASP A 45 -16.88 13.60 -10.07
CA ASP A 45 -18.02 12.97 -10.75
C ASP A 45 -17.67 11.52 -11.14
N ILE A 46 -16.40 11.28 -11.41
CA ILE A 46 -15.95 9.94 -11.79
C ILE A 46 -15.02 9.35 -10.73
N THR A 47 -15.35 8.13 -10.28
CA THR A 47 -14.56 7.46 -9.26
C THR A 47 -13.62 6.44 -9.89
N PHE A 48 -13.02 5.61 -9.05
CA PHE A 48 -12.10 4.58 -9.53
C PHE A 48 -12.65 3.89 -10.77
N GLY A 49 -13.98 3.87 -10.89
CA GLY A 49 -14.61 3.23 -12.03
C GLY A 49 -13.83 3.43 -13.31
N GLN A 50 -13.40 4.66 -13.56
CA GLN A 50 -12.63 4.98 -14.76
C GLN A 50 -11.34 5.72 -14.40
N VAL A 51 -11.24 6.14 -13.15
CA VAL A 51 -10.07 6.86 -12.67
C VAL A 51 -8.91 5.90 -12.41
N GLY A 52 -9.23 4.73 -11.86
CA GLY A 52 -8.20 3.75 -11.57
C GLY A 52 -7.79 2.97 -12.80
N LYS A 53 -8.75 2.72 -13.69
CA LYS A 53 -8.48 1.99 -14.93
C LYS A 53 -7.84 2.90 -15.97
N LYS A 54 -8.13 4.20 -15.87
CA LYS A 54 -7.57 5.17 -16.79
C LYS A 54 -6.13 5.47 -16.42
N LEU A 55 -5.88 5.72 -15.14
CA LEU A 55 -4.55 5.98 -14.66
C LEU A 55 -3.68 4.74 -14.78
N GLY A 56 -4.31 3.57 -14.64
CA GLY A 56 -3.58 2.33 -14.78
C GLY A 56 -3.07 2.11 -16.18
N GLU A 57 -3.93 2.38 -17.16
CA GLU A 57 -3.55 2.24 -18.56
C GLU A 57 -2.43 3.22 -18.91
N LYS A 58 -2.46 4.40 -18.30
CA LYS A 58 -1.44 5.41 -18.52
C LYS A 58 -0.12 4.99 -17.89
N TRP A 59 -0.22 4.28 -16.77
CA TRP A 59 0.96 3.81 -16.07
C TRP A 59 1.68 2.74 -16.89
N LYS A 60 0.92 1.79 -17.42
CA LYS A 60 1.49 0.73 -18.23
C LYS A 60 2.23 1.30 -19.41
N ALA A 61 1.65 2.33 -20.02
CA ALA A 61 2.27 3.00 -21.15
C ALA A 61 3.27 4.05 -20.67
N LEU A 62 3.28 4.30 -19.36
CA LEU A 62 4.19 5.27 -18.78
C LEU A 62 5.63 4.74 -18.78
N THR A 63 6.54 5.54 -19.32
CA THR A 63 7.94 5.14 -19.42
C THR A 63 8.46 4.62 -18.08
N PRO A 64 9.23 3.51 -18.10
CA PRO A 64 9.79 2.91 -16.89
C PRO A 64 10.62 3.90 -16.08
N GLU A 65 11.07 4.96 -16.74
CA GLU A 65 11.88 5.98 -16.09
C GLU A 65 11.02 6.82 -15.16
N GLU A 66 9.80 7.09 -15.57
CA GLU A 66 8.88 7.88 -14.77
C GLU A 66 8.33 7.06 -13.61
N LYS A 67 8.16 5.77 -13.83
CA LYS A 67 7.66 4.86 -12.80
C LYS A 67 8.78 4.42 -11.87
N GLN A 68 10.02 4.57 -12.32
CA GLN A 68 11.18 4.18 -11.52
C GLN A 68 10.93 4.43 -10.04
N PRO A 69 10.60 5.67 -9.67
CA PRO A 69 10.34 6.04 -8.28
C PRO A 69 9.23 5.20 -7.65
N TYR A 70 8.12 5.06 -8.36
CA TYR A 70 6.98 4.28 -7.86
C TYR A 70 7.41 2.85 -7.50
N GLU A 71 7.89 2.12 -8.51
CA GLU A 71 8.33 0.75 -8.30
C GLU A 71 9.27 0.65 -7.10
N ALA A 72 10.12 1.67 -6.93
CA ALA A 72 11.06 1.71 -5.82
C ALA A 72 10.32 1.73 -4.48
N LYS A 73 9.24 2.49 -4.42
CA LYS A 73 8.44 2.59 -3.21
C LYS A 73 7.70 1.29 -2.95
N ALA A 74 7.34 0.59 -4.03
CA ALA A 74 6.65 -0.68 -3.92
C ALA A 74 7.58 -1.76 -3.41
N GLN A 75 8.88 -1.58 -3.68
CA GLN A 75 9.88 -2.54 -3.23
C GLN A 75 10.17 -2.34 -1.75
N ALA A 76 10.17 -1.09 -1.32
CA ALA A 76 10.40 -0.76 0.08
C ALA A 76 9.20 -1.15 0.92
N ASP A 77 8.01 -1.04 0.34
CA ASP A 77 6.79 -1.42 1.02
C ASP A 77 6.53 -2.91 0.90
N LYS A 78 7.11 -3.50 -0.14
CA LYS A 78 6.97 -4.94 -0.36
C LYS A 78 7.81 -5.71 0.64
N LYS A 79 8.91 -5.11 1.07
CA LYS A 79 9.80 -5.72 2.04
C LYS A 79 9.31 -5.46 3.46
N ARG A 80 8.61 -4.35 3.64
CA ARG A 80 8.08 -3.98 4.95
C ARG A 80 6.87 -4.84 5.29
N TYR A 81 6.10 -5.21 4.28
CA TYR A 81 4.91 -6.04 4.47
C TYR A 81 5.27 -7.51 4.48
N GLU A 82 6.27 -7.87 3.67
CA GLU A 82 6.72 -9.26 3.59
C GLU A 82 7.62 -9.60 4.77
N SER A 83 8.20 -8.59 5.38
CA SER A 83 9.06 -8.78 6.53
C SER A 83 8.25 -9.08 7.78
N GLU A 84 7.26 -8.23 8.07
CA GLU A 84 6.40 -8.42 9.22
C GLU A 84 5.57 -9.68 9.09
N LYS A 85 5.08 -9.94 7.87
CA LYS A 85 4.28 -11.12 7.61
C LYS A 85 5.11 -12.40 7.75
N GLU A 86 6.37 -12.31 7.32
CA GLU A 86 7.27 -13.45 7.41
C GLU A 86 7.53 -13.84 8.87
N LEU A 87 7.69 -12.83 9.71
CA LEU A 87 7.93 -13.06 11.14
C LEU A 87 6.71 -13.70 11.79
N TYR A 88 5.53 -13.23 11.42
CA TYR A 88 4.28 -13.76 11.97
C TYR A 88 4.14 -15.25 11.66
N ASN A 89 4.30 -15.60 10.38
CA ASN A 89 4.19 -16.99 9.96
C ASN A 89 5.32 -17.83 10.55
N ALA A 90 6.44 -17.18 10.85
CA ALA A 90 7.59 -17.87 11.43
C ALA A 90 7.46 -18.01 12.93
N THR A 91 6.56 -17.21 13.51
CA THR A 91 6.33 -17.25 14.95
C THR A 91 5.09 -18.07 15.29
N LEU A 92 4.25 -18.29 14.29
CA LEU A 92 3.03 -19.07 14.48
C LEU A 92 3.17 -20.46 13.88
N ALA A 93 4.11 -20.61 12.95
CA ALA A 93 4.35 -21.90 12.30
C ALA A 93 3.16 -22.28 11.42
N MET A 1 24.77 -26.61 7.90
CA MET A 1 23.41 -26.01 7.87
C MET A 1 23.14 -25.21 9.14
N VAL A 2 24.21 -24.83 9.83
CA VAL A 2 24.10 -24.06 11.06
C VAL A 2 25.22 -23.04 11.19
N THR A 3 25.52 -22.35 10.08
CA THR A 3 26.58 -21.34 10.07
C THR A 3 26.51 -20.47 11.31
N PRO A 4 27.68 -20.17 11.91
CA PRO A 4 27.77 -19.34 13.11
C PRO A 4 27.41 -17.88 12.83
N ARG A 5 27.29 -17.09 13.90
CA ARG A 5 26.94 -15.68 13.77
C ARG A 5 27.05 -14.97 15.11
N GLU A 6 28.27 -14.62 15.50
CA GLU A 6 28.51 -13.94 16.77
C GLU A 6 28.03 -12.50 16.71
N PRO A 7 27.22 -12.09 17.70
CA PRO A 7 26.68 -10.73 17.76
C PRO A 7 27.76 -9.67 17.64
N LYS A 8 27.51 -8.67 16.81
CA LYS A 8 28.47 -7.58 16.60
C LYS A 8 28.04 -6.33 17.35
N LYS A 9 26.80 -6.32 17.81
CA LYS A 9 26.26 -5.18 18.53
C LYS A 9 24.81 -5.42 18.96
N ARG A 10 24.56 -5.31 20.26
CA ARG A 10 23.22 -5.52 20.80
C ARG A 10 22.56 -4.20 21.16
N THR A 11 21.23 -4.15 21.02
CA THR A 11 20.48 -2.94 21.34
C THR A 11 19.25 -3.26 22.18
N THR A 12 18.47 -2.24 22.49
CA THR A 12 17.26 -2.42 23.29
C THR A 12 16.01 -2.47 22.40
N ARG A 13 14.92 -2.98 22.95
CA ARG A 13 13.67 -3.09 22.22
C ARG A 13 12.51 -2.49 23.00
N LYS A 14 11.53 -1.96 22.29
CA LYS A 14 10.36 -1.35 22.93
C LYS A 14 9.21 -1.21 21.94
N LYS A 15 9.13 -2.15 21.00
CA LYS A 15 8.07 -2.13 19.99
C LYS A 15 6.70 -1.97 20.64
N LYS A 16 5.69 -1.73 19.81
CA LYS A 16 4.33 -1.57 20.31
C LYS A 16 3.48 -2.80 20.00
N ASP A 17 3.24 -3.03 18.70
CA ASP A 17 2.45 -4.17 18.27
C ASP A 17 3.13 -4.90 17.12
N PRO A 18 4.17 -5.69 17.42
CA PRO A 18 4.91 -6.45 16.41
C PRO A 18 4.08 -7.59 15.82
N ASN A 19 4.73 -8.42 15.00
CA ASN A 19 4.05 -9.54 14.36
C ASN A 19 2.66 -9.15 13.89
N ALA A 20 2.59 -8.58 12.69
CA ALA A 20 1.32 -8.16 12.12
C ALA A 20 1.52 -7.52 10.75
N PRO A 21 0.62 -7.81 9.80
CA PRO A 21 0.71 -7.26 8.44
C PRO A 21 0.81 -5.75 8.44
N LYS A 22 1.10 -5.18 7.26
CA LYS A 22 1.23 -3.73 7.12
C LYS A 22 0.28 -3.20 6.06
N ARG A 23 0.64 -2.05 5.49
CA ARG A 23 -0.18 -1.43 4.45
C ARG A 23 0.63 -1.18 3.19
N ALA A 24 1.40 -2.19 2.77
CA ALA A 24 2.23 -2.07 1.58
C ALA A 24 1.43 -2.40 0.32
N LEU A 25 1.92 -1.93 -0.83
CA LEU A 25 1.25 -2.18 -2.10
C LEU A 25 2.26 -2.19 -3.25
N SER A 26 1.78 -2.54 -4.44
CA SER A 26 2.64 -2.59 -5.61
C SER A 26 2.81 -1.20 -6.22
N ALA A 27 3.77 -1.07 -7.13
CA ALA A 27 4.02 0.19 -7.79
C ALA A 27 2.74 0.77 -8.40
N TYR A 28 1.80 -0.11 -8.71
CA TYR A 28 0.53 0.30 -9.29
C TYR A 28 -0.40 0.87 -8.22
N MET A 29 -0.35 0.29 -7.03
CA MET A 29 -1.19 0.73 -5.92
C MET A 29 -0.77 2.12 -5.45
N PHE A 30 0.52 2.41 -5.55
CA PHE A 30 1.04 3.71 -5.15
C PHE A 30 0.65 4.77 -6.17
N PHE A 31 1.02 4.55 -7.43
CA PHE A 31 0.70 5.48 -8.49
C PHE A 31 -0.81 5.57 -8.70
N ALA A 32 -1.52 4.55 -8.24
CA ALA A 32 -2.97 4.51 -8.37
C ALA A 32 -3.64 5.19 -7.18
N ASN A 33 -3.00 5.14 -6.03
CA ASN A 33 -3.53 5.76 -4.82
C ASN A 33 -3.48 7.27 -4.92
N GLU A 34 -2.48 7.78 -5.65
CA GLU A 34 -2.32 9.22 -5.83
C GLU A 34 -3.04 9.69 -7.09
N ASN A 35 -2.89 8.94 -8.17
CA ASN A 35 -3.53 9.29 -9.43
C ASN A 35 -5.04 9.16 -9.32
N ARG A 36 -5.49 8.30 -8.43
CA ARG A 36 -6.92 8.09 -8.22
C ARG A 36 -7.56 9.32 -7.61
N ASP A 37 -6.74 10.14 -6.95
CA ASP A 37 -7.22 11.36 -6.32
C ASP A 37 -7.14 12.52 -7.29
N ILE A 38 -6.17 12.47 -8.18
CA ILE A 38 -5.99 13.51 -9.18
C ILE A 38 -7.16 13.51 -10.17
N VAL A 39 -7.57 12.31 -10.58
CA VAL A 39 -8.70 12.18 -11.50
C VAL A 39 -10.02 12.24 -10.75
N ARG A 40 -10.06 11.57 -9.60
CA ARG A 40 -11.25 11.57 -8.77
C ARG A 40 -11.52 12.96 -8.21
N SER A 41 -10.48 13.78 -8.15
CA SER A 41 -10.61 15.14 -7.68
C SER A 41 -11.12 16.06 -8.79
N GLU A 42 -10.61 15.84 -9.99
CA GLU A 42 -11.04 16.62 -11.15
C GLU A 42 -12.37 16.10 -11.69
N ASN A 43 -12.77 14.93 -11.23
CA ASN A 43 -14.03 14.33 -11.66
C ASN A 43 -14.73 13.63 -10.50
N PRO A 44 -15.10 14.38 -9.46
CA PRO A 44 -15.77 13.84 -8.28
C PRO A 44 -16.99 13.00 -8.65
N ASP A 45 -17.51 13.20 -9.85
CA ASP A 45 -18.67 12.46 -10.33
C ASP A 45 -18.24 11.14 -10.97
N ILE A 46 -17.10 11.16 -11.66
CA ILE A 46 -16.59 9.98 -12.33
C ILE A 46 -16.59 8.78 -11.38
N THR A 47 -16.49 7.59 -11.96
CA THR A 47 -16.49 6.36 -11.16
C THR A 47 -15.15 5.63 -11.31
N PHE A 48 -14.94 4.62 -10.47
CA PHE A 48 -13.71 3.85 -10.50
C PHE A 48 -13.58 3.08 -11.81
N GLY A 49 -14.69 2.94 -12.51
CA GLY A 49 -14.68 2.21 -13.78
C GLY A 49 -13.82 2.90 -14.81
N GLN A 50 -13.50 4.16 -14.57
CA GLN A 50 -12.66 4.92 -15.50
C GLN A 50 -11.46 5.51 -14.77
N VAL A 51 -11.62 5.77 -13.49
CA VAL A 51 -10.54 6.31 -12.68
C VAL A 51 -9.39 5.32 -12.57
N GLY A 52 -9.71 4.10 -12.19
CA GLY A 52 -8.69 3.07 -12.08
C GLY A 52 -8.08 2.71 -13.42
N LYS A 53 -8.89 2.81 -14.47
CA LYS A 53 -8.42 2.52 -15.81
C LYS A 53 -7.54 3.64 -16.34
N LYS A 54 -7.68 4.82 -15.73
CA LYS A 54 -6.88 5.96 -16.12
C LYS A 54 -5.50 5.91 -15.48
N LEU A 55 -5.46 5.44 -14.23
CA LEU A 55 -4.20 5.29 -13.52
C LEU A 55 -3.41 4.11 -14.07
N GLY A 56 -4.12 3.13 -14.60
CA GLY A 56 -3.47 1.97 -15.17
C GLY A 56 -2.91 2.24 -16.55
N GLU A 57 -3.64 3.01 -17.34
CA GLU A 57 -3.19 3.36 -18.68
C GLU A 57 -2.11 4.43 -18.63
N LYS A 58 -2.15 5.26 -17.60
CA LYS A 58 -1.16 6.32 -17.43
C LYS A 58 0.14 5.76 -16.90
N TRP A 59 0.04 4.90 -15.89
CA TRP A 59 1.22 4.28 -15.31
C TRP A 59 1.91 3.35 -16.31
N LYS A 60 1.12 2.48 -16.93
CA LYS A 60 1.65 1.56 -17.92
C LYS A 60 2.33 2.31 -19.05
N ALA A 61 1.68 3.36 -19.52
CA ALA A 61 2.24 4.19 -20.56
C ALA A 61 3.26 5.16 -19.98
N LEU A 62 3.37 5.17 -18.65
CA LEU A 62 4.32 6.05 -17.97
C LEU A 62 5.76 5.61 -18.24
N THR A 63 6.58 6.56 -18.67
CA THR A 63 7.98 6.28 -18.98
C THR A 63 8.65 5.54 -17.83
N PRO A 64 9.53 4.57 -18.15
CA PRO A 64 10.25 3.79 -17.15
C PRO A 64 11.01 4.67 -16.16
N GLU A 65 11.27 5.91 -16.57
CA GLU A 65 11.99 6.86 -15.71
C GLU A 65 11.25 7.04 -14.39
N GLU A 66 9.95 7.22 -14.46
CA GLU A 66 9.13 7.39 -13.26
C GLU A 66 8.75 6.03 -12.68
N LYS A 67 8.54 5.05 -13.55
CA LYS A 67 8.19 3.71 -13.12
C LYS A 67 9.35 3.04 -12.40
N GLN A 68 10.54 3.62 -12.54
CA GLN A 68 11.73 3.08 -11.89
C GLN A 68 11.66 3.27 -10.38
N PRO A 69 11.52 4.53 -9.92
CA PRO A 69 11.43 4.85 -8.50
C PRO A 69 10.15 4.30 -7.87
N TYR A 70 9.06 4.33 -8.64
CA TYR A 70 7.78 3.83 -8.16
C TYR A 70 7.86 2.33 -7.86
N GLU A 71 8.33 1.56 -8.84
CA GLU A 71 8.48 0.13 -8.67
C GLU A 71 9.39 -0.20 -7.50
N ALA A 72 10.48 0.56 -7.38
CA ALA A 72 11.43 0.36 -6.30
C ALA A 72 10.78 0.59 -4.94
N LYS A 73 9.80 1.49 -4.91
CA LYS A 73 9.08 1.80 -3.68
C LYS A 73 8.15 0.66 -3.31
N ALA A 74 7.56 0.03 -4.32
CA ALA A 74 6.67 -1.09 -4.11
C ALA A 74 7.43 -2.31 -3.62
N GLN A 75 8.69 -2.40 -4.03
CA GLN A 75 9.55 -3.51 -3.61
C GLN A 75 9.99 -3.34 -2.16
N ALA A 76 10.22 -2.09 -1.77
CA ALA A 76 10.61 -1.78 -0.41
C ALA A 76 9.45 -1.98 0.54
N ASP A 77 8.25 -1.72 0.06
CA ASP A 77 7.05 -1.91 0.86
C ASP A 77 6.56 -3.34 0.78
N LYS A 78 6.97 -4.03 -0.29
CA LYS A 78 6.60 -5.43 -0.47
C LYS A 78 7.39 -6.31 0.48
N LYS A 79 8.59 -5.88 0.82
CA LYS A 79 9.44 -6.62 1.75
C LYS A 79 9.09 -6.28 3.19
N ARG A 80 8.57 -5.07 3.40
CA ARG A 80 8.18 -4.62 4.73
C ARG A 80 6.90 -5.30 5.17
N TYR A 81 6.00 -5.55 4.22
CA TYR A 81 4.73 -6.20 4.51
C TYR A 81 4.89 -7.72 4.54
N GLU A 82 5.74 -8.23 3.66
CA GLU A 82 5.99 -9.67 3.61
C GLU A 82 6.95 -10.09 4.70
N SER A 83 7.74 -9.14 5.19
CA SER A 83 8.69 -9.42 6.25
C SER A 83 7.98 -9.54 7.60
N GLU A 84 7.10 -8.57 7.88
CA GLU A 84 6.35 -8.57 9.12
C GLU A 84 5.40 -9.76 9.18
N LYS A 85 4.74 -10.04 8.06
CA LYS A 85 3.81 -11.15 7.97
C LYS A 85 4.54 -12.49 8.16
N GLU A 86 5.73 -12.58 7.59
CA GLU A 86 6.54 -13.80 7.71
C GLU A 86 6.88 -14.09 9.17
N LEU A 87 7.24 -13.03 9.89
CA LEU A 87 7.60 -13.17 11.31
C LEU A 87 6.39 -13.64 12.12
N TYR A 88 5.23 -13.09 11.81
CA TYR A 88 4.00 -13.46 12.51
C TYR A 88 3.72 -14.95 12.36
N ASN A 89 3.73 -15.42 11.12
CA ASN A 89 3.47 -16.83 10.84
C ASN A 89 4.54 -17.72 11.49
N ALA A 90 5.75 -17.18 11.59
CA ALA A 90 6.86 -17.92 12.19
C ALA A 90 6.76 -17.93 13.70
N THR A 91 6.00 -16.98 14.25
CA THR A 91 5.82 -16.89 15.69
C THR A 91 4.66 -17.77 16.16
N LEU A 92 3.70 -17.98 15.27
CA LEU A 92 2.53 -18.81 15.59
C LEU A 92 2.83 -20.29 15.36
N ALA A 93 3.18 -20.63 14.13
CA ALA A 93 3.49 -22.01 13.78
C ALA A 93 2.40 -22.96 14.27
#